data_8PH7
# 
_entry.id   8PH7 
# 
_audit_conform.dict_name       mmcif_pdbx.dic 
_audit_conform.dict_version    5.397 
_audit_conform.dict_location   http://mmcif.pdb.org/dictionaries/ascii/mmcif_pdbx.dic 
# 
loop_
_database_2.database_id 
_database_2.database_code 
_database_2.pdbx_database_accession 
_database_2.pdbx_DOI 
PDB   8PH7         pdb_00008ph7 10.2210/pdb8ph7/pdb 
WWPDB D_1292131316 ?            ?                   
# 
loop_
_pdbx_audit_revision_history.ordinal 
_pdbx_audit_revision_history.data_content_type 
_pdbx_audit_revision_history.major_revision 
_pdbx_audit_revision_history.minor_revision 
_pdbx_audit_revision_history.revision_date 
1 'Structure model' 1 0 2023-09-13 
2 'Structure model' 1 1 2023-09-20 
3 'Structure model' 1 2 2024-10-23 
# 
_pdbx_audit_revision_details.ordinal             1 
_pdbx_audit_revision_details.revision_ordinal    1 
_pdbx_audit_revision_details.data_content_type   'Structure model' 
_pdbx_audit_revision_details.provider            repository 
_pdbx_audit_revision_details.type                'Initial release' 
_pdbx_audit_revision_details.description         ? 
_pdbx_audit_revision_details.details             ? 
# 
loop_
_pdbx_audit_revision_group.ordinal 
_pdbx_audit_revision_group.revision_ordinal 
_pdbx_audit_revision_group.data_content_type 
_pdbx_audit_revision_group.group 
1 2 'Structure model' 'Database references' 
2 3 'Structure model' 'Structure summary'   
# 
loop_
_pdbx_audit_revision_category.ordinal 
_pdbx_audit_revision_category.revision_ordinal 
_pdbx_audit_revision_category.data_content_type 
_pdbx_audit_revision_category.category 
1 2 'Structure model' citation                  
2 3 'Structure model' pdbx_entry_details        
3 3 'Structure model' pdbx_modification_feature 
# 
loop_
_pdbx_audit_revision_item.ordinal 
_pdbx_audit_revision_item.revision_ordinal 
_pdbx_audit_revision_item.data_content_type 
_pdbx_audit_revision_item.item 
1 2 'Structure model' '_citation.journal_volume'                     
2 3 'Structure model' '_pdbx_entry_details.has_protein_modification' 
# 
_pdbx_database_status.status_code                     REL 
_pdbx_database_status.status_code_sf                  REL 
_pdbx_database_status.status_code_mr                  ? 
_pdbx_database_status.entry_id                        8PH7 
_pdbx_database_status.recvd_initial_deposition_date   2023-06-19 
_pdbx_database_status.SG_entry                        N 
_pdbx_database_status.deposit_site                    PDBE 
_pdbx_database_status.process_site                    PDBE 
_pdbx_database_status.status_code_cs                  ? 
_pdbx_database_status.status_code_nmr_data            ? 
_pdbx_database_status.methods_development_category    ? 
_pdbx_database_status.pdb_format_compatible           Y 
# 
_pdbx_contact_author.id                 4 
_pdbx_contact_author.email              aaronter@ucm.es 
_pdbx_contact_author.name_first         Aaron 
_pdbx_contact_author.name_last          Teran 
_pdbx_contact_author.name_mi            ? 
_pdbx_contact_author.role               'principal investigator/group leader' 
_pdbx_contact_author.identifier_ORCID   0000-0001-6126-6230 
# 
loop_
_audit_author.name 
_audit_author.pdbx_ordinal 
_audit_author.identifier_ORCID 
'Teran, A.'   1 ? 
'Ferraro, G.' 2 ? 
'Merlino, A.' 3 ? 
# 
_citation.abstract                  ? 
_citation.abstract_id_CAS           ? 
_citation.book_id_ISBN              ? 
_citation.book_publisher            ? 
_citation.book_publisher_city       ? 
_citation.book_title                ? 
_citation.coordinate_linkage        ? 
_citation.country                   UK 
_citation.database_id_Medline       ? 
_citation.details                   ? 
_citation.id                        primary 
_citation.journal_abbrev            Int.J.Biol.Macromol. 
_citation.journal_id_ASTM           IJBMDR 
_citation.journal_id_CSD            0708 
_citation.journal_id_ISSN           0141-8130 
_citation.journal_full              ? 
_citation.journal_issue             ? 
_citation.journal_volume            253 
_citation.language                  ? 
_citation.page_first                126666 
_citation.page_last                 126666 
_citation.title                     
'Steric hindrance and charge influence on the cytotoxic activity and protein binding properties of diruthenium complexes.' 
_citation.year                      2023 
_citation.database_id_CSD           ? 
_citation.pdbx_database_id_DOI      10.1016/j.ijbiomac.2023.126666 
_citation.pdbx_database_id_PubMed   37660867 
_citation.pdbx_database_id_patent   ? 
_citation.unpublished_flag          ? 
# 
loop_
_citation_author.citation_id 
_citation_author.name 
_citation_author.ordinal 
_citation_author.identifier_ORCID 
primary 'Teran, A.'            1 ? 
primary 'Ferraro, G.'          2 ? 
primary 'Imbimbo, P.'          3 ? 
primary 'Sanchez-Pelaez, A.E.' 4 ? 
primary 'Monti, D.M.'          5 ? 
primary 'Herrero, S.'          6 ? 
primary 'Merlino, A.'          7 ? 
# 
loop_
_entity.id 
_entity.type 
_entity.src_method 
_entity.pdbx_description 
_entity.formula_weight 
_entity.pdbx_number_of_molecules 
_entity.pdbx_ec 
_entity.pdbx_mutation 
_entity.pdbx_fragment 
_entity.details 
1 polymer     nat 'Lysozyme C'                                                                     14331.160 1   3.2.1.17 ? ? ? 
2 non-polymer syn "[Ru2(N,N'-bis(4-fluorophenyl)formamidinate)(1,1-ethanediol)"                    458.440   1   ?        ? ? ? 
3 non-polymer syn 'SUCCINIC ACID'                                                                  118.088   1   ?        ? ? ? 
4 non-polymer syn 
;[Ru2Cl(N,N'-bis(4-fluorophenyl)formamidinate)(1,1-ethanediol)(succinic acid)2]
;
694.616   1   ?        ? ? ? 
5 non-polymer syn 'SODIUM ION'                                                                     22.990    1   ?        ? ? ? 
6 water       nat water                                                                            18.015    106 ?        ? ? ? 
# 
_entity_name_com.entity_id   1 
_entity_name_com.name        '1,4-beta-N-acetylmuramidase C,Allergen Gal d IV' 
# 
_entity_poly.entity_id                      1 
_entity_poly.type                           'polypeptide(L)' 
_entity_poly.nstd_linkage                   no 
_entity_poly.nstd_monomer                   no 
_entity_poly.pdbx_seq_one_letter_code       
;KVFGRCELAAAMKRHGLDNYRGYSLGNWVCAAKFESNFNTQATNRNTDGSTDYGILQINSRWWCNDGRTPGSRNLCNIPC
SALLSSDITASVNCAKKIVSDGNGMNAWVAWRNRCKGTDVQAWIRGCRL
;
_entity_poly.pdbx_seq_one_letter_code_can   
;KVFGRCELAAAMKRHGLDNYRGYSLGNWVCAAKFESNFNTQATNRNTDGSTDYGILQINSRWWCNDGRTPGSRNLCNIPC
SALLSSDITASVNCAKKIVSDGNGMNAWVAWRNRCKGTDVQAWIRGCRL
;
_entity_poly.pdbx_strand_id                 A 
_entity_poly.pdbx_target_identifier         ? 
# 
loop_
_pdbx_entity_nonpoly.entity_id 
_pdbx_entity_nonpoly.name 
_pdbx_entity_nonpoly.comp_id 
2 "[Ru2(N,N'-bis(4-fluorophenyl)formamidinate)(1,1-ethanediol)"                    ZQ2 
3 'SUCCINIC ACID'                                                                  SIN 
4 
;[Ru2Cl(N,N'-bis(4-fluorophenyl)formamidinate)(1,1-ethanediol)(succinic acid)2]
;
ZWH 
5 'SODIUM ION'                                                                     NA  
6 water                                                                            HOH 
# 
loop_
_entity_poly_seq.entity_id 
_entity_poly_seq.num 
_entity_poly_seq.mon_id 
_entity_poly_seq.hetero 
1 1   LYS n 
1 2   VAL n 
1 3   PHE n 
1 4   GLY n 
1 5   ARG n 
1 6   CYS n 
1 7   GLU n 
1 8   LEU n 
1 9   ALA n 
1 10  ALA n 
1 11  ALA n 
1 12  MET n 
1 13  LYS n 
1 14  ARG n 
1 15  HIS n 
1 16  GLY n 
1 17  LEU n 
1 18  ASP n 
1 19  ASN n 
1 20  TYR n 
1 21  ARG n 
1 22  GLY n 
1 23  TYR n 
1 24  SER n 
1 25  LEU n 
1 26  GLY n 
1 27  ASN n 
1 28  TRP n 
1 29  VAL n 
1 30  CYS n 
1 31  ALA n 
1 32  ALA n 
1 33  LYS n 
1 34  PHE n 
1 35  GLU n 
1 36  SER n 
1 37  ASN n 
1 38  PHE n 
1 39  ASN n 
1 40  THR n 
1 41  GLN n 
1 42  ALA n 
1 43  THR n 
1 44  ASN n 
1 45  ARG n 
1 46  ASN n 
1 47  THR n 
1 48  ASP n 
1 49  GLY n 
1 50  SER n 
1 51  THR n 
1 52  ASP n 
1 53  TYR n 
1 54  GLY n 
1 55  ILE n 
1 56  LEU n 
1 57  GLN n 
1 58  ILE n 
1 59  ASN n 
1 60  SER n 
1 61  ARG n 
1 62  TRP n 
1 63  TRP n 
1 64  CYS n 
1 65  ASN n 
1 66  ASP n 
1 67  GLY n 
1 68  ARG n 
1 69  THR n 
1 70  PRO n 
1 71  GLY n 
1 72  SER n 
1 73  ARG n 
1 74  ASN n 
1 75  LEU n 
1 76  CYS n 
1 77  ASN n 
1 78  ILE n 
1 79  PRO n 
1 80  CYS n 
1 81  SER n 
1 82  ALA n 
1 83  LEU n 
1 84  LEU n 
1 85  SER n 
1 86  SER n 
1 87  ASP n 
1 88  ILE n 
1 89  THR n 
1 90  ALA n 
1 91  SER n 
1 92  VAL n 
1 93  ASN n 
1 94  CYS n 
1 95  ALA n 
1 96  LYS n 
1 97  LYS n 
1 98  ILE n 
1 99  VAL n 
1 100 SER n 
1 101 ASP n 
1 102 GLY n 
1 103 ASN n 
1 104 GLY n 
1 105 MET n 
1 106 ASN n 
1 107 ALA n 
1 108 TRP n 
1 109 VAL n 
1 110 ALA n 
1 111 TRP n 
1 112 ARG n 
1 113 ASN n 
1 114 ARG n 
1 115 CYS n 
1 116 LYS n 
1 117 GLY n 
1 118 THR n 
1 119 ASP n 
1 120 VAL n 
1 121 GLN n 
1 122 ALA n 
1 123 TRP n 
1 124 ILE n 
1 125 ARG n 
1 126 GLY n 
1 127 CYS n 
1 128 ARG n 
1 129 LEU n 
# 
_entity_src_nat.entity_id                  1 
_entity_src_nat.pdbx_src_id                1 
_entity_src_nat.pdbx_alt_source_flag       sample 
_entity_src_nat.pdbx_beg_seq_num           1 
_entity_src_nat.pdbx_end_seq_num           129 
_entity_src_nat.common_name                chicken 
_entity_src_nat.pdbx_organism_scientific   'Gallus gallus' 
_entity_src_nat.pdbx_ncbi_taxonomy_id      9031 
_entity_src_nat.genus                      ? 
_entity_src_nat.species                    ? 
_entity_src_nat.strain                     ? 
_entity_src_nat.tissue                     ? 
_entity_src_nat.tissue_fraction            ? 
_entity_src_nat.pdbx_secretion             ? 
_entity_src_nat.pdbx_fragment              ? 
_entity_src_nat.pdbx_variant               ? 
_entity_src_nat.pdbx_cell_line             ? 
_entity_src_nat.pdbx_atcc                  ? 
_entity_src_nat.pdbx_cellular_location     ? 
_entity_src_nat.pdbx_organ                 ? 
_entity_src_nat.pdbx_organelle             ? 
_entity_src_nat.pdbx_cell                  ? 
_entity_src_nat.pdbx_plasmid_name          ? 
_entity_src_nat.pdbx_plasmid_details       ? 
_entity_src_nat.details                    ? 
# 
loop_
_chem_comp.id 
_chem_comp.type 
_chem_comp.mon_nstd_flag 
_chem_comp.name 
_chem_comp.pdbx_synonyms 
_chem_comp.formula 
_chem_comp.formula_weight 
ALA 'L-peptide linking' y ALANINE                                                                          ? 'C3 H7 N O2'         
89.093  
ARG 'L-peptide linking' y ARGININE                                                                         ? 'C6 H15 N4 O2 1'     
175.209 
ASN 'L-peptide linking' y ASPARAGINE                                                                       ? 'C4 H8 N2 O3'        
132.118 
ASP 'L-peptide linking' y 'ASPARTIC ACID'                                                                  ? 'C4 H7 N O4'         
133.103 
CYS 'L-peptide linking' y CYSTEINE                                                                         ? 'C3 H7 N O2 S'       
121.158 
GLN 'L-peptide linking' y GLUTAMINE                                                                        ? 'C5 H10 N2 O3'       
146.144 
GLU 'L-peptide linking' y 'GLUTAMIC ACID'                                                                  ? 'C5 H9 N O4'         
147.129 
GLY 'peptide linking'   y GLYCINE                                                                          ? 'C2 H5 N O2'         
75.067  
HIS 'L-peptide linking' y HISTIDINE                                                                        ? 'C6 H10 N3 O2 1'     
156.162 
HOH non-polymer         . WATER                                                                            ? 'H2 O'               
18.015  
ILE 'L-peptide linking' y ISOLEUCINE                                                                       ? 'C6 H13 N O2'        
131.173 
LEU 'L-peptide linking' y LEUCINE                                                                          ? 'C6 H13 N O2'        
131.173 
LYS 'L-peptide linking' y LYSINE                                                                           ? 'C6 H15 N2 O2 1'     
147.195 
MET 'L-peptide linking' y METHIONINE                                                                       ? 'C5 H11 N O2 S'      
149.211 
NA  non-polymer         . 'SODIUM ION'                                                                     ? 'Na 1'               
22.990  
PHE 'L-peptide linking' y PHENYLALANINE                                                                    ? 'C9 H11 N O2'        
165.189 
PRO 'L-peptide linking' y PROLINE                                                                          ? 'C5 H9 N O2'         
115.130 
SER 'L-peptide linking' y SERINE                                                                           ? 'C3 H7 N O3'         
105.093 
SIN non-polymer         . 'SUCCINIC ACID'                                                                  ? 'C4 H6 O4'           
118.088 
THR 'L-peptide linking' y THREONINE                                                                        ? 'C4 H9 N O3'         
119.119 
TRP 'L-peptide linking' y TRYPTOPHAN                                                                       ? 'C11 H12 N2 O2'      
204.225 
TYR 'L-peptide linking' y TYROSINE                                                                         ? 'C9 H11 N O3'        
181.189 
VAL 'L-peptide linking' y VALINE                                                                           ? 'C5 H11 N O2'        
117.146 
ZQ2 non-polymer         . "[Ru2(N,N'-bis(4-fluorophenyl)formamidinate)(1,1-ethanediol)"                    
'3-methyl-6,8-diphenyl-2,4-dioxa-6,8-diaza-1$l^{3},5$l^{3}-diruthenabicyclo[3.3.0]octane' 'C15 H16 N2 O2 Ru2'  458.440 
ZWH non-polymer         . 
;[Ru2Cl(N,N'-bis(4-fluorophenyl)formamidinate)(1,1-ethanediol)(succinic acid)2]
;
?                                                                                         'C23 H28 N2 O10 Ru2' 694.616 
# 
loop_
_pdbx_poly_seq_scheme.asym_id 
_pdbx_poly_seq_scheme.entity_id 
_pdbx_poly_seq_scheme.seq_id 
_pdbx_poly_seq_scheme.mon_id 
_pdbx_poly_seq_scheme.ndb_seq_num 
_pdbx_poly_seq_scheme.pdb_seq_num 
_pdbx_poly_seq_scheme.auth_seq_num 
_pdbx_poly_seq_scheme.pdb_mon_id 
_pdbx_poly_seq_scheme.auth_mon_id 
_pdbx_poly_seq_scheme.pdb_strand_id 
_pdbx_poly_seq_scheme.pdb_ins_code 
_pdbx_poly_seq_scheme.hetero 
A 1 1   LYS 1   1   1   LYS LYS A . n 
A 1 2   VAL 2   2   2   VAL VAL A . n 
A 1 3   PHE 3   3   3   PHE PHE A . n 
A 1 4   GLY 4   4   4   GLY GLY A . n 
A 1 5   ARG 5   5   5   ARG ARG A . n 
A 1 6   CYS 6   6   6   CYS CYS A . n 
A 1 7   GLU 7   7   7   GLU GLU A . n 
A 1 8   LEU 8   8   8   LEU LEU A . n 
A 1 9   ALA 9   9   9   ALA ALA A . n 
A 1 10  ALA 10  10  10  ALA ALA A . n 
A 1 11  ALA 11  11  11  ALA ALA A . n 
A 1 12  MET 12  12  12  MET MET A . n 
A 1 13  LYS 13  13  13  LYS LYS A . n 
A 1 14  ARG 14  14  14  ARG ARG A . n 
A 1 15  HIS 15  15  15  HIS HIS A . n 
A 1 16  GLY 16  16  16  GLY GLY A . n 
A 1 17  LEU 17  17  17  LEU LEU A . n 
A 1 18  ASP 18  18  18  ASP ASP A . n 
A 1 19  ASN 19  19  19  ASN ASN A . n 
A 1 20  TYR 20  20  20  TYR TYR A . n 
A 1 21  ARG 21  21  21  ARG ARG A . n 
A 1 22  GLY 22  22  22  GLY GLY A . n 
A 1 23  TYR 23  23  23  TYR TYR A . n 
A 1 24  SER 24  24  24  SER SER A . n 
A 1 25  LEU 25  25  25  LEU LEU A . n 
A 1 26  GLY 26  26  26  GLY GLY A . n 
A 1 27  ASN 27  27  27  ASN ASN A . n 
A 1 28  TRP 28  28  28  TRP TRP A . n 
A 1 29  VAL 29  29  29  VAL VAL A . n 
A 1 30  CYS 30  30  30  CYS CYS A . n 
A 1 31  ALA 31  31  31  ALA ALA A . n 
A 1 32  ALA 32  32  32  ALA ALA A . n 
A 1 33  LYS 33  33  33  LYS LYS A . n 
A 1 34  PHE 34  34  34  PHE PHE A . n 
A 1 35  GLU 35  35  35  GLU GLU A . n 
A 1 36  SER 36  36  36  SER SER A . n 
A 1 37  ASN 37  37  37  ASN ASN A . n 
A 1 38  PHE 38  38  38  PHE PHE A . n 
A 1 39  ASN 39  39  39  ASN ASN A . n 
A 1 40  THR 40  40  40  THR THR A . n 
A 1 41  GLN 41  41  41  GLN GLN A . n 
A 1 42  ALA 42  42  42  ALA ALA A . n 
A 1 43  THR 43  43  43  THR THR A . n 
A 1 44  ASN 44  44  44  ASN ASN A . n 
A 1 45  ARG 45  45  45  ARG ARG A . n 
A 1 46  ASN 46  46  46  ASN ASN A . n 
A 1 47  THR 47  47  47  THR THR A . n 
A 1 48  ASP 48  48  48  ASP ASP A . n 
A 1 49  GLY 49  49  49  GLY GLY A . n 
A 1 50  SER 50  50  50  SER SER A . n 
A 1 51  THR 51  51  51  THR THR A . n 
A 1 52  ASP 52  52  52  ASP ASP A . n 
A 1 53  TYR 53  53  53  TYR TYR A . n 
A 1 54  GLY 54  54  54  GLY GLY A . n 
A 1 55  ILE 55  55  55  ILE ILE A . n 
A 1 56  LEU 56  56  56  LEU LEU A . n 
A 1 57  GLN 57  57  57  GLN GLN A . n 
A 1 58  ILE 58  58  58  ILE ILE A . n 
A 1 59  ASN 59  59  59  ASN ASN A . n 
A 1 60  SER 60  60  60  SER SER A . n 
A 1 61  ARG 61  61  61  ARG ARG A . n 
A 1 62  TRP 62  62  62  TRP TRP A . n 
A 1 63  TRP 63  63  63  TRP TRP A . n 
A 1 64  CYS 64  64  64  CYS CYS A . n 
A 1 65  ASN 65  65  65  ASN ASN A . n 
A 1 66  ASP 66  66  66  ASP ASP A . n 
A 1 67  GLY 67  67  67  GLY GLY A . n 
A 1 68  ARG 68  68  68  ARG ARG A . n 
A 1 69  THR 69  69  69  THR THR A . n 
A 1 70  PRO 70  70  70  PRO PRO A . n 
A 1 71  GLY 71  71  71  GLY GLY A . n 
A 1 72  SER 72  72  72  SER SER A . n 
A 1 73  ARG 73  73  73  ARG ARG A . n 
A 1 74  ASN 74  74  74  ASN ASN A . n 
A 1 75  LEU 75  75  75  LEU LEU A . n 
A 1 76  CYS 76  76  76  CYS CYS A . n 
A 1 77  ASN 77  77  77  ASN ASN A . n 
A 1 78  ILE 78  78  78  ILE ILE A . n 
A 1 79  PRO 79  79  79  PRO PRO A . n 
A 1 80  CYS 80  80  80  CYS CYS A . n 
A 1 81  SER 81  81  81  SER SER A . n 
A 1 82  ALA 82  82  82  ALA ALA A . n 
A 1 83  LEU 83  83  83  LEU LEU A . n 
A 1 84  LEU 84  84  84  LEU LEU A . n 
A 1 85  SER 85  85  85  SER SER A . n 
A 1 86  SER 86  86  86  SER SER A . n 
A 1 87  ASP 87  87  87  ASP ASP A . n 
A 1 88  ILE 88  88  88  ILE ILE A . n 
A 1 89  THR 89  89  89  THR THR A . n 
A 1 90  ALA 90  90  90  ALA ALA A . n 
A 1 91  SER 91  91  91  SER SER A . n 
A 1 92  VAL 92  92  92  VAL VAL A . n 
A 1 93  ASN 93  93  93  ASN ASN A . n 
A 1 94  CYS 94  94  94  CYS CYS A . n 
A 1 95  ALA 95  95  95  ALA ALA A . n 
A 1 96  LYS 96  96  96  LYS LYS A . n 
A 1 97  LYS 97  97  97  LYS LYS A . n 
A 1 98  ILE 98  98  98  ILE ILE A . n 
A 1 99  VAL 99  99  99  VAL VAL A . n 
A 1 100 SER 100 100 100 SER SER A . n 
A 1 101 ASP 101 101 101 ASP ASP A . n 
A 1 102 GLY 102 102 102 GLY GLY A . n 
A 1 103 ASN 103 103 103 ASN ASN A . n 
A 1 104 GLY 104 104 104 GLY GLY A . n 
A 1 105 MET 105 105 105 MET MET A . n 
A 1 106 ASN 106 106 106 ASN ASN A . n 
A 1 107 ALA 107 107 107 ALA ALA A . n 
A 1 108 TRP 108 108 108 TRP TRP A . n 
A 1 109 VAL 109 109 109 VAL VAL A . n 
A 1 110 ALA 110 110 110 ALA ALA A . n 
A 1 111 TRP 111 111 111 TRP TRP A . n 
A 1 112 ARG 112 112 112 ARG ARG A . n 
A 1 113 ASN 113 113 113 ASN ASN A . n 
A 1 114 ARG 114 114 114 ARG ARG A . n 
A 1 115 CYS 115 115 115 CYS CYS A . n 
A 1 116 LYS 116 116 116 LYS LYS A . n 
A 1 117 GLY 117 117 117 GLY GLY A . n 
A 1 118 THR 118 118 118 THR THR A . n 
A 1 119 ASP 119 119 119 ASP ASP A . n 
A 1 120 VAL 120 120 120 VAL VAL A . n 
A 1 121 GLN 121 121 121 GLN GLN A . n 
A 1 122 ALA 122 122 122 ALA ALA A . n 
A 1 123 TRP 123 123 123 TRP TRP A . n 
A 1 124 ILE 124 124 124 ILE ILE A . n 
A 1 125 ARG 125 125 125 ARG ARG A . n 
A 1 126 GLY 126 126 126 GLY GLY A . n 
A 1 127 CYS 127 127 127 CYS CYS A . n 
A 1 128 ARG 128 128 128 ARG ARG A . n 
A 1 129 LEU 129 129 129 LEU LEU A . n 
# 
loop_
_pdbx_entity_instance_feature.ordinal 
_pdbx_entity_instance_feature.comp_id 
_pdbx_entity_instance_feature.asym_id 
_pdbx_entity_instance_feature.seq_num 
_pdbx_entity_instance_feature.auth_comp_id 
_pdbx_entity_instance_feature.auth_asym_id 
_pdbx_entity_instance_feature.auth_seq_num 
_pdbx_entity_instance_feature.feature_type 
_pdbx_entity_instance_feature.details 
1 ZQ2 ? ? ZQ2 ? ? 'SUBJECT OF INVESTIGATION' ? 
2 SIN ? ? SIN ? ? 'SUBJECT OF INVESTIGATION' ? 
3 ZQ2 ? ? ZQ2 ? ? 'SUBJECT OF INVESTIGATION' ? 
4 SIN ? ? SIN ? ? 'SUBJECT OF INVESTIGATION' ? 
# 
loop_
_pdbx_nonpoly_scheme.asym_id 
_pdbx_nonpoly_scheme.entity_id 
_pdbx_nonpoly_scheme.mon_id 
_pdbx_nonpoly_scheme.ndb_seq_num 
_pdbx_nonpoly_scheme.pdb_seq_num 
_pdbx_nonpoly_scheme.auth_seq_num 
_pdbx_nonpoly_scheme.pdb_mon_id 
_pdbx_nonpoly_scheme.auth_mon_id 
_pdbx_nonpoly_scheme.pdb_strand_id 
_pdbx_nonpoly_scheme.pdb_ins_code 
B 2 ZQ2 1   201 1   ZQ2 TM5 A . 
C 3 SIN 1   202 5   SIN SIN A . 
D 4 ZWH 1   203 2   ZWH TM5 A . 
E 5 NA  1   204 1   NA  NA  A . 
F 6 HOH 1   301 15  HOH HOH A . 
F 6 HOH 2   302 98  HOH HOH A . 
F 6 HOH 3   303 75  HOH HOH A . 
F 6 HOH 4   304 58  HOH HOH A . 
F 6 HOH 5   305 73  HOH HOH A . 
F 6 HOH 6   306 78  HOH HOH A . 
F 6 HOH 7   307 26  HOH HOH A . 
F 6 HOH 8   308 102 HOH HOH A . 
F 6 HOH 9   309 46  HOH HOH A . 
F 6 HOH 10  310 72  HOH HOH A . 
F 6 HOH 11  311 3   HOH HOH A . 
F 6 HOH 12  312 54  HOH HOH A . 
F 6 HOH 13  313 101 HOH HOH A . 
F 6 HOH 14  314 48  HOH HOH A . 
F 6 HOH 15  315 27  HOH HOH A . 
F 6 HOH 16  316 4   HOH HOH A . 
F 6 HOH 17  317 103 HOH HOH A . 
F 6 HOH 18  318 85  HOH HOH A . 
F 6 HOH 19  319 42  HOH HOH A . 
F 6 HOH 20  320 25  HOH HOH A . 
F 6 HOH 21  321 81  HOH HOH A . 
F 6 HOH 22  322 91  HOH HOH A . 
F 6 HOH 23  323 29  HOH HOH A . 
F 6 HOH 24  324 87  HOH HOH A . 
F 6 HOH 25  325 84  HOH HOH A . 
F 6 HOH 26  326 13  HOH HOH A . 
F 6 HOH 27  327 107 HOH HOH A . 
F 6 HOH 28  328 7   HOH HOH A . 
F 6 HOH 29  329 44  HOH HOH A . 
F 6 HOH 30  330 11  HOH HOH A . 
F 6 HOH 31  331 90  HOH HOH A . 
F 6 HOH 32  332 76  HOH HOH A . 
F 6 HOH 33  333 6   HOH HOH A . 
F 6 HOH 34  334 47  HOH HOH A . 
F 6 HOH 35  335 43  HOH HOH A . 
F 6 HOH 36  336 104 HOH HOH A . 
F 6 HOH 37  337 40  HOH HOH A . 
F 6 HOH 38  338 16  HOH HOH A . 
F 6 HOH 39  339 95  HOH HOH A . 
F 6 HOH 40  340 105 HOH HOH A . 
F 6 HOH 41  341 93  HOH HOH A . 
F 6 HOH 42  342 28  HOH HOH A . 
F 6 HOH 43  343 67  HOH HOH A . 
F 6 HOH 44  344 45  HOH HOH A . 
F 6 HOH 45  345 92  HOH HOH A . 
F 6 HOH 46  346 21  HOH HOH A . 
F 6 HOH 47  347 35  HOH HOH A . 
F 6 HOH 48  348 49  HOH HOH A . 
F 6 HOH 49  349 38  HOH HOH A . 
F 6 HOH 50  350 53  HOH HOH A . 
F 6 HOH 51  351 1   HOH HOH A . 
F 6 HOH 52  352 24  HOH HOH A . 
F 6 HOH 53  353 99  HOH HOH A . 
F 6 HOH 54  354 17  HOH HOH A . 
F 6 HOH 55  355 5   HOH HOH A . 
F 6 HOH 56  356 36  HOH HOH A . 
F 6 HOH 57  357 88  HOH HOH A . 
F 6 HOH 58  358 106 HOH HOH A . 
F 6 HOH 59  359 2   HOH HOH A . 
F 6 HOH 60  360 64  HOH HOH A . 
F 6 HOH 61  361 22  HOH HOH A . 
F 6 HOH 62  362 18  HOH HOH A . 
F 6 HOH 63  363 8   HOH HOH A . 
F 6 HOH 64  364 31  HOH HOH A . 
F 6 HOH 65  365 86  HOH HOH A . 
F 6 HOH 66  366 82  HOH HOH A . 
F 6 HOH 67  367 39  HOH HOH A . 
F 6 HOH 68  368 12  HOH HOH A . 
F 6 HOH 69  369 59  HOH HOH A . 
F 6 HOH 70  370 9   HOH HOH A . 
F 6 HOH 71  371 30  HOH HOH A . 
F 6 HOH 72  372 65  HOH HOH A . 
F 6 HOH 73  373 32  HOH HOH A . 
F 6 HOH 74  374 33  HOH HOH A . 
F 6 HOH 75  375 14  HOH HOH A . 
F 6 HOH 76  376 23  HOH HOH A . 
F 6 HOH 77  377 34  HOH HOH A . 
F 6 HOH 78  378 20  HOH HOH A . 
F 6 HOH 79  379 89  HOH HOH A . 
F 6 HOH 80  380 97  HOH HOH A . 
F 6 HOH 81  381 63  HOH HOH A . 
F 6 HOH 82  382 56  HOH HOH A . 
F 6 HOH 83  383 94  HOH HOH A . 
F 6 HOH 84  384 70  HOH HOH A . 
F 6 HOH 85  385 68  HOH HOH A . 
F 6 HOH 86  386 69  HOH HOH A . 
F 6 HOH 87  387 100 HOH HOH A . 
F 6 HOH 88  388 71  HOH HOH A . 
F 6 HOH 89  389 52  HOH HOH A . 
F 6 HOH 90  390 50  HOH HOH A . 
F 6 HOH 91  391 80  HOH HOH A . 
F 6 HOH 92  392 96  HOH HOH A . 
F 6 HOH 93  393 61  HOH HOH A . 
F 6 HOH 94  394 55  HOH HOH A . 
F 6 HOH 95  395 109 HOH HOH A . 
F 6 HOH 96  396 74  HOH HOH A . 
F 6 HOH 97  397 51  HOH HOH A . 
F 6 HOH 98  398 37  HOH HOH A . 
F 6 HOH 99  399 108 HOH HOH A . 
F 6 HOH 100 400 57  HOH HOH A . 
F 6 HOH 101 401 62  HOH HOH A . 
F 6 HOH 102 402 77  HOH HOH A . 
F 6 HOH 103 403 19  HOH HOH A . 
F 6 HOH 104 404 60  HOH HOH A . 
F 6 HOH 105 405 66  HOH HOH A . 
F 6 HOH 106 406 41  HOH HOH A . 
# 
_pdbx_unobs_or_zero_occ_atoms.id               1 
_pdbx_unobs_or_zero_occ_atoms.PDB_model_num    1 
_pdbx_unobs_or_zero_occ_atoms.polymer_flag     Y 
_pdbx_unobs_or_zero_occ_atoms.occupancy_flag   1 
_pdbx_unobs_or_zero_occ_atoms.auth_asym_id     A 
_pdbx_unobs_or_zero_occ_atoms.auth_comp_id     TRP 
_pdbx_unobs_or_zero_occ_atoms.auth_seq_id      123 
_pdbx_unobs_or_zero_occ_atoms.PDB_ins_code     ? 
_pdbx_unobs_or_zero_occ_atoms.auth_atom_id     CH2 
_pdbx_unobs_or_zero_occ_atoms.label_alt_id     ? 
_pdbx_unobs_or_zero_occ_atoms.label_asym_id    A 
_pdbx_unobs_or_zero_occ_atoms.label_comp_id    TRP 
_pdbx_unobs_or_zero_occ_atoms.label_seq_id     123 
_pdbx_unobs_or_zero_occ_atoms.label_atom_id    CH2 
# 
loop_
_software.citation_id 
_software.classification 
_software.compiler_name 
_software.compiler_version 
_software.contact_author 
_software.contact_author_email 
_software.date 
_software.description 
_software.dependencies 
_software.hardware 
_software.language 
_software.location 
_software.mods 
_software.name 
_software.os 
_software.os_version 
_software.type 
_software.version 
_software.pdbx_ordinal 
? refinement       ? ? ? ? ? ? ? ? ? ? ? REFMAC   ? ? ? 5.8.0415 1 
? 'data reduction' ? ? ? ? ? ? ? ? ? ? ? autoPROC ? ? ? .        2 
? 'data scaling'   ? ? ? ? ? ? ? ? ? ? ? autoPROC ? ? ? .        3 
? phasing          ? ? ? ? ? ? ? ? ? ? ? PHASER   ? ? ? .        4 
# 
_cell.angle_alpha                  90.000 
_cell.angle_alpha_esd              ? 
_cell.angle_beta                   90.000 
_cell.angle_beta_esd               ? 
_cell.angle_gamma                  90.000 
_cell.angle_gamma_esd              ? 
_cell.entry_id                     8PH7 
_cell.details                      ? 
_cell.formula_units_Z              ? 
_cell.length_a                     77.670 
_cell.length_a_esd                 ? 
_cell.length_b                     77.670 
_cell.length_b_esd                 ? 
_cell.length_c                     38.280 
_cell.length_c_esd                 ? 
_cell.volume                       ? 
_cell.volume_esd                   ? 
_cell.Z_PDB                        8 
_cell.reciprocal_angle_alpha       ? 
_cell.reciprocal_angle_beta        ? 
_cell.reciprocal_angle_gamma       ? 
_cell.reciprocal_angle_alpha_esd   ? 
_cell.reciprocal_angle_beta_esd    ? 
_cell.reciprocal_angle_gamma_esd   ? 
_cell.reciprocal_length_a          ? 
_cell.reciprocal_length_b          ? 
_cell.reciprocal_length_c          ? 
_cell.reciprocal_length_a_esd      ? 
_cell.reciprocal_length_b_esd      ? 
_cell.reciprocal_length_c_esd      ? 
_cell.pdbx_unique_axis             ? 
_cell.pdbx_esd_method              ? 
# 
_symmetry.entry_id                         8PH7 
_symmetry.cell_setting                     ? 
_symmetry.Int_Tables_number                96 
_symmetry.space_group_name_Hall            ? 
_symmetry.space_group_name_H-M             'P 43 21 2' 
_symmetry.pdbx_full_space_group_name_H-M   ? 
# 
_exptl.absorpt_coefficient_mu     ? 
_exptl.absorpt_correction_T_max   ? 
_exptl.absorpt_correction_T_min   ? 
_exptl.absorpt_correction_type    ? 
_exptl.absorpt_process_details    ? 
_exptl.entry_id                   8PH7 
_exptl.crystals_number            1 
_exptl.details                    ? 
_exptl.method                     'X-RAY DIFFRACTION' 
_exptl.method_details             ? 
# 
_exptl_crystal.colour                       ? 
_exptl_crystal.density_diffrn               ? 
_exptl_crystal.density_Matthews             2.01 
_exptl_crystal.density_method               ? 
_exptl_crystal.density_percent_sol          38.72 
_exptl_crystal.description                  ? 
_exptl_crystal.F_000                        ? 
_exptl_crystal.id                           1 
_exptl_crystal.preparation                  ? 
_exptl_crystal.size_max                     ? 
_exptl_crystal.size_mid                     ? 
_exptl_crystal.size_min                     ? 
_exptl_crystal.size_rad                     ? 
_exptl_crystal.colour_lustre                ? 
_exptl_crystal.colour_modifier              ? 
_exptl_crystal.colour_primary               ? 
_exptl_crystal.density_meas                 ? 
_exptl_crystal.density_meas_esd             ? 
_exptl_crystal.density_meas_gt              ? 
_exptl_crystal.density_meas_lt              ? 
_exptl_crystal.density_meas_temp            ? 
_exptl_crystal.density_meas_temp_esd        ? 
_exptl_crystal.density_meas_temp_gt         ? 
_exptl_crystal.density_meas_temp_lt         ? 
_exptl_crystal.pdbx_crystal_image_url       ? 
_exptl_crystal.pdbx_crystal_image_format    ? 
_exptl_crystal.pdbx_mosaicity               ? 
_exptl_crystal.pdbx_mosaicity_esd           ? 
_exptl_crystal.pdbx_mosaic_method           ? 
_exptl_crystal.pdbx_mosaic_block_size       ? 
_exptl_crystal.pdbx_mosaic_block_size_esd   ? 
# 
_exptl_crystal_grow.apparatus       ? 
_exptl_crystal_grow.atmosphere      ? 
_exptl_crystal_grow.crystal_id      1 
_exptl_crystal_grow.details         ? 
_exptl_crystal_grow.method          'VAPOR DIFFUSION, HANGING DROP' 
_exptl_crystal_grow.method_ref      ? 
_exptl_crystal_grow.pH              7 
_exptl_crystal_grow.pressure        ? 
_exptl_crystal_grow.pressure_esd    ? 
_exptl_crystal_grow.seeding         ? 
_exptl_crystal_grow.seeding_ref     ? 
_exptl_crystal_grow.temp_details    ? 
_exptl_crystal_grow.temp_esd        ? 
_exptl_crystal_grow.time            ? 
_exptl_crystal_grow.pdbx_details    '0.8 M succinic acid at pH 7.0' 
_exptl_crystal_grow.pdbx_pH_range   ? 
_exptl_crystal_grow.temp            293 
# 
_diffrn.ambient_environment              ? 
_diffrn.ambient_temp                     100 
_diffrn.ambient_temp_details             ? 
_diffrn.ambient_temp_esd                 ? 
_diffrn.crystal_id                       1 
_diffrn.crystal_support                  ? 
_diffrn.crystal_treatment                ? 
_diffrn.details                          ? 
_diffrn.id                               1 
_diffrn.ambient_pressure                 ? 
_diffrn.ambient_pressure_esd             ? 
_diffrn.ambient_pressure_gt              ? 
_diffrn.ambient_pressure_lt              ? 
_diffrn.ambient_temp_gt                  ? 
_diffrn.ambient_temp_lt                  ? 
_diffrn.pdbx_serial_crystal_experiment   N 
# 
_diffrn_detector.details                      ? 
_diffrn_detector.detector                     PIXEL 
_diffrn_detector.diffrn_id                    1 
_diffrn_detector.type                         'DECTRIS PILATUS 6M' 
_diffrn_detector.area_resol_mean              ? 
_diffrn_detector.dtime                        ? 
_diffrn_detector.pdbx_frames_total            ? 
_diffrn_detector.pdbx_collection_time_total   ? 
_diffrn_detector.pdbx_collection_date         2022-06-17 
_diffrn_detector.pdbx_frequency               ? 
_diffrn_detector.id                           ? 
_diffrn_detector.number_of_axes               ? 
# 
_diffrn_radiation.collimation                      ? 
_diffrn_radiation.diffrn_id                        1 
_diffrn_radiation.filter_edge                      ? 
_diffrn_radiation.inhomogeneity                    ? 
_diffrn_radiation.monochromator                    ? 
_diffrn_radiation.polarisn_norm                    ? 
_diffrn_radiation.polarisn_ratio                   ? 
_diffrn_radiation.probe                            ? 
_diffrn_radiation.type                             ? 
_diffrn_radiation.xray_symbol                      ? 
_diffrn_radiation.wavelength_id                    1 
_diffrn_radiation.pdbx_monochromatic_or_laue_m_l   M 
_diffrn_radiation.pdbx_wavelength_list             ? 
_diffrn_radiation.pdbx_wavelength                  ? 
_diffrn_radiation.pdbx_diffrn_protocol             'SINGLE WAVELENGTH' 
_diffrn_radiation.pdbx_analyzer                    ? 
_diffrn_radiation.pdbx_scattering_type             x-ray 
# 
_diffrn_radiation_wavelength.id           1 
_diffrn_radiation_wavelength.wavelength   1 
_diffrn_radiation_wavelength.wt           1.0 
# 
_diffrn_source.current                     ? 
_diffrn_source.details                     ? 
_diffrn_source.diffrn_id                   1 
_diffrn_source.power                       ? 
_diffrn_source.size                        ? 
_diffrn_source.source                      SYNCHROTRON 
_diffrn_source.target                      ? 
_diffrn_source.type                        'ELETTRA BEAMLINE 11.2C' 
_diffrn_source.voltage                     ? 
_diffrn_source.take-off_angle              ? 
_diffrn_source.pdbx_wavelength_list        1 
_diffrn_source.pdbx_wavelength             ? 
_diffrn_source.pdbx_synchrotron_beamline   11.2C 
_diffrn_source.pdbx_synchrotron_site       ELETTRA 
# 
_reflns.B_iso_Wilson_estimate                          ? 
_reflns.entry_id                                       8PH7 
_reflns.data_reduction_details                         ? 
_reflns.data_reduction_method                          ? 
_reflns.d_resolution_high                              1.406 
_reflns.d_resolution_low                               54.921 
_reflns.details                                        ? 
_reflns.limit_h_max                                    ? 
_reflns.limit_h_min                                    ? 
_reflns.limit_k_max                                    ? 
_reflns.limit_k_min                                    ? 
_reflns.limit_l_max                                    ? 
_reflns.limit_l_min                                    ? 
_reflns.number_all                                     ? 
_reflns.number_obs                                     14799 
_reflns.observed_criterion                             ? 
_reflns.observed_criterion_F_max                       ? 
_reflns.observed_criterion_F_min                       ? 
_reflns.observed_criterion_I_max                       ? 
_reflns.observed_criterion_I_min                       ? 
_reflns.observed_criterion_sigma_F                     ? 
_reflns.observed_criterion_sigma_I                     ? 
_reflns.percent_possible_obs                           99.4 
_reflns.R_free_details                                 ? 
_reflns.Rmerge_F_all                                   ? 
_reflns.Rmerge_F_obs                                   ? 
_reflns.Friedel_coverage                               ? 
_reflns.number_gt                                      ? 
_reflns.threshold_expression                           ? 
_reflns.pdbx_redundancy                                19.3 
_reflns.pdbx_netI_over_av_sigmaI                       ? 
_reflns.pdbx_netI_over_sigmaI                          13.3 
_reflns.pdbx_res_netI_over_av_sigmaI_2                 ? 
_reflns.pdbx_res_netI_over_sigmaI_2                    ? 
_reflns.pdbx_chi_squared                               ? 
_reflns.pdbx_scaling_rejects                           ? 
_reflns.pdbx_d_res_high_opt                            ? 
_reflns.pdbx_d_res_low_opt                             ? 
_reflns.pdbx_d_res_opt_method                          ? 
_reflns.phase_calculation_details                      ? 
_reflns.pdbx_Rrim_I_all                                ? 
_reflns.pdbx_Rpim_I_all                                ? 
_reflns.pdbx_d_opt                                     ? 
_reflns.pdbx_number_measured_all                       ? 
_reflns.pdbx_diffrn_id                                 1 
_reflns.pdbx_ordinal                                   1 
_reflns.pdbx_CC_half                                   0.998 
_reflns.pdbx_CC_star                                   ? 
_reflns.pdbx_R_split                                   ? 
_reflns.pdbx_Rmerge_I_obs                              0.164 
_reflns.pdbx_Rmerge_I_all                              ? 
_reflns.pdbx_Rsym_value                                ? 
_reflns.pdbx_CC_split_method                           ? 
_reflns.pdbx_aniso_diffraction_limit_axis_1_ortho[1]   ? 
_reflns.pdbx_aniso_diffraction_limit_axis_1_ortho[2]   ? 
_reflns.pdbx_aniso_diffraction_limit_axis_1_ortho[3]   ? 
_reflns.pdbx_aniso_diffraction_limit_axis_2_ortho[1]   ? 
_reflns.pdbx_aniso_diffraction_limit_axis_2_ortho[2]   ? 
_reflns.pdbx_aniso_diffraction_limit_axis_2_ortho[3]   ? 
_reflns.pdbx_aniso_diffraction_limit_axis_3_ortho[1]   ? 
_reflns.pdbx_aniso_diffraction_limit_axis_3_ortho[2]   ? 
_reflns.pdbx_aniso_diffraction_limit_axis_3_ortho[3]   ? 
_reflns.pdbx_aniso_diffraction_limit_1                 ? 
_reflns.pdbx_aniso_diffraction_limit_2                 ? 
_reflns.pdbx_aniso_diffraction_limit_3                 ? 
_reflns.pdbx_aniso_B_tensor_eigenvector_1_ortho[1]     ? 
_reflns.pdbx_aniso_B_tensor_eigenvector_1_ortho[2]     ? 
_reflns.pdbx_aniso_B_tensor_eigenvector_1_ortho[3]     ? 
_reflns.pdbx_aniso_B_tensor_eigenvector_2_ortho[1]     ? 
_reflns.pdbx_aniso_B_tensor_eigenvector_2_ortho[2]     ? 
_reflns.pdbx_aniso_B_tensor_eigenvector_2_ortho[3]     ? 
_reflns.pdbx_aniso_B_tensor_eigenvector_3_ortho[1]     ? 
_reflns.pdbx_aniso_B_tensor_eigenvector_3_ortho[2]     ? 
_reflns.pdbx_aniso_B_tensor_eigenvector_3_ortho[3]     ? 
_reflns.pdbx_aniso_B_tensor_eigenvalue_1               ? 
_reflns.pdbx_aniso_B_tensor_eigenvalue_2               ? 
_reflns.pdbx_aniso_B_tensor_eigenvalue_3               ? 
_reflns.pdbx_orthogonalization_convention              ? 
_reflns.pdbx_percent_possible_ellipsoidal              ? 
_reflns.pdbx_percent_possible_spherical                ? 
_reflns.pdbx_percent_possible_ellipsoidal_anomalous    ? 
_reflns.pdbx_percent_possible_spherical_anomalous      ? 
_reflns.pdbx_redundancy_anomalous                      ? 
_reflns.pdbx_CC_half_anomalous                         ? 
_reflns.pdbx_absDiff_over_sigma_anomalous              ? 
_reflns.pdbx_percent_possible_anomalous                ? 
_reflns.pdbx_observed_signal_threshold                 ? 
_reflns.pdbx_signal_type                               ? 
_reflns.pdbx_signal_details                            ? 
_reflns.pdbx_signal_software_id                        ? 
# 
_reflns_shell.d_res_high                                    1.406 
_reflns_shell.d_res_low                                     1.530 
_reflns_shell.meanI_over_sigI_all                           ? 
_reflns_shell.meanI_over_sigI_obs                           2.0 
_reflns_shell.number_measured_all                           ? 
_reflns_shell.number_measured_obs                           ? 
_reflns_shell.number_possible                               ? 
_reflns_shell.number_unique_all                             ? 
_reflns_shell.number_unique_obs                             742 
_reflns_shell.percent_possible_obs                          ? 
_reflns_shell.Rmerge_F_all                                  ? 
_reflns_shell.Rmerge_F_obs                                  ? 
_reflns_shell.meanI_over_sigI_gt                            ? 
_reflns_shell.meanI_over_uI_all                             ? 
_reflns_shell.meanI_over_uI_gt                              ? 
_reflns_shell.number_measured_gt                            ? 
_reflns_shell.number_unique_gt                              ? 
_reflns_shell.percent_possible_gt                           ? 
_reflns_shell.Rmerge_F_gt                                   ? 
_reflns_shell.Rmerge_I_gt                                   ? 
_reflns_shell.pdbx_redundancy                               ? 
_reflns_shell.pdbx_chi_squared                              ? 
_reflns_shell.pdbx_netI_over_sigmaI_all                     ? 
_reflns_shell.pdbx_netI_over_sigmaI_obs                     ? 
_reflns_shell.pdbx_Rrim_I_all                               ? 
_reflns_shell.pdbx_Rpim_I_all                               ? 
_reflns_shell.pdbx_rejects                                  ? 
_reflns_shell.pdbx_ordinal                                  1 
_reflns_shell.pdbx_diffrn_id                                1 
_reflns_shell.pdbx_CC_half                                  0.867 
_reflns_shell.pdbx_CC_star                                  ? 
_reflns_shell.pdbx_R_split                                  ? 
_reflns_shell.percent_possible_all                          ? 
_reflns_shell.Rmerge_I_all                                  ? 
_reflns_shell.Rmerge_I_obs                                  2.764 
_reflns_shell.pdbx_Rsym_value                               ? 
_reflns_shell.pdbx_percent_possible_ellipsoidal             ? 
_reflns_shell.pdbx_percent_possible_spherical               ? 
_reflns_shell.pdbx_percent_possible_ellipsoidal_anomalous   ? 
_reflns_shell.pdbx_percent_possible_spherical_anomalous     ? 
_reflns_shell.pdbx_redundancy_anomalous                     ? 
_reflns_shell.pdbx_CC_half_anomalous                        ? 
_reflns_shell.pdbx_absDiff_over_sigma_anomalous             ? 
_reflns_shell.pdbx_percent_possible_anomalous               ? 
# 
_refine.aniso_B[1][1]                            -0.295 
_refine.aniso_B[1][2]                            0.000 
_refine.aniso_B[1][3]                            0.000 
_refine.aniso_B[2][2]                            -0.295 
_refine.aniso_B[2][3]                            0.000 
_refine.aniso_B[3][3]                            0.589 
_refine.B_iso_max                                ? 
_refine.B_iso_mean                               24.732 
_refine.B_iso_min                                ? 
_refine.correlation_coeff_Fo_to_Fc               0.943 
_refine.correlation_coeff_Fo_to_Fc_free          0.938 
_refine.details                                  'Hydrogens have been added in their riding positions' 
_refine.diff_density_max                         ? 
_refine.diff_density_max_esd                     ? 
_refine.diff_density_min                         ? 
_refine.diff_density_min_esd                     ? 
_refine.diff_density_rms                         ? 
_refine.diff_density_rms_esd                     ? 
_refine.entry_id                                 8PH7 
_refine.pdbx_refine_id                           'X-RAY DIFFRACTION' 
_refine.ls_abs_structure_details                 ? 
_refine.ls_abs_structure_Flack                   ? 
_refine.ls_abs_structure_Flack_esd               ? 
_refine.ls_abs_structure_Rogers                  ? 
_refine.ls_abs_structure_Rogers_esd              ? 
_refine.ls_d_res_high                            1.406 
_refine.ls_d_res_low                             54.921 
_refine.ls_extinction_coef                       ? 
_refine.ls_extinction_coef_esd                   ? 
_refine.ls_extinction_expression                 ? 
_refine.ls_extinction_method                     ? 
_refine.ls_goodness_of_fit_all                   ? 
_refine.ls_goodness_of_fit_all_esd               ? 
_refine.ls_goodness_of_fit_obs                   ? 
_refine.ls_goodness_of_fit_obs_esd               ? 
_refine.ls_hydrogen_treatment                    ? 
_refine.ls_matrix_type                           ? 
_refine.ls_number_constraints                    ? 
_refine.ls_number_parameters                     ? 
_refine.ls_number_reflns_all                     ? 
_refine.ls_number_reflns_obs                     14799 
_refine.ls_number_reflns_R_free                  742 
_refine.ls_number_reflns_R_work                  14047 
_refine.ls_number_restraints                     ? 
_refine.ls_percent_reflns_obs                    63.385 
_refine.ls_percent_reflns_R_free                 5.017 
_refine.ls_R_factor_all                          0.229 
_refine.ls_R_factor_obs                          ? 
_refine.ls_R_factor_R_free                       0.2664 
_refine.ls_R_factor_R_free_error                 ? 
_refine.ls_R_factor_R_free_error_details         ? 
_refine.ls_R_factor_R_work                       0.2264 
_refine.ls_R_Fsqd_factor_obs                     ? 
_refine.ls_R_I_factor_obs                        ? 
_refine.ls_redundancy_reflns_all                 ? 
_refine.ls_redundancy_reflns_obs                 ? 
_refine.ls_restrained_S_all                      ? 
_refine.ls_restrained_S_obs                      ? 
_refine.ls_shift_over_esd_max                    ? 
_refine.ls_shift_over_esd_mean                   ? 
_refine.ls_structure_factor_coef                 ? 
_refine.ls_weighting_details                     ? 
_refine.ls_weighting_scheme                      ? 
_refine.ls_wR_factor_all                         ? 
_refine.ls_wR_factor_obs                         ? 
_refine.ls_wR_factor_R_free                      ? 
_refine.ls_wR_factor_R_work                      ? 
_refine.occupancy_max                            ? 
_refine.occupancy_min                            ? 
_refine.solvent_model_details                    'MASK BULK SOLVENT' 
_refine.solvent_model_param_bsol                 ? 
_refine.solvent_model_param_ksol                 ? 
_refine.pdbx_R_complete                          ? 
_refine.ls_R_factor_gt                           ? 
_refine.ls_goodness_of_fit_gt                    ? 
_refine.ls_goodness_of_fit_ref                   ? 
_refine.ls_shift_over_su_max                     ? 
_refine.ls_shift_over_su_max_lt                  ? 
_refine.ls_shift_over_su_mean                    ? 
_refine.ls_shift_over_su_mean_lt                 ? 
_refine.pdbx_ls_sigma_I                          ? 
_refine.pdbx_ls_sigma_F                          ? 
_refine.pdbx_ls_sigma_Fsqd                       ? 
_refine.pdbx_data_cutoff_high_absF               ? 
_refine.pdbx_data_cutoff_high_rms_absF           ? 
_refine.pdbx_data_cutoff_low_absF                ? 
_refine.pdbx_isotropic_thermal_model             ? 
_refine.pdbx_ls_cross_valid_method               'FREE R-VALUE' 
_refine.pdbx_method_to_determine_struct          'MOLECULAR REPLACEMENT' 
_refine.pdbx_starting_model                      ? 
_refine.pdbx_stereochemistry_target_values       ? 
_refine.pdbx_R_Free_selection_details            ? 
_refine.pdbx_stereochem_target_val_spec_case     ? 
_refine.pdbx_overall_ESU_R                       0.137 
_refine.pdbx_overall_ESU_R_Free                  0.131 
_refine.pdbx_solvent_vdw_probe_radii             1.200 
_refine.pdbx_solvent_ion_probe_radii             0.800 
_refine.pdbx_solvent_shrinkage_radii             0.800 
_refine.pdbx_real_space_R                        ? 
_refine.pdbx_density_correlation                 ? 
_refine.pdbx_pd_number_of_powder_patterns        ? 
_refine.pdbx_pd_number_of_points                 ? 
_refine.pdbx_pd_meas_number_of_points            ? 
_refine.pdbx_pd_proc_ls_prof_R_factor            ? 
_refine.pdbx_pd_proc_ls_prof_wR_factor           ? 
_refine.pdbx_pd_Marquardt_correlation_coeff      ? 
_refine.pdbx_pd_Fsqrd_R_factor                   ? 
_refine.pdbx_pd_ls_matrix_band_width             ? 
_refine.pdbx_overall_phase_error                 ? 
_refine.pdbx_overall_SU_R_free_Cruickshank_DPI   ? 
_refine.pdbx_overall_SU_R_free_Blow_DPI          ? 
_refine.pdbx_overall_SU_R_Blow_DPI               ? 
_refine.pdbx_TLS_residual_ADP_flag               ? 
_refine.pdbx_diffrn_id                           1 
_refine.overall_SU_B                             2.317 
_refine.overall_SU_ML                            0.087 
_refine.overall_SU_R_Cruickshank_DPI             ? 
_refine.overall_SU_R_free                        ? 
_refine.overall_FOM_free_R_set                   ? 
_refine.overall_FOM_work_R_set                   ? 
_refine.pdbx_average_fsc_overall                 ? 
_refine.pdbx_average_fsc_work                    ? 
_refine.pdbx_average_fsc_free                    ? 
# 
_refine_hist.pdbx_refine_id                   'X-RAY DIFFRACTION' 
_refine_hist.cycle_id                         LAST 
_refine_hist.details                          ? 
_refine_hist.d_res_high                       1.406 
_refine_hist.d_res_low                        54.921 
_refine_hist.number_atoms_solvent             106 
_refine_hist.number_atoms_total               1173 
_refine_hist.number_reflns_all                ? 
_refine_hist.number_reflns_obs                ? 
_refine_hist.number_reflns_R_free             ? 
_refine_hist.number_reflns_R_work             ? 
_refine_hist.R_factor_all                     ? 
_refine_hist.R_factor_obs                     ? 
_refine_hist.R_factor_R_free                  ? 
_refine_hist.R_factor_R_work                  ? 
_refine_hist.pdbx_number_residues_total       ? 
_refine_hist.pdbx_B_iso_mean_ligand           ? 
_refine_hist.pdbx_B_iso_mean_solvent          ? 
_refine_hist.pdbx_number_atoms_protein        1000 
_refine_hist.pdbx_number_atoms_nucleic_acid   0 
_refine_hist.pdbx_number_atoms_ligand         67 
_refine_hist.pdbx_number_atoms_lipid          ? 
_refine_hist.pdbx_number_atoms_carb           ? 
_refine_hist.pdbx_pseudo_atom_details         ? 
# 
loop_
_refine_ls_restr.pdbx_refine_id 
_refine_ls_restr.criterion 
_refine_ls_restr.dev_ideal 
_refine_ls_restr.dev_ideal_target 
_refine_ls_restr.number 
_refine_ls_restr.rejects 
_refine_ls_restr.type 
_refine_ls_restr.weight 
_refine_ls_restr.pdbx_restraint_function 
'X-RAY DIFFRACTION' ? 0.009  0.011  1142 ? r_bond_refined_d               ? ? 
'X-RAY DIFFRACTION' ? 0.001  0.016  986  ? r_bond_other_d                 ? ? 
'X-RAY DIFFRACTION' ? 1.631  1.700  1550 ? r_angle_refined_deg            ? ? 
'X-RAY DIFFRACTION' ? 0.569  1.597  2247 ? r_angle_other_deg              ? ? 
'X-RAY DIFFRACTION' ? 7.113  5.000  136  ? r_dihedral_angle_1_deg         ? ? 
'X-RAY DIFFRACTION' ? 8.498  5.000  12   ? r_dihedral_angle_2_deg         ? ? 
'X-RAY DIFFRACTION' ? 15.923 10.000 172  ? r_dihedral_angle_3_deg         ? ? 
'X-RAY DIFFRACTION' ? 15.551 10.000 53   ? r_dihedral_angle_6_deg         ? ? 
'X-RAY DIFFRACTION' ? 0.080  0.200  148  ? r_chiral_restr                 ? ? 
'X-RAY DIFFRACTION' ? 0.007  0.020  1462 ? r_gen_planes_refined           ? ? 
'X-RAY DIFFRACTION' ? 0.001  0.020  302  ? r_gen_planes_other             ? ? 
'X-RAY DIFFRACTION' ? 0.242  0.200  213  ? r_nbd_refined                  ? ? 
'X-RAY DIFFRACTION' ? 0.195  0.200  797  ? r_symmetry_nbd_other           ? ? 
'X-RAY DIFFRACTION' ? 0.166  0.200  499  ? r_nbtor_refined                ? ? 
'X-RAY DIFFRACTION' ? 0.075  0.200  526  ? r_symmetry_nbtor_other         ? ? 
'X-RAY DIFFRACTION' ? 0.201  0.200  43   ? r_xyhbond_nbd_refined          ? ? 
'X-RAY DIFFRACTION' ? 0.103  0.200  3    ? r_metal_ion_refined            ? ? 
'X-RAY DIFFRACTION' ? 0.201  0.200  18   ? r_symmetry_nbd_refined         ? ? 
'X-RAY DIFFRACTION' ? 0.177  0.200  71   ? r_nbd_other                    ? ? 
'X-RAY DIFFRACTION' ? 0.191  0.200  29   ? r_symmetry_xyhbond_nbd_refined ? ? 
'X-RAY DIFFRACTION' ? 2.250  2.422  535  ? r_mcbond_it                    ? ? 
'X-RAY DIFFRACTION' ? 2.247  2.421  535  ? r_mcbond_other                 ? ? 
'X-RAY DIFFRACTION' ? 3.464  4.376  674  ? r_mcangle_it                   ? ? 
'X-RAY DIFFRACTION' ? 3.467  4.379  675  ? r_mcangle_other                ? ? 
'X-RAY DIFFRACTION' ? 3.067  2.852  607  ? r_scbond_it                    ? ? 
'X-RAY DIFFRACTION' ? 3.067  2.851  606  ? r_scbond_other                 ? ? 
'X-RAY DIFFRACTION' ? 4.998  5.110  876  ? r_scangle_it                   ? ? 
'X-RAY DIFFRACTION' ? 4.995  5.110  877  ? r_scangle_other                ? ? 
'X-RAY DIFFRACTION' ? 8.612  32.479 1270 ? r_lrange_it                    ? ? 
'X-RAY DIFFRACTION' ? 8.585  30.765 1240 ? r_lrange_other                 ? ? 
# 
loop_
_refine_ls_shell.pdbx_refine_id 
_refine_ls_shell.d_res_high 
_refine_ls_shell.d_res_low 
_refine_ls_shell.number_reflns_all 
_refine_ls_shell.number_reflns_obs 
_refine_ls_shell.number_reflns_R_free 
_refine_ls_shell.number_reflns_R_work 
_refine_ls_shell.percent_reflns_obs 
_refine_ls_shell.percent_reflns_R_free 
_refine_ls_shell.R_factor_all 
_refine_ls_shell.R_factor_obs 
_refine_ls_shell.R_factor_R_free_error 
_refine_ls_shell.R_factor_R_work 
_refine_ls_shell.redundancy_reflns_all 
_refine_ls_shell.redundancy_reflns_obs 
_refine_ls_shell.wR_factor_all 
_refine_ls_shell.wR_factor_obs 
_refine_ls_shell.wR_factor_R_free 
_refine_ls_shell.wR_factor_R_work 
_refine_ls_shell.pdbx_R_complete 
_refine_ls_shell.pdbx_total_number_of_bins_used 
_refine_ls_shell.pdbx_phase_error 
_refine_ls_shell.pdbx_fsc_work 
_refine_ls_shell.pdbx_fsc_free 
_refine_ls_shell.R_factor_R_free 
'X-RAY DIFFRACTION' 1.41  1.443 . . 7  104  6.5410  . . . . 0.523 . . . . . . . . . . . 0.357 
'X-RAY DIFFRACTION' 1.443 1.482 . . 9  209  13.3824 . . . . 0.460 . . . . . . . . . . . 0.721 
'X-RAY DIFFRACTION' 1.482 1.525 . . 15 347  22.3871 . . . . 0.408 . . . . . . . . . . . 0.555 
'X-RAY DIFFRACTION' 1.525 1.572 . . 38 579  39.6275 . . . . 0.380 . . . . . . . . . . . 0.484 
'X-RAY DIFFRACTION' 1.572 1.624 . . 21 688  47.2037 . . . . 0.385 . . . . . . . . . . . 0.462 
'X-RAY DIFFRACTION' 1.624 1.681 . . 44 753  53.7424 . . . . 0.304 . . . . . . . . . . . 0.367 
'X-RAY DIFFRACTION' 1.681 1.744 . . 32 817  59.9153 . . . . 0.286 . . . . . . . . . . . 0.316 
'X-RAY DIFFRACTION' 1.744 1.815 . . 48 868  67.2047 . . . . 0.265 . . . . . . . . . . . 0.266 
'X-RAY DIFFRACTION' 1.815 1.896 . . 42 927  73.0769 . . . . 0.248 . . . . . . . . . . . 0.312 
'X-RAY DIFFRACTION' 1.896 1.988 . . 53 949  80.1600 . . . . 0.231 . . . . . . . . . . . 0.298 
'X-RAY DIFFRACTION' 1.988 2.096 . . 59 1018 89.5262 . . . . 0.229 . . . . . . . . . . . 0.238 
'X-RAY DIFFRACTION' 2.096 2.223 . . 63 1020 94.2559 . . . . 0.240 . . . . . . . . . . . 0.275 
'X-RAY DIFFRACTION' 2.223 2.376 . . 56 993  97.8545 . . . . 0.236 . . . . . . . . . . . 0.292 
'X-RAY DIFFRACTION' 2.376 2.566 . . 54 950  98.8189 . . . . 0.244 . . . . . . . . . . . 0.333 
'X-RAY DIFFRACTION' 2.566 2.810 . . 50 866  99.5652 . . . . 0.224 . . . . . . . . . . . 0.328 
'X-RAY DIFFRACTION' 2.810 3.141 . . 36 822  99.6516 . . . . 0.217 . . . . . . . . . . . 0.303 
'X-RAY DIFFRACTION' 3.141 3.624 . . 41 713  98.9501 . . . . 0.188 . . . . . . . . . . . 0.224 
'X-RAY DIFFRACTION' 3.624 4.434 . . 33 616  99.6928 . . . . 0.159 . . . . . . . . . . . 0.193 
'X-RAY DIFFRACTION' 4.434 6.251 . . 25 498  99.4297 . . . . 0.198 . . . . . . . . . . . 0.237 
'X-RAY DIFFRACTION' 6.251 54.92 . . 16 310  99.6942 . . . . 0.328 . . . . . . . . . . . 0.228 
# 
_struct.entry_id                     8PH7 
_struct.title                        
'X-ray structure of the adduct formed upon reaction of Lysozyme with [Ru2Cl(DPhF)(O2CCH3)3] in condition A' 
_struct.pdbx_model_details           ? 
_struct.pdbx_formula_weight          ? 
_struct.pdbx_formula_weight_method   ? 
_struct.pdbx_model_type_details      ? 
_struct.pdbx_CASP_flag               N 
# 
_struct_keywords.entry_id        8PH7 
_struct_keywords.text            'Ruthenium, Protein interaction, Metallodrug, Diruthenium, Hydrolase, PROTEIN BINDING' 
_struct_keywords.pdbx_keywords   'PROTEIN BINDING' 
# 
loop_
_struct_asym.id 
_struct_asym.pdbx_blank_PDB_chainid_flag 
_struct_asym.pdbx_modified 
_struct_asym.entity_id 
_struct_asym.details 
A N N 1 ? 
B N N 2 ? 
C N N 3 ? 
D N N 4 ? 
E N N 5 ? 
F N N 6 ? 
# 
_struct_ref.id                         1 
_struct_ref.db_name                    UNP 
_struct_ref.db_code                    LYSC_CHICK 
_struct_ref.pdbx_db_accession          P00698 
_struct_ref.pdbx_db_isoform            ? 
_struct_ref.entity_id                  1 
_struct_ref.pdbx_seq_one_letter_code   
;KVFGRCELAAAMKRHGLDNYRGYSLGNWVCAAKFESNFNTQATNRNTDGSTDYGILQINSRWWCNDGRTPGSRNLCNIPC
SALLSSDITASVNCAKKIVSDGNGMNAWVAWRNRCKGTDVQAWIRGCRL
;
_struct_ref.pdbx_align_begin           19 
# 
_struct_ref_seq.align_id                      1 
_struct_ref_seq.ref_id                        1 
_struct_ref_seq.pdbx_PDB_id_code              8PH7 
_struct_ref_seq.pdbx_strand_id                A 
_struct_ref_seq.seq_align_beg                 1 
_struct_ref_seq.pdbx_seq_align_beg_ins_code   ? 
_struct_ref_seq.seq_align_end                 129 
_struct_ref_seq.pdbx_seq_align_end_ins_code   ? 
_struct_ref_seq.pdbx_db_accession             P00698 
_struct_ref_seq.db_align_beg                  19 
_struct_ref_seq.pdbx_db_align_beg_ins_code    ? 
_struct_ref_seq.db_align_end                  147 
_struct_ref_seq.pdbx_db_align_end_ins_code    ? 
_struct_ref_seq.pdbx_auth_seq_align_beg       1 
_struct_ref_seq.pdbx_auth_seq_align_end       129 
# 
_pdbx_struct_assembly.id                   1 
_pdbx_struct_assembly.details              author_and_software_defined_assembly 
_pdbx_struct_assembly.method_details       PISA 
_pdbx_struct_assembly.oligomeric_details   monomeric 
_pdbx_struct_assembly.oligomeric_count     1 
# 
loop_
_pdbx_struct_assembly_prop.biol_id 
_pdbx_struct_assembly_prop.type 
_pdbx_struct_assembly_prop.value 
_pdbx_struct_assembly_prop.details 
1 'ABSA (A^2)' 130  ? 
1 MORE         -12  ? 
1 'SSA (A^2)'  7250 ? 
# 
_pdbx_struct_assembly_gen.assembly_id       1 
_pdbx_struct_assembly_gen.oper_expression   1 
_pdbx_struct_assembly_gen.asym_id_list      A,B,C,D,E,F 
# 
_pdbx_struct_assembly_auth_evidence.id                     1 
_pdbx_struct_assembly_auth_evidence.assembly_id            1 
_pdbx_struct_assembly_auth_evidence.experimental_support   none 
_pdbx_struct_assembly_auth_evidence.details                ? 
# 
_pdbx_struct_oper_list.id                   1 
_pdbx_struct_oper_list.type                 'identity operation' 
_pdbx_struct_oper_list.name                 1_555 
_pdbx_struct_oper_list.symmetry_operation   x,y,z 
_pdbx_struct_oper_list.matrix[1][1]         1.0 
_pdbx_struct_oper_list.matrix[1][2]         0.0 
_pdbx_struct_oper_list.matrix[1][3]         0.0 
_pdbx_struct_oper_list.vector[1]            0.0 
_pdbx_struct_oper_list.matrix[2][1]         0.0 
_pdbx_struct_oper_list.matrix[2][2]         1.0 
_pdbx_struct_oper_list.matrix[2][3]         0.0 
_pdbx_struct_oper_list.vector[2]            0.0 
_pdbx_struct_oper_list.matrix[3][1]         0.0 
_pdbx_struct_oper_list.matrix[3][2]         0.0 
_pdbx_struct_oper_list.matrix[3][3]         1.0 
_pdbx_struct_oper_list.vector[3]            0.0 
# 
loop_
_struct_conf.conf_type_id 
_struct_conf.id 
_struct_conf.pdbx_PDB_helix_id 
_struct_conf.beg_label_comp_id 
_struct_conf.beg_label_asym_id 
_struct_conf.beg_label_seq_id 
_struct_conf.pdbx_beg_PDB_ins_code 
_struct_conf.end_label_comp_id 
_struct_conf.end_label_asym_id 
_struct_conf.end_label_seq_id 
_struct_conf.pdbx_end_PDB_ins_code 
_struct_conf.beg_auth_comp_id 
_struct_conf.beg_auth_asym_id 
_struct_conf.beg_auth_seq_id 
_struct_conf.end_auth_comp_id 
_struct_conf.end_auth_asym_id 
_struct_conf.end_auth_seq_id 
_struct_conf.pdbx_PDB_helix_class 
_struct_conf.details 
_struct_conf.pdbx_PDB_helix_length 
HELX_P HELX_P1 AA1 GLY A 4   ? HIS A 15  ? GLY A 4   HIS A 15  1 ? 12 
HELX_P HELX_P2 AA2 ASN A 19  ? TYR A 23  ? ASN A 19  TYR A 23  5 ? 5  
HELX_P HELX_P3 AA3 SER A 24  ? ASN A 37  ? SER A 24  ASN A 37  1 ? 14 
HELX_P HELX_P4 AA4 PRO A 79  ? SER A 85  ? PRO A 79  SER A 85  5 ? 7  
HELX_P HELX_P5 AA5 ILE A 88  ? SER A 100 ? ILE A 88  SER A 100 1 ? 13 
HELX_P HELX_P6 AA6 ASN A 103 ? ALA A 107 ? ASN A 103 ALA A 107 5 ? 5  
HELX_P HELX_P7 AA7 TRP A 108 ? CYS A 115 ? TRP A 108 CYS A 115 1 ? 8  
HELX_P HELX_P8 AA8 ASP A 119 ? ARG A 125 ? ASP A 119 ARG A 125 5 ? 7  
# 
_struct_conf_type.id          HELX_P 
_struct_conf_type.criteria    ? 
_struct_conf_type.reference   ? 
# 
loop_
_struct_conn.id 
_struct_conn.conn_type_id 
_struct_conn.pdbx_leaving_atom_flag 
_struct_conn.pdbx_PDB_id 
_struct_conn.ptnr1_label_asym_id 
_struct_conn.ptnr1_label_comp_id 
_struct_conn.ptnr1_label_seq_id 
_struct_conn.ptnr1_label_atom_id 
_struct_conn.pdbx_ptnr1_label_alt_id 
_struct_conn.pdbx_ptnr1_PDB_ins_code 
_struct_conn.pdbx_ptnr1_standard_comp_id 
_struct_conn.ptnr1_symmetry 
_struct_conn.ptnr2_label_asym_id 
_struct_conn.ptnr2_label_comp_id 
_struct_conn.ptnr2_label_seq_id 
_struct_conn.ptnr2_label_atom_id 
_struct_conn.pdbx_ptnr2_label_alt_id 
_struct_conn.pdbx_ptnr2_PDB_ins_code 
_struct_conn.ptnr1_auth_asym_id 
_struct_conn.ptnr1_auth_comp_id 
_struct_conn.ptnr1_auth_seq_id 
_struct_conn.ptnr2_auth_asym_id 
_struct_conn.ptnr2_auth_comp_id 
_struct_conn.ptnr2_auth_seq_id 
_struct_conn.ptnr2_symmetry 
_struct_conn.pdbx_ptnr3_label_atom_id 
_struct_conn.pdbx_ptnr3_label_seq_id 
_struct_conn.pdbx_ptnr3_label_comp_id 
_struct_conn.pdbx_ptnr3_label_asym_id 
_struct_conn.pdbx_ptnr3_label_alt_id 
_struct_conn.pdbx_ptnr3_PDB_ins_code 
_struct_conn.details 
_struct_conn.pdbx_dist_value 
_struct_conn.pdbx_value_order 
_struct_conn.pdbx_role 
disulf1  disulf ? ? A CYS 6   SG  ? ? ? 1_555 A CYS 127 SG  ? ? A CYS 6   A CYS 127 1_555 ? ? ? ? ? ? ? 2.022 ? ? 
disulf2  disulf ? ? A CYS 30  SG  ? ? ? 1_555 A CYS 115 SG  ? ? A CYS 30  A CYS 115 1_555 ? ? ? ? ? ? ? 2.097 ? ? 
disulf3  disulf ? ? A CYS 64  SG  ? ? ? 1_555 A CYS 80  SG  ? ? A CYS 64  A CYS 80  1_555 ? ? ? ? ? ? ? 2.123 ? ? 
disulf4  disulf ? ? A CYS 76  SG  ? ? ? 1_555 A CYS 94  SG  ? ? A CYS 76  A CYS 94  1_555 ? ? ? ? ? ? ? 2.002 ? ? 
metalc1  metalc ? ? A LYS 33  NZ  ? ? ? 1_555 D ZWH .   RU1 B ? A LYS 33  A ZWH 203 1_555 ? ? ? ? ? ? ? 2.471 ? ? 
metalc2  metalc ? ? A SER 60  O   ? ? ? 1_555 E NA  .   NA  ? ? A SER 60  A NA  204 1_555 ? ? ? ? ? ? ? 2.246 ? ? 
metalc3  metalc ? ? A CYS 64  O   ? ? ? 1_555 E NA  .   NA  ? ? A CYS 64  A NA  204 1_555 ? ? ? ? ? ? ? 2.681 ? ? 
metalc4  metalc ? ? A SER 72  OG  ? ? ? 1_555 E NA  .   NA  ? ? A SER 72  A NA  204 1_555 ? ? ? ? ? ? ? 2.507 ? ? 
metalc5  metalc ? ? A ARG 73  O   ? ? ? 1_555 E NA  .   NA  ? ? A ARG 73  A NA  204 1_555 ? ? ? ? ? ? ? 2.607 ? ? 
metalc6  metalc ? ? A ASP 101 OD1 ? ? ? 1_555 B ZQ2 .   RU2 A ? A ASP 101 A ZQ2 201 1_555 ? ? ? ? ? ? ? 2.087 ? ? 
metalc7  metalc ? ? A ASP 101 OD1 ? ? ? 1_555 B ZQ2 .   RU1 A ? A ASP 101 A ZQ2 201 1_555 ? ? ? ? ? ? ? 2.575 ? ? 
metalc8  metalc ? ? B ZQ2 .   RU1 A ? ? 1_555 C SIN .   O2  ? ? A ZQ2 201 A SIN 202 1_555 ? ? ? ? ? ? ? 2.709 ? ? 
metalc9  metalc ? ? B ZQ2 .   RU2 A ? ? 1_555 F HOH .   O   ? ? A ZQ2 201 A HOH 305 1_555 ? ? ? ? ? ? ? 2.615 ? ? 
metalc10 metalc ? ? D ZWH .   RU2 B ? ? 1_555 F HOH .   O   ? ? A ZWH 203 A HOH 303 1_555 ? ? ? ? ? ? ? 2.062 ? ? 
metalc11 metalc ? ? E NA  .   NA  ? ? ? 1_555 F HOH .   O   ? ? A NA  204 A HOH 326 1_555 ? ? ? ? ? ? ? 2.382 ? ? 
metalc12 metalc ? ? E NA  .   NA  ? ? ? 1_555 F HOH .   O   ? ? A NA  204 A HOH 368 1_555 ? ? ? ? ? ? ? 2.343 ? ? 
# 
loop_
_struct_conn_type.id 
_struct_conn_type.criteria 
_struct_conn_type.reference 
disulf ? ? 
metalc ? ? 
# 
loop_
_pdbx_struct_conn_angle.id 
_pdbx_struct_conn_angle.ptnr1_label_atom_id 
_pdbx_struct_conn_angle.ptnr1_label_alt_id 
_pdbx_struct_conn_angle.ptnr1_label_asym_id 
_pdbx_struct_conn_angle.ptnr1_label_comp_id 
_pdbx_struct_conn_angle.ptnr1_label_seq_id 
_pdbx_struct_conn_angle.ptnr1_auth_atom_id 
_pdbx_struct_conn_angle.ptnr1_auth_asym_id 
_pdbx_struct_conn_angle.ptnr1_auth_comp_id 
_pdbx_struct_conn_angle.ptnr1_auth_seq_id 
_pdbx_struct_conn_angle.ptnr1_PDB_ins_code 
_pdbx_struct_conn_angle.ptnr1_symmetry 
_pdbx_struct_conn_angle.ptnr2_label_atom_id 
_pdbx_struct_conn_angle.ptnr2_label_alt_id 
_pdbx_struct_conn_angle.ptnr2_label_asym_id 
_pdbx_struct_conn_angle.ptnr2_label_comp_id 
_pdbx_struct_conn_angle.ptnr2_label_seq_id 
_pdbx_struct_conn_angle.ptnr2_auth_atom_id 
_pdbx_struct_conn_angle.ptnr2_auth_asym_id 
_pdbx_struct_conn_angle.ptnr2_auth_comp_id 
_pdbx_struct_conn_angle.ptnr2_auth_seq_id 
_pdbx_struct_conn_angle.ptnr2_PDB_ins_code 
_pdbx_struct_conn_angle.ptnr2_symmetry 
_pdbx_struct_conn_angle.ptnr3_label_atom_id 
_pdbx_struct_conn_angle.ptnr3_label_alt_id 
_pdbx_struct_conn_angle.ptnr3_label_asym_id 
_pdbx_struct_conn_angle.ptnr3_label_comp_id 
_pdbx_struct_conn_angle.ptnr3_label_seq_id 
_pdbx_struct_conn_angle.ptnr3_auth_atom_id 
_pdbx_struct_conn_angle.ptnr3_auth_asym_id 
_pdbx_struct_conn_angle.ptnr3_auth_comp_id 
_pdbx_struct_conn_angle.ptnr3_auth_seq_id 
_pdbx_struct_conn_angle.ptnr3_PDB_ins_code 
_pdbx_struct_conn_angle.ptnr3_symmetry 
_pdbx_struct_conn_angle.value 
_pdbx_struct_conn_angle.value_esd 
1  NZ  ? A LYS 33  ? A LYS 33  ? 1_555 RU1 B D ZWH . ? A ZWH 203 ? 1_555 RU2 B D ZWH .  ? A ZWH 203 ? 1_555 165.0 ? 
2  NZ  ? A LYS 33  ? A LYS 33  ? 1_555 RU1 B D ZWH . ? A ZWH 203 ? 1_555 N1  B D ZWH .  ? A ZWH 203 ? 1_555 100.1 ? 
3  RU2 B D ZWH .   ? A ZWH 203 ? 1_555 RU1 B D ZWH . ? A ZWH 203 ? 1_555 N1  B D ZWH .  ? A ZWH 203 ? 1_555 93.9  ? 
4  NZ  ? A LYS 33  ? A LYS 33  ? 1_555 RU1 B D ZWH . ? A ZWH 203 ? 1_555 O41 ? D ZWH .  ? A ZWH 203 ? 1_555 81.3  ? 
5  RU2 B D ZWH .   ? A ZWH 203 ? 1_555 RU1 B D ZWH . ? A ZWH 203 ? 1_555 O41 ? D ZWH .  ? A ZWH 203 ? 1_555 85.0  ? 
6  N1  B D ZWH .   ? A ZWH 203 ? 1_555 RU1 B D ZWH . ? A ZWH 203 ? 1_555 O41 ? D ZWH .  ? A ZWH 203 ? 1_555 176.7 ? 
7  NZ  ? A LYS 33  ? A LYS 33  ? 1_555 RU1 B D ZWH . ? A ZWH 203 ? 1_555 O1  B D ZWH .  ? A ZWH 203 ? 1_555 82.7  ? 
8  RU2 B D ZWH .   ? A ZWH 203 ? 1_555 RU1 B D ZWH . ? A ZWH 203 ? 1_555 O1  B D ZWH .  ? A ZWH 203 ? 1_555 91.2  ? 
9  N1  B D ZWH .   ? A ZWH 203 ? 1_555 RU1 B D ZWH . ? A ZWH 203 ? 1_555 O1  B D ZWH .  ? A ZWH 203 ? 1_555 93.5  ? 
10 O41 ? D ZWH .   ? A ZWH 203 ? 1_555 RU1 B D ZWH . ? A ZWH 203 ? 1_555 O1  B D ZWH .  ? A ZWH 203 ? 1_555 89.6  ? 
11 NZ  ? A LYS 33  ? A LYS 33  ? 1_555 RU1 B D ZWH . ? A ZWH 203 ? 1_555 O4  ? D ZWH .  ? A ZWH 203 ? 1_555 100.1 ? 
12 RU2 B D ZWH .   ? A ZWH 203 ? 1_555 RU1 B D ZWH . ? A ZWH 203 ? 1_555 O4  ? D ZWH .  ? A ZWH 203 ? 1_555 85.5  ? 
13 N1  B D ZWH .   ? A ZWH 203 ? 1_555 RU1 B D ZWH . ? A ZWH 203 ? 1_555 O4  ? D ZWH .  ? A ZWH 203 ? 1_555 88.2  ? 
14 O41 ? D ZWH .   ? A ZWH 203 ? 1_555 RU1 B D ZWH . ? A ZWH 203 ? 1_555 O4  ? D ZWH .  ? A ZWH 203 ? 1_555 88.6  ? 
15 O1  B D ZWH .   ? A ZWH 203 ? 1_555 RU1 B D ZWH . ? A ZWH 203 ? 1_555 O4  ? D ZWH .  ? A ZWH 203 ? 1_555 176.5 ? 
16 O   ? A SER 60  ? A SER 60  ? 1_555 NA  ? E NA  . ? A NA  204 ? 1_555 O   ? A CYS 64 ? A CYS 64  ? 1_555 80.4  ? 
17 O   ? A SER 60  ? A SER 60  ? 1_555 NA  ? E NA  . ? A NA  204 ? 1_555 OG  ? A SER 72 ? A SER 72  ? 1_555 102.8 ? 
18 O   ? A CYS 64  ? A CYS 64  ? 1_555 NA  ? E NA  . ? A NA  204 ? 1_555 OG  ? A SER 72 ? A SER 72  ? 1_555 168.5 ? 
19 O   ? A SER 60  ? A SER 60  ? 1_555 NA  ? E NA  . ? A NA  204 ? 1_555 O   ? A ARG 73 ? A ARG 73  ? 1_555 98.4  ? 
20 O   ? A CYS 64  ? A CYS 64  ? 1_555 NA  ? E NA  . ? A NA  204 ? 1_555 O   ? A ARG 73 ? A ARG 73  ? 1_555 86.7  ? 
21 OG  ? A SER 72  ? A SER 72  ? 1_555 NA  ? E NA  . ? A NA  204 ? 1_555 O   ? A ARG 73 ? A ARG 73  ? 1_555 103.6 ? 
22 O   ? A SER 60  ? A SER 60  ? 1_555 NA  ? E NA  . ? A NA  204 ? 1_555 O   ? F HOH .  ? A HOH 326 ? 1_555 171.1 ? 
23 O   ? A CYS 64  ? A CYS 64  ? 1_555 NA  ? E NA  . ? A NA  204 ? 1_555 O   ? F HOH .  ? A HOH 326 ? 1_555 108.4 ? 
24 OG  ? A SER 72  ? A SER 72  ? 1_555 NA  ? E NA  . ? A NA  204 ? 1_555 O   ? F HOH .  ? A HOH 326 ? 1_555 68.3  ? 
25 O   ? A ARG 73  ? A ARG 73  ? 1_555 NA  ? E NA  . ? A NA  204 ? 1_555 O   ? F HOH .  ? A HOH 326 ? 1_555 84.2  ? 
26 O   ? A SER 60  ? A SER 60  ? 1_555 NA  ? E NA  . ? A NA  204 ? 1_555 O   ? F HOH .  ? A HOH 368 ? 1_555 91.3  ? 
27 O   ? A CYS 64  ? A CYS 64  ? 1_555 NA  ? E NA  . ? A NA  204 ? 1_555 O   ? F HOH .  ? A HOH 368 ? 1_555 87.4  ? 
28 OG  ? A SER 72  ? A SER 72  ? 1_555 NA  ? E NA  . ? A NA  204 ? 1_555 O   ? F HOH .  ? A HOH 368 ? 1_555 81.5  ? 
29 O   ? A ARG 73  ? A ARG 73  ? 1_555 NA  ? E NA  . ? A NA  204 ? 1_555 O   ? F HOH .  ? A HOH 368 ? 1_555 167.6 ? 
30 O   ? F HOH .   ? A HOH 326 ? 1_555 NA  ? E NA  . ? A NA  204 ? 1_555 O   ? F HOH .  ? A HOH 368 ? 1_555 87.3  ? 
31 OD1 ? A ASP 101 ? A ASP 101 ? 1_555 RU2 A B ZQ2 . ? A ZQ2 201 ? 1_555 O6  A B ZQ2 .  ? A ZQ2 201 ? 1_555 89.8  ? 
32 OD1 ? A ASP 101 ? A ASP 101 ? 1_555 RU2 A B ZQ2 . ? A ZQ2 201 ? 1_555 RU1 A B ZQ2 .  ? A ZQ2 201 ? 1_555 71.6  ? 
33 O6  A B ZQ2 .   ? A ZQ2 201 ? 1_555 RU2 A B ZQ2 . ? A ZQ2 201 ? 1_555 RU1 A B ZQ2 .  ? A ZQ2 201 ? 1_555 92.5  ? 
34 OD1 ? A ASP 101 ? A ASP 101 ? 1_555 RU2 A B ZQ2 . ? A ZQ2 201 ? 1_555 N2  A B ZQ2 .  ? A ZQ2 201 ? 1_555 95.7  ? 
35 O6  A B ZQ2 .   ? A ZQ2 201 ? 1_555 RU2 A B ZQ2 . ? A ZQ2 201 ? 1_555 N2  A B ZQ2 .  ? A ZQ2 201 ? 1_555 174.3 ? 
36 RU1 A B ZQ2 .   ? A ZQ2 201 ? 1_555 RU2 A B ZQ2 . ? A ZQ2 201 ? 1_555 N2  A B ZQ2 .  ? A ZQ2 201 ? 1_555 88.1  ? 
37 OD1 ? A ASP 101 ? A ASP 101 ? 1_555 RU2 A B ZQ2 . ? A ZQ2 201 ? 1_555 O   ? F HOH .  ? A HOH 305 ? 1_555 91.9  ? 
38 O6  A B ZQ2 .   ? A ZQ2 201 ? 1_555 RU2 A B ZQ2 . ? A ZQ2 201 ? 1_555 O   ? F HOH .  ? A HOH 305 ? 1_555 82.0  ? 
39 RU1 A B ZQ2 .   ? A ZQ2 201 ? 1_555 RU2 A B ZQ2 . ? A ZQ2 201 ? 1_555 O   ? F HOH .  ? A HOH 305 ? 1_555 162.7 ? 
40 N2  A B ZQ2 .   ? A ZQ2 201 ? 1_555 RU2 A B ZQ2 . ? A ZQ2 201 ? 1_555 O   ? F HOH .  ? A HOH 305 ? 1_555 99.0  ? 
41 OD1 ? A ASP 101 ? A ASP 101 ? 1_555 RU1 A B ZQ2 . ? A ZQ2 201 ? 1_555 O5  A B ZQ2 .  ? A ZQ2 201 ? 1_555 84.6  ? 
42 OD1 ? A ASP 101 ? A ASP 101 ? 1_555 RU1 A B ZQ2 . ? A ZQ2 201 ? 1_555 RU2 A B ZQ2 .  ? A ZQ2 201 ? 1_555 50.3  ? 
43 O5  A B ZQ2 .   ? A ZQ2 201 ? 1_555 RU1 A B ZQ2 . ? A ZQ2 201 ? 1_555 RU2 A B ZQ2 .  ? A ZQ2 201 ? 1_555 85.3  ? 
44 OD1 ? A ASP 101 ? A ASP 101 ? 1_555 RU1 A B ZQ2 . ? A ZQ2 201 ? 1_555 N1  A B ZQ2 .  ? A ZQ2 201 ? 1_555 89.6  ? 
45 O5  A B ZQ2 .   ? A ZQ2 201 ? 1_555 RU1 A B ZQ2 . ? A ZQ2 201 ? 1_555 N1  A B ZQ2 .  ? A ZQ2 201 ? 1_555 174.1 ? 
46 RU2 A B ZQ2 .   ? A ZQ2 201 ? 1_555 RU1 A B ZQ2 . ? A ZQ2 201 ? 1_555 N1  A B ZQ2 .  ? A ZQ2 201 ? 1_555 92.1  ? 
47 OD1 ? A ASP 101 ? A ASP 101 ? 1_555 RU1 A B ZQ2 . ? A ZQ2 201 ? 1_555 O2  ? C SIN .  ? A SIN 202 ? 1_555 148.8 ? 
48 O5  A B ZQ2 .   ? A ZQ2 201 ? 1_555 RU1 A B ZQ2 . ? A ZQ2 201 ? 1_555 O2  ? C SIN .  ? A SIN 202 ? 1_555 102.8 ? 
49 RU2 A B ZQ2 .   ? A ZQ2 201 ? 1_555 RU1 A B ZQ2 . ? A ZQ2 201 ? 1_555 O2  ? C SIN .  ? A SIN 202 ? 1_555 99.6  ? 
50 N1  A B ZQ2 .   ? A ZQ2 201 ? 1_555 RU1 A B ZQ2 . ? A ZQ2 201 ? 1_555 O2  ? C SIN .  ? A SIN 202 ? 1_555 82.9  ? 
51 O   ? F HOH .   ? A HOH 303 ? 1_555 RU2 B D ZWH . ? A ZWH 203 ? 1_555 N2  B D ZWH .  ? A ZWH 203 ? 1_555 103.1 ? 
52 O   ? F HOH .   ? A HOH 303 ? 1_555 RU2 B D ZWH . ? A ZWH 203 ? 1_555 O31 ? D ZWH .  ? A ZWH 203 ? 1_555 75.8  ? 
53 N2  B D ZWH .   ? A ZWH 203 ? 1_555 RU2 B D ZWH . ? A ZWH 203 ? 1_555 O31 ? D ZWH .  ? A ZWH 203 ? 1_555 177.5 ? 
54 O   ? F HOH .   ? A HOH 303 ? 1_555 RU2 B D ZWH . ? A ZWH 203 ? 1_555 O2  B D ZWH .  ? A ZWH 203 ? 1_555 102.1 ? 
55 N2  B D ZWH .   ? A ZWH 203 ? 1_555 RU2 B D ZWH . ? A ZWH 203 ? 1_555 O2  B D ZWH .  ? A ZWH 203 ? 1_555 88.5  ? 
56 O31 ? D ZWH .   ? A ZWH 203 ? 1_555 RU2 B D ZWH . ? A ZWH 203 ? 1_555 O2  B D ZWH .  ? A ZWH 203 ? 1_555 93.9  ? 
57 O   ? F HOH .   ? A HOH 303 ? 1_555 RU2 B D ZWH . ? A ZWH 203 ? 1_555 O3  ? D ZWH .  ? A ZWH 203 ? 1_555 80.8  ? 
58 N2  B D ZWH .   ? A ZWH 203 ? 1_555 RU2 B D ZWH . ? A ZWH 203 ? 1_555 O3  ? D ZWH .  ? A ZWH 203 ? 1_555 95.0  ? 
59 O31 ? D ZWH .   ? A ZWH 203 ? 1_555 RU2 B D ZWH . ? A ZWH 203 ? 1_555 O3  ? D ZWH .  ? A ZWH 203 ? 1_555 82.6  ? 
60 O2  B D ZWH .   ? A ZWH 203 ? 1_555 RU2 B D ZWH . ? A ZWH 203 ? 1_555 O3  ? D ZWH .  ? A ZWH 203 ? 1_555 174.8 ? 
61 O   ? F HOH .   ? A HOH 303 ? 1_555 RU2 B D ZWH . ? A ZWH 203 ? 1_555 RU1 B D ZWH .  ? A ZWH 203 ? 1_555 165.9 ? 
62 N2  B D ZWH .   ? A ZWH 203 ? 1_555 RU2 B D ZWH . ? A ZWH 203 ? 1_555 RU1 B D ZWH .  ? A ZWH 203 ? 1_555 87.7  ? 
63 O31 ? D ZWH .   ? A ZWH 203 ? 1_555 RU2 B D ZWH . ? A ZWH 203 ? 1_555 RU1 B D ZWH .  ? A ZWH 203 ? 1_555 93.1  ? 
64 O2  B D ZWH .   ? A ZWH 203 ? 1_555 RU2 B D ZWH . ? A ZWH 203 ? 1_555 RU1 B D ZWH .  ? A ZWH 203 ? 1_555 87.1  ? 
65 O3  ? D ZWH .   ? A ZWH 203 ? 1_555 RU2 B D ZWH . ? A ZWH 203 ? 1_555 RU1 B D ZWH .  ? A ZWH 203 ? 1_555 89.2  ? 
# 
loop_
_pdbx_modification_feature.ordinal 
_pdbx_modification_feature.label_comp_id 
_pdbx_modification_feature.label_asym_id 
_pdbx_modification_feature.label_seq_id 
_pdbx_modification_feature.label_alt_id 
_pdbx_modification_feature.modified_residue_label_comp_id 
_pdbx_modification_feature.modified_residue_label_asym_id 
_pdbx_modification_feature.modified_residue_label_seq_id 
_pdbx_modification_feature.modified_residue_label_alt_id 
_pdbx_modification_feature.auth_comp_id 
_pdbx_modification_feature.auth_asym_id 
_pdbx_modification_feature.auth_seq_id 
_pdbx_modification_feature.PDB_ins_code 
_pdbx_modification_feature.symmetry 
_pdbx_modification_feature.modified_residue_auth_comp_id 
_pdbx_modification_feature.modified_residue_auth_asym_id 
_pdbx_modification_feature.modified_residue_auth_seq_id 
_pdbx_modification_feature.modified_residue_PDB_ins_code 
_pdbx_modification_feature.modified_residue_symmetry 
_pdbx_modification_feature.comp_id_linking_atom 
_pdbx_modification_feature.modified_residue_id_linking_atom 
_pdbx_modification_feature.modified_residue_id 
_pdbx_modification_feature.ref_pcm_id 
_pdbx_modification_feature.ref_comp_id 
_pdbx_modification_feature.type 
_pdbx_modification_feature.category 
1 CYS A 6  ? CYS A 127 ? CYS A 6  ? 1_555 CYS A 127 ? 1_555 SG SG . . . None 'Disulfide bridge' 
2 CYS A 30 ? CYS A 115 ? CYS A 30 ? 1_555 CYS A 115 ? 1_555 SG SG . . . None 'Disulfide bridge' 
3 CYS A 64 ? CYS A 80  ? CYS A 64 ? 1_555 CYS A 80  ? 1_555 SG SG . . . None 'Disulfide bridge' 
4 CYS A 76 ? CYS A 94  ? CYS A 76 ? 1_555 CYS A 94  ? 1_555 SG SG . . . None 'Disulfide bridge' 
# 
_struct_sheet.id               AA1 
_struct_sheet.type             ? 
_struct_sheet.number_strands   3 
_struct_sheet.details          ? 
# 
loop_
_struct_sheet_order.sheet_id 
_struct_sheet_order.range_id_1 
_struct_sheet_order.range_id_2 
_struct_sheet_order.offset 
_struct_sheet_order.sense 
AA1 1 2 ? anti-parallel 
AA1 2 3 ? anti-parallel 
# 
loop_
_struct_sheet_range.sheet_id 
_struct_sheet_range.id 
_struct_sheet_range.beg_label_comp_id 
_struct_sheet_range.beg_label_asym_id 
_struct_sheet_range.beg_label_seq_id 
_struct_sheet_range.pdbx_beg_PDB_ins_code 
_struct_sheet_range.end_label_comp_id 
_struct_sheet_range.end_label_asym_id 
_struct_sheet_range.end_label_seq_id 
_struct_sheet_range.pdbx_end_PDB_ins_code 
_struct_sheet_range.beg_auth_comp_id 
_struct_sheet_range.beg_auth_asym_id 
_struct_sheet_range.beg_auth_seq_id 
_struct_sheet_range.end_auth_comp_id 
_struct_sheet_range.end_auth_asym_id 
_struct_sheet_range.end_auth_seq_id 
AA1 1 THR A 43 ? ARG A 45 ? THR A 43 ARG A 45 
AA1 2 THR A 51 ? TYR A 53 ? THR A 51 TYR A 53 
AA1 3 ILE A 58 ? ASN A 59 ? ILE A 58 ASN A 59 
# 
loop_
_pdbx_struct_sheet_hbond.sheet_id 
_pdbx_struct_sheet_hbond.range_id_1 
_pdbx_struct_sheet_hbond.range_id_2 
_pdbx_struct_sheet_hbond.range_1_label_atom_id 
_pdbx_struct_sheet_hbond.range_1_label_comp_id 
_pdbx_struct_sheet_hbond.range_1_label_asym_id 
_pdbx_struct_sheet_hbond.range_1_label_seq_id 
_pdbx_struct_sheet_hbond.range_1_PDB_ins_code 
_pdbx_struct_sheet_hbond.range_1_auth_atom_id 
_pdbx_struct_sheet_hbond.range_1_auth_comp_id 
_pdbx_struct_sheet_hbond.range_1_auth_asym_id 
_pdbx_struct_sheet_hbond.range_1_auth_seq_id 
_pdbx_struct_sheet_hbond.range_2_label_atom_id 
_pdbx_struct_sheet_hbond.range_2_label_comp_id 
_pdbx_struct_sheet_hbond.range_2_label_asym_id 
_pdbx_struct_sheet_hbond.range_2_label_seq_id 
_pdbx_struct_sheet_hbond.range_2_PDB_ins_code 
_pdbx_struct_sheet_hbond.range_2_auth_atom_id 
_pdbx_struct_sheet_hbond.range_2_auth_comp_id 
_pdbx_struct_sheet_hbond.range_2_auth_asym_id 
_pdbx_struct_sheet_hbond.range_2_auth_seq_id 
AA1 1 2 N ASN A 44 ? N ASN A 44 O ASP A 52 ? O ASP A 52 
AA1 2 3 N TYR A 53 ? N TYR A 53 O ILE A 58 ? O ILE A 58 
# 
_pdbx_entry_details.entry_id                   8PH7 
_pdbx_entry_details.nonpolymer_details         ? 
_pdbx_entry_details.sequence_details           ? 
_pdbx_entry_details.compound_details           ? 
_pdbx_entry_details.source_details             ? 
_pdbx_entry_details.has_ligand_of_interest     Y 
_pdbx_entry_details.has_protein_modification   Y 
# 
_pdbx_validate_symm_contact.id                1 
_pdbx_validate_symm_contact.PDB_model_num     1 
_pdbx_validate_symm_contact.auth_atom_id_1    O 
_pdbx_validate_symm_contact.auth_asym_id_1    A 
_pdbx_validate_symm_contact.auth_comp_id_1    LEU 
_pdbx_validate_symm_contact.auth_seq_id_1     129 
_pdbx_validate_symm_contact.PDB_ins_code_1    ? 
_pdbx_validate_symm_contact.label_alt_id_1    ? 
_pdbx_validate_symm_contact.site_symmetry_1   1_555 
_pdbx_validate_symm_contact.auth_atom_id_2    O 
_pdbx_validate_symm_contact.auth_asym_id_2    A 
_pdbx_validate_symm_contact.auth_comp_id_2    LEU 
_pdbx_validate_symm_contact.auth_seq_id_2     129 
_pdbx_validate_symm_contact.PDB_ins_code_2    ? 
_pdbx_validate_symm_contact.label_alt_id_2    ? 
_pdbx_validate_symm_contact.site_symmetry_2   7_554 
_pdbx_validate_symm_contact.dist              2.07 
# 
loop_
_pdbx_validate_planes.id 
_pdbx_validate_planes.PDB_model_num 
_pdbx_validate_planes.auth_comp_id 
_pdbx_validate_planes.auth_asym_id 
_pdbx_validate_planes.auth_seq_id 
_pdbx_validate_planes.PDB_ins_code 
_pdbx_validate_planes.label_alt_id 
_pdbx_validate_planes.rmsd 
_pdbx_validate_planes.type 
1 1 ARG A 45  ? ? 0.091 'SIDE CHAIN' 
2 1 ARG A 128 ? A 0.112 'SIDE CHAIN' 
# 
loop_
_pdbx_struct_special_symmetry.id 
_pdbx_struct_special_symmetry.PDB_model_num 
_pdbx_struct_special_symmetry.auth_asym_id 
_pdbx_struct_special_symmetry.auth_comp_id 
_pdbx_struct_special_symmetry.auth_seq_id 
_pdbx_struct_special_symmetry.PDB_ins_code 
_pdbx_struct_special_symmetry.label_asym_id 
_pdbx_struct_special_symmetry.label_comp_id 
_pdbx_struct_special_symmetry.label_seq_id 
1 1 A HOH 307 ? F HOH . 
2 1 A HOH 344 ? F HOH . 
3 1 A HOH 366 ? F HOH . 
4 1 A HOH 406 ? F HOH . 
# 
loop_
_chem_comp_atom.comp_id 
_chem_comp_atom.atom_id 
_chem_comp_atom.type_symbol 
_chem_comp_atom.pdbx_aromatic_flag 
_chem_comp_atom.pdbx_stereo_config 
_chem_comp_atom.pdbx_ordinal 
ALA N    N  N N 1   
ALA CA   C  N S 2   
ALA C    C  N N 3   
ALA O    O  N N 4   
ALA CB   C  N N 5   
ALA OXT  O  N N 6   
ALA H    H  N N 7   
ALA H2   H  N N 8   
ALA HA   H  N N 9   
ALA HB1  H  N N 10  
ALA HB2  H  N N 11  
ALA HB3  H  N N 12  
ALA HXT  H  N N 13  
ARG N    N  N N 14  
ARG CA   C  N S 15  
ARG C    C  N N 16  
ARG O    O  N N 17  
ARG CB   C  N N 18  
ARG CG   C  N N 19  
ARG CD   C  N N 20  
ARG NE   N  N N 21  
ARG CZ   C  N N 22  
ARG NH1  N  N N 23  
ARG NH2  N  N N 24  
ARG OXT  O  N N 25  
ARG H    H  N N 26  
ARG H2   H  N N 27  
ARG HA   H  N N 28  
ARG HB2  H  N N 29  
ARG HB3  H  N N 30  
ARG HG2  H  N N 31  
ARG HG3  H  N N 32  
ARG HD2  H  N N 33  
ARG HD3  H  N N 34  
ARG HE   H  N N 35  
ARG HH11 H  N N 36  
ARG HH12 H  N N 37  
ARG HH21 H  N N 38  
ARG HH22 H  N N 39  
ARG HXT  H  N N 40  
ASN N    N  N N 41  
ASN CA   C  N S 42  
ASN C    C  N N 43  
ASN O    O  N N 44  
ASN CB   C  N N 45  
ASN CG   C  N N 46  
ASN OD1  O  N N 47  
ASN ND2  N  N N 48  
ASN OXT  O  N N 49  
ASN H    H  N N 50  
ASN H2   H  N N 51  
ASN HA   H  N N 52  
ASN HB2  H  N N 53  
ASN HB3  H  N N 54  
ASN HD21 H  N N 55  
ASN HD22 H  N N 56  
ASN HXT  H  N N 57  
ASP N    N  N N 58  
ASP CA   C  N S 59  
ASP C    C  N N 60  
ASP O    O  N N 61  
ASP CB   C  N N 62  
ASP CG   C  N N 63  
ASP OD1  O  N N 64  
ASP OD2  O  N N 65  
ASP OXT  O  N N 66  
ASP H    H  N N 67  
ASP H2   H  N N 68  
ASP HA   H  N N 69  
ASP HB2  H  N N 70  
ASP HB3  H  N N 71  
ASP HD2  H  N N 72  
ASP HXT  H  N N 73  
CYS N    N  N N 74  
CYS CA   C  N R 75  
CYS C    C  N N 76  
CYS O    O  N N 77  
CYS CB   C  N N 78  
CYS SG   S  N N 79  
CYS OXT  O  N N 80  
CYS H    H  N N 81  
CYS H2   H  N N 82  
CYS HA   H  N N 83  
CYS HB2  H  N N 84  
CYS HB3  H  N N 85  
CYS HG   H  N N 86  
CYS HXT  H  N N 87  
GLN N    N  N N 88  
GLN CA   C  N S 89  
GLN C    C  N N 90  
GLN O    O  N N 91  
GLN CB   C  N N 92  
GLN CG   C  N N 93  
GLN CD   C  N N 94  
GLN OE1  O  N N 95  
GLN NE2  N  N N 96  
GLN OXT  O  N N 97  
GLN H    H  N N 98  
GLN H2   H  N N 99  
GLN HA   H  N N 100 
GLN HB2  H  N N 101 
GLN HB3  H  N N 102 
GLN HG2  H  N N 103 
GLN HG3  H  N N 104 
GLN HE21 H  N N 105 
GLN HE22 H  N N 106 
GLN HXT  H  N N 107 
GLU N    N  N N 108 
GLU CA   C  N S 109 
GLU C    C  N N 110 
GLU O    O  N N 111 
GLU CB   C  N N 112 
GLU CG   C  N N 113 
GLU CD   C  N N 114 
GLU OE1  O  N N 115 
GLU OE2  O  N N 116 
GLU OXT  O  N N 117 
GLU H    H  N N 118 
GLU H2   H  N N 119 
GLU HA   H  N N 120 
GLU HB2  H  N N 121 
GLU HB3  H  N N 122 
GLU HG2  H  N N 123 
GLU HG3  H  N N 124 
GLU HE2  H  N N 125 
GLU HXT  H  N N 126 
GLY N    N  N N 127 
GLY CA   C  N N 128 
GLY C    C  N N 129 
GLY O    O  N N 130 
GLY OXT  O  N N 131 
GLY H    H  N N 132 
GLY H2   H  N N 133 
GLY HA2  H  N N 134 
GLY HA3  H  N N 135 
GLY HXT  H  N N 136 
HIS N    N  N N 137 
HIS CA   C  N S 138 
HIS C    C  N N 139 
HIS O    O  N N 140 
HIS CB   C  N N 141 
HIS CG   C  Y N 142 
HIS ND1  N  Y N 143 
HIS CD2  C  Y N 144 
HIS CE1  C  Y N 145 
HIS NE2  N  Y N 146 
HIS OXT  O  N N 147 
HIS H    H  N N 148 
HIS H2   H  N N 149 
HIS HA   H  N N 150 
HIS HB2  H  N N 151 
HIS HB3  H  N N 152 
HIS HD1  H  N N 153 
HIS HD2  H  N N 154 
HIS HE1  H  N N 155 
HIS HE2  H  N N 156 
HIS HXT  H  N N 157 
HOH O    O  N N 158 
HOH H1   H  N N 159 
HOH H2   H  N N 160 
ILE N    N  N N 161 
ILE CA   C  N S 162 
ILE C    C  N N 163 
ILE O    O  N N 164 
ILE CB   C  N S 165 
ILE CG1  C  N N 166 
ILE CG2  C  N N 167 
ILE CD1  C  N N 168 
ILE OXT  O  N N 169 
ILE H    H  N N 170 
ILE H2   H  N N 171 
ILE HA   H  N N 172 
ILE HB   H  N N 173 
ILE HG12 H  N N 174 
ILE HG13 H  N N 175 
ILE HG21 H  N N 176 
ILE HG22 H  N N 177 
ILE HG23 H  N N 178 
ILE HD11 H  N N 179 
ILE HD12 H  N N 180 
ILE HD13 H  N N 181 
ILE HXT  H  N N 182 
LEU N    N  N N 183 
LEU CA   C  N S 184 
LEU C    C  N N 185 
LEU O    O  N N 186 
LEU CB   C  N N 187 
LEU CG   C  N N 188 
LEU CD1  C  N N 189 
LEU CD2  C  N N 190 
LEU OXT  O  N N 191 
LEU H    H  N N 192 
LEU H2   H  N N 193 
LEU HA   H  N N 194 
LEU HB2  H  N N 195 
LEU HB3  H  N N 196 
LEU HG   H  N N 197 
LEU HD11 H  N N 198 
LEU HD12 H  N N 199 
LEU HD13 H  N N 200 
LEU HD21 H  N N 201 
LEU HD22 H  N N 202 
LEU HD23 H  N N 203 
LEU HXT  H  N N 204 
LYS N    N  N N 205 
LYS CA   C  N S 206 
LYS C    C  N N 207 
LYS O    O  N N 208 
LYS CB   C  N N 209 
LYS CG   C  N N 210 
LYS CD   C  N N 211 
LYS CE   C  N N 212 
LYS NZ   N  N N 213 
LYS OXT  O  N N 214 
LYS H    H  N N 215 
LYS H2   H  N N 216 
LYS HA   H  N N 217 
LYS HB2  H  N N 218 
LYS HB3  H  N N 219 
LYS HG2  H  N N 220 
LYS HG3  H  N N 221 
LYS HD2  H  N N 222 
LYS HD3  H  N N 223 
LYS HE2  H  N N 224 
LYS HE3  H  N N 225 
LYS HZ1  H  N N 226 
LYS HZ2  H  N N 227 
LYS HZ3  H  N N 228 
LYS HXT  H  N N 229 
MET N    N  N N 230 
MET CA   C  N S 231 
MET C    C  N N 232 
MET O    O  N N 233 
MET CB   C  N N 234 
MET CG   C  N N 235 
MET SD   S  N N 236 
MET CE   C  N N 237 
MET OXT  O  N N 238 
MET H    H  N N 239 
MET H2   H  N N 240 
MET HA   H  N N 241 
MET HB2  H  N N 242 
MET HB3  H  N N 243 
MET HG2  H  N N 244 
MET HG3  H  N N 245 
MET HE1  H  N N 246 
MET HE2  H  N N 247 
MET HE3  H  N N 248 
MET HXT  H  N N 249 
NA  NA   NA N N 250 
PHE N    N  N N 251 
PHE CA   C  N S 252 
PHE C    C  N N 253 
PHE O    O  N N 254 
PHE CB   C  N N 255 
PHE CG   C  Y N 256 
PHE CD1  C  Y N 257 
PHE CD2  C  Y N 258 
PHE CE1  C  Y N 259 
PHE CE2  C  Y N 260 
PHE CZ   C  Y N 261 
PHE OXT  O  N N 262 
PHE H    H  N N 263 
PHE H2   H  N N 264 
PHE HA   H  N N 265 
PHE HB2  H  N N 266 
PHE HB3  H  N N 267 
PHE HD1  H  N N 268 
PHE HD2  H  N N 269 
PHE HE1  H  N N 270 
PHE HE2  H  N N 271 
PHE HZ   H  N N 272 
PHE HXT  H  N N 273 
PRO N    N  N N 274 
PRO CA   C  N S 275 
PRO C    C  N N 276 
PRO O    O  N N 277 
PRO CB   C  N N 278 
PRO CG   C  N N 279 
PRO CD   C  N N 280 
PRO OXT  O  N N 281 
PRO H    H  N N 282 
PRO HA   H  N N 283 
PRO HB2  H  N N 284 
PRO HB3  H  N N 285 
PRO HG2  H  N N 286 
PRO HG3  H  N N 287 
PRO HD2  H  N N 288 
PRO HD3  H  N N 289 
PRO HXT  H  N N 290 
SER N    N  N N 291 
SER CA   C  N S 292 
SER C    C  N N 293 
SER O    O  N N 294 
SER CB   C  N N 295 
SER OG   O  N N 296 
SER OXT  O  N N 297 
SER H    H  N N 298 
SER H2   H  N N 299 
SER HA   H  N N 300 
SER HB2  H  N N 301 
SER HB3  H  N N 302 
SER HG   H  N N 303 
SER HXT  H  N N 304 
SIN C1   C  N N 305 
SIN O1   O  N N 306 
SIN O2   O  N N 307 
SIN C2   C  N N 308 
SIN C3   C  N N 309 
SIN C4   C  N N 310 
SIN O3   O  N N 311 
SIN O4   O  N N 312 
SIN HO2  H  N N 313 
SIN H21  H  N N 314 
SIN H22  H  N N 315 
SIN H31  H  N N 316 
SIN H32  H  N N 317 
SIN HO4  H  N N 318 
THR N    N  N N 319 
THR CA   C  N S 320 
THR C    C  N N 321 
THR O    O  N N 322 
THR CB   C  N R 323 
THR OG1  O  N N 324 
THR CG2  C  N N 325 
THR OXT  O  N N 326 
THR H    H  N N 327 
THR H2   H  N N 328 
THR HA   H  N N 329 
THR HB   H  N N 330 
THR HG1  H  N N 331 
THR HG21 H  N N 332 
THR HG22 H  N N 333 
THR HG23 H  N N 334 
THR HXT  H  N N 335 
TRP N    N  N N 336 
TRP CA   C  N S 337 
TRP C    C  N N 338 
TRP O    O  N N 339 
TRP CB   C  N N 340 
TRP CG   C  Y N 341 
TRP CD1  C  Y N 342 
TRP CD2  C  Y N 343 
TRP NE1  N  Y N 344 
TRP CE2  C  Y N 345 
TRP CE3  C  Y N 346 
TRP CZ2  C  Y N 347 
TRP CZ3  C  Y N 348 
TRP CH2  C  Y N 349 
TRP OXT  O  N N 350 
TRP H    H  N N 351 
TRP H2   H  N N 352 
TRP HA   H  N N 353 
TRP HB2  H  N N 354 
TRP HB3  H  N N 355 
TRP HD1  H  N N 356 
TRP HE1  H  N N 357 
TRP HE3  H  N N 358 
TRP HZ2  H  N N 359 
TRP HZ3  H  N N 360 
TRP HH2  H  N N 361 
TRP HXT  H  N N 362 
TYR N    N  N N 363 
TYR CA   C  N S 364 
TYR C    C  N N 365 
TYR O    O  N N 366 
TYR CB   C  N N 367 
TYR CG   C  Y N 368 
TYR CD1  C  Y N 369 
TYR CD2  C  Y N 370 
TYR CE1  C  Y N 371 
TYR CE2  C  Y N 372 
TYR CZ   C  Y N 373 
TYR OH   O  N N 374 
TYR OXT  O  N N 375 
TYR H    H  N N 376 
TYR H2   H  N N 377 
TYR HA   H  N N 378 
TYR HB2  H  N N 379 
TYR HB3  H  N N 380 
TYR HD1  H  N N 381 
TYR HD2  H  N N 382 
TYR HE1  H  N N 383 
TYR HE2  H  N N 384 
TYR HH   H  N N 385 
TYR HXT  H  N N 386 
VAL N    N  N N 387 
VAL CA   C  N S 388 
VAL C    C  N N 389 
VAL O    O  N N 390 
VAL CB   C  N N 391 
VAL CG1  C  N N 392 
VAL CG2  C  N N 393 
VAL OXT  O  N N 394 
VAL H    H  N N 395 
VAL H2   H  N N 396 
VAL HA   H  N N 397 
VAL HB   H  N N 398 
VAL HG11 H  N N 399 
VAL HG12 H  N N 400 
VAL HG13 H  N N 401 
VAL HG21 H  N N 402 
VAL HG22 H  N N 403 
VAL HG23 H  N N 404 
VAL HXT  H  N N 405 
ZQ2 C11  C  Y N 406 
ZQ2 C12  C  Y N 407 
ZQ2 C13  C  Y N 408 
ZQ2 RU1  RU N N 409 
ZQ2 RU2  RU N N 410 
ZQ2 O6   O  N N 411 
ZQ2 O5   O  N N 412 
ZQ2 N1   N  N N 413 
ZQ2 N2   N  N N 414 
ZQ2 C2   C  Y N 415 
ZQ2 C3   C  Y N 416 
ZQ2 C4   C  Y N 417 
ZQ2 C7   C  Y N 418 
ZQ2 C18  C  N N 419 
ZQ2 C1   C  N N 420 
ZQ2 C6   C  Y N 421 
ZQ2 C5   C  Y N 422 
ZQ2 C8   C  Y N 423 
ZQ2 C10  C  Y N 424 
ZQ2 C9   C  Y N 425 
ZQ2 C19  C  N N 426 
ZQ2 H1   H  N N 427 
ZQ2 H2   H  N N 428 
ZQ2 H3   H  N N 429 
ZQ2 H4   H  N N 430 
ZQ2 H5   H  N N 431 
ZQ2 H6   H  N N 432 
ZQ2 H7   H  N N 433 
ZQ2 H8   H  N N 434 
ZQ2 H9   H  N N 435 
ZQ2 H10  H  N N 436 
ZQ2 H11  H  N N 437 
ZQ2 H12  H  N N 438 
ZQ2 H13  H  N N 439 
ZQ2 H14  H  N N 440 
ZQ2 H15  H  N N 441 
ZQ2 H16  H  N N 442 
ZWH C11  C  Y N 443 
ZWH C21  C  N N 444 
ZWH O21  O  N N 445 
ZWH C31  C  N N 446 
ZWH O31  O  N N 447 
ZWH C41  C  N N 448 
ZWH O41  O  N N 449 
ZWH C12  C  Y N 450 
ZWH C22  C  N N 451 
ZWH O22  O  N N 452 
ZWH C32  C  N N 453 
ZWH C42  C  N N 454 
ZWH C13  C  Y N 455 
ZWH C14  C  N N 456 
ZWH C15  C  N N 457 
ZWH C16  C  N N 458 
ZWH O11  O  N N 459 
ZWH O3   O  N N 460 
ZWH O4   O  N N 461 
ZWH C17  C  N N 462 
ZWH O12  O  N N 463 
ZWH RU1  RU N N 464 
ZWH RU2  RU N N 465 
ZWH O1   O  N N 466 
ZWH O2   O  N N 467 
ZWH N1   N  N N 468 
ZWH N2   N  N N 469 
ZWH C2   C  Y N 470 
ZWH C3   C  Y N 471 
ZWH C4   C  Y N 472 
ZWH C7   C  Y N 473 
ZWH C1   C  N N 474 
ZWH C6   C  Y N 475 
ZWH C5   C  Y N 476 
ZWH C8   C  Y N 477 
ZWH C10  C  Y N 478 
ZWH C9   C  Y N 479 
ZWH H1   H  N N 480 
ZWH H2   H  N N 481 
ZWH H3   H  N N 482 
ZWH H4   H  N N 483 
ZWH H5   H  N N 484 
ZWH H6   H  N N 485 
ZWH H7   H  N N 486 
ZWH H8   H  N N 487 
ZWH H9   H  N N 488 
ZWH H10  H  N N 489 
ZWH H11  H  N N 490 
ZWH H12  H  N N 491 
ZWH H13  H  N N 492 
ZWH H14  H  N N 493 
ZWH H15  H  N N 494 
ZWH H16  H  N N 495 
ZWH H17  H  N N 496 
ZWH H18  H  N N 497 
ZWH H19  H  N N 498 
ZWH H20  H  N N 499 
ZWH H21  H  N N 500 
ZWH H22  H  N N 501 
ZWH H23  H  N N 502 
ZWH H24  H  N N 503 
ZWH H25  H  N N 504 
ZWH H26  H  N N 505 
ZWH H27  H  N N 506 
ZWH H28  H  N N 507 
# 
loop_
_chem_comp_bond.comp_id 
_chem_comp_bond.atom_id_1 
_chem_comp_bond.atom_id_2 
_chem_comp_bond.value_order 
_chem_comp_bond.pdbx_aromatic_flag 
_chem_comp_bond.pdbx_stereo_config 
_chem_comp_bond.pdbx_ordinal 
ALA N   CA   sing N N 1   
ALA N   H    sing N N 2   
ALA N   H2   sing N N 3   
ALA CA  C    sing N N 4   
ALA CA  CB   sing N N 5   
ALA CA  HA   sing N N 6   
ALA C   O    doub N N 7   
ALA C   OXT  sing N N 8   
ALA CB  HB1  sing N N 9   
ALA CB  HB2  sing N N 10  
ALA CB  HB3  sing N N 11  
ALA OXT HXT  sing N N 12  
ARG N   CA   sing N N 13  
ARG N   H    sing N N 14  
ARG N   H2   sing N N 15  
ARG CA  C    sing N N 16  
ARG CA  CB   sing N N 17  
ARG CA  HA   sing N N 18  
ARG C   O    doub N N 19  
ARG C   OXT  sing N N 20  
ARG CB  CG   sing N N 21  
ARG CB  HB2  sing N N 22  
ARG CB  HB3  sing N N 23  
ARG CG  CD   sing N N 24  
ARG CG  HG2  sing N N 25  
ARG CG  HG3  sing N N 26  
ARG CD  NE   sing N N 27  
ARG CD  HD2  sing N N 28  
ARG CD  HD3  sing N N 29  
ARG NE  CZ   sing N N 30  
ARG NE  HE   sing N N 31  
ARG CZ  NH1  sing N N 32  
ARG CZ  NH2  doub N N 33  
ARG NH1 HH11 sing N N 34  
ARG NH1 HH12 sing N N 35  
ARG NH2 HH21 sing N N 36  
ARG NH2 HH22 sing N N 37  
ARG OXT HXT  sing N N 38  
ASN N   CA   sing N N 39  
ASN N   H    sing N N 40  
ASN N   H2   sing N N 41  
ASN CA  C    sing N N 42  
ASN CA  CB   sing N N 43  
ASN CA  HA   sing N N 44  
ASN C   O    doub N N 45  
ASN C   OXT  sing N N 46  
ASN CB  CG   sing N N 47  
ASN CB  HB2  sing N N 48  
ASN CB  HB3  sing N N 49  
ASN CG  OD1  doub N N 50  
ASN CG  ND2  sing N N 51  
ASN ND2 HD21 sing N N 52  
ASN ND2 HD22 sing N N 53  
ASN OXT HXT  sing N N 54  
ASP N   CA   sing N N 55  
ASP N   H    sing N N 56  
ASP N   H2   sing N N 57  
ASP CA  C    sing N N 58  
ASP CA  CB   sing N N 59  
ASP CA  HA   sing N N 60  
ASP C   O    doub N N 61  
ASP C   OXT  sing N N 62  
ASP CB  CG   sing N N 63  
ASP CB  HB2  sing N N 64  
ASP CB  HB3  sing N N 65  
ASP CG  OD1  doub N N 66  
ASP CG  OD2  sing N N 67  
ASP OD2 HD2  sing N N 68  
ASP OXT HXT  sing N N 69  
CYS N   CA   sing N N 70  
CYS N   H    sing N N 71  
CYS N   H2   sing N N 72  
CYS CA  C    sing N N 73  
CYS CA  CB   sing N N 74  
CYS CA  HA   sing N N 75  
CYS C   O    doub N N 76  
CYS C   OXT  sing N N 77  
CYS CB  SG   sing N N 78  
CYS CB  HB2  sing N N 79  
CYS CB  HB3  sing N N 80  
CYS SG  HG   sing N N 81  
CYS OXT HXT  sing N N 82  
GLN N   CA   sing N N 83  
GLN N   H    sing N N 84  
GLN N   H2   sing N N 85  
GLN CA  C    sing N N 86  
GLN CA  CB   sing N N 87  
GLN CA  HA   sing N N 88  
GLN C   O    doub N N 89  
GLN C   OXT  sing N N 90  
GLN CB  CG   sing N N 91  
GLN CB  HB2  sing N N 92  
GLN CB  HB3  sing N N 93  
GLN CG  CD   sing N N 94  
GLN CG  HG2  sing N N 95  
GLN CG  HG3  sing N N 96  
GLN CD  OE1  doub N N 97  
GLN CD  NE2  sing N N 98  
GLN NE2 HE21 sing N N 99  
GLN NE2 HE22 sing N N 100 
GLN OXT HXT  sing N N 101 
GLU N   CA   sing N N 102 
GLU N   H    sing N N 103 
GLU N   H2   sing N N 104 
GLU CA  C    sing N N 105 
GLU CA  CB   sing N N 106 
GLU CA  HA   sing N N 107 
GLU C   O    doub N N 108 
GLU C   OXT  sing N N 109 
GLU CB  CG   sing N N 110 
GLU CB  HB2  sing N N 111 
GLU CB  HB3  sing N N 112 
GLU CG  CD   sing N N 113 
GLU CG  HG2  sing N N 114 
GLU CG  HG3  sing N N 115 
GLU CD  OE1  doub N N 116 
GLU CD  OE2  sing N N 117 
GLU OE2 HE2  sing N N 118 
GLU OXT HXT  sing N N 119 
GLY N   CA   sing N N 120 
GLY N   H    sing N N 121 
GLY N   H2   sing N N 122 
GLY CA  C    sing N N 123 
GLY CA  HA2  sing N N 124 
GLY CA  HA3  sing N N 125 
GLY C   O    doub N N 126 
GLY C   OXT  sing N N 127 
GLY OXT HXT  sing N N 128 
HIS N   CA   sing N N 129 
HIS N   H    sing N N 130 
HIS N   H2   sing N N 131 
HIS CA  C    sing N N 132 
HIS CA  CB   sing N N 133 
HIS CA  HA   sing N N 134 
HIS C   O    doub N N 135 
HIS C   OXT  sing N N 136 
HIS CB  CG   sing N N 137 
HIS CB  HB2  sing N N 138 
HIS CB  HB3  sing N N 139 
HIS CG  ND1  sing Y N 140 
HIS CG  CD2  doub Y N 141 
HIS ND1 CE1  doub Y N 142 
HIS ND1 HD1  sing N N 143 
HIS CD2 NE2  sing Y N 144 
HIS CD2 HD2  sing N N 145 
HIS CE1 NE2  sing Y N 146 
HIS CE1 HE1  sing N N 147 
HIS NE2 HE2  sing N N 148 
HIS OXT HXT  sing N N 149 
HOH O   H1   sing N N 150 
HOH O   H2   sing N N 151 
ILE N   CA   sing N N 152 
ILE N   H    sing N N 153 
ILE N   H2   sing N N 154 
ILE CA  C    sing N N 155 
ILE CA  CB   sing N N 156 
ILE CA  HA   sing N N 157 
ILE C   O    doub N N 158 
ILE C   OXT  sing N N 159 
ILE CB  CG1  sing N N 160 
ILE CB  CG2  sing N N 161 
ILE CB  HB   sing N N 162 
ILE CG1 CD1  sing N N 163 
ILE CG1 HG12 sing N N 164 
ILE CG1 HG13 sing N N 165 
ILE CG2 HG21 sing N N 166 
ILE CG2 HG22 sing N N 167 
ILE CG2 HG23 sing N N 168 
ILE CD1 HD11 sing N N 169 
ILE CD1 HD12 sing N N 170 
ILE CD1 HD13 sing N N 171 
ILE OXT HXT  sing N N 172 
LEU N   CA   sing N N 173 
LEU N   H    sing N N 174 
LEU N   H2   sing N N 175 
LEU CA  C    sing N N 176 
LEU CA  CB   sing N N 177 
LEU CA  HA   sing N N 178 
LEU C   O    doub N N 179 
LEU C   OXT  sing N N 180 
LEU CB  CG   sing N N 181 
LEU CB  HB2  sing N N 182 
LEU CB  HB3  sing N N 183 
LEU CG  CD1  sing N N 184 
LEU CG  CD2  sing N N 185 
LEU CG  HG   sing N N 186 
LEU CD1 HD11 sing N N 187 
LEU CD1 HD12 sing N N 188 
LEU CD1 HD13 sing N N 189 
LEU CD2 HD21 sing N N 190 
LEU CD2 HD22 sing N N 191 
LEU CD2 HD23 sing N N 192 
LEU OXT HXT  sing N N 193 
LYS N   CA   sing N N 194 
LYS N   H    sing N N 195 
LYS N   H2   sing N N 196 
LYS CA  C    sing N N 197 
LYS CA  CB   sing N N 198 
LYS CA  HA   sing N N 199 
LYS C   O    doub N N 200 
LYS C   OXT  sing N N 201 
LYS CB  CG   sing N N 202 
LYS CB  HB2  sing N N 203 
LYS CB  HB3  sing N N 204 
LYS CG  CD   sing N N 205 
LYS CG  HG2  sing N N 206 
LYS CG  HG3  sing N N 207 
LYS CD  CE   sing N N 208 
LYS CD  HD2  sing N N 209 
LYS CD  HD3  sing N N 210 
LYS CE  NZ   sing N N 211 
LYS CE  HE2  sing N N 212 
LYS CE  HE3  sing N N 213 
LYS NZ  HZ1  sing N N 214 
LYS NZ  HZ2  sing N N 215 
LYS NZ  HZ3  sing N N 216 
LYS OXT HXT  sing N N 217 
MET N   CA   sing N N 218 
MET N   H    sing N N 219 
MET N   H2   sing N N 220 
MET CA  C    sing N N 221 
MET CA  CB   sing N N 222 
MET CA  HA   sing N N 223 
MET C   O    doub N N 224 
MET C   OXT  sing N N 225 
MET CB  CG   sing N N 226 
MET CB  HB2  sing N N 227 
MET CB  HB3  sing N N 228 
MET CG  SD   sing N N 229 
MET CG  HG2  sing N N 230 
MET CG  HG3  sing N N 231 
MET SD  CE   sing N N 232 
MET CE  HE1  sing N N 233 
MET CE  HE2  sing N N 234 
MET CE  HE3  sing N N 235 
MET OXT HXT  sing N N 236 
PHE N   CA   sing N N 237 
PHE N   H    sing N N 238 
PHE N   H2   sing N N 239 
PHE CA  C    sing N N 240 
PHE CA  CB   sing N N 241 
PHE CA  HA   sing N N 242 
PHE C   O    doub N N 243 
PHE C   OXT  sing N N 244 
PHE CB  CG   sing N N 245 
PHE CB  HB2  sing N N 246 
PHE CB  HB3  sing N N 247 
PHE CG  CD1  doub Y N 248 
PHE CG  CD2  sing Y N 249 
PHE CD1 CE1  sing Y N 250 
PHE CD1 HD1  sing N N 251 
PHE CD2 CE2  doub Y N 252 
PHE CD2 HD2  sing N N 253 
PHE CE1 CZ   doub Y N 254 
PHE CE1 HE1  sing N N 255 
PHE CE2 CZ   sing Y N 256 
PHE CE2 HE2  sing N N 257 
PHE CZ  HZ   sing N N 258 
PHE OXT HXT  sing N N 259 
PRO N   CA   sing N N 260 
PRO N   CD   sing N N 261 
PRO N   H    sing N N 262 
PRO CA  C    sing N N 263 
PRO CA  CB   sing N N 264 
PRO CA  HA   sing N N 265 
PRO C   O    doub N N 266 
PRO C   OXT  sing N N 267 
PRO CB  CG   sing N N 268 
PRO CB  HB2  sing N N 269 
PRO CB  HB3  sing N N 270 
PRO CG  CD   sing N N 271 
PRO CG  HG2  sing N N 272 
PRO CG  HG3  sing N N 273 
PRO CD  HD2  sing N N 274 
PRO CD  HD3  sing N N 275 
PRO OXT HXT  sing N N 276 
SER N   CA   sing N N 277 
SER N   H    sing N N 278 
SER N   H2   sing N N 279 
SER CA  C    sing N N 280 
SER CA  CB   sing N N 281 
SER CA  HA   sing N N 282 
SER C   O    doub N N 283 
SER C   OXT  sing N N 284 
SER CB  OG   sing N N 285 
SER CB  HB2  sing N N 286 
SER CB  HB3  sing N N 287 
SER OG  HG   sing N N 288 
SER OXT HXT  sing N N 289 
SIN C1  O1   doub N N 290 
SIN C1  O2   sing N N 291 
SIN C1  C2   sing N N 292 
SIN O2  HO2  sing N N 293 
SIN C2  C3   sing N N 294 
SIN C2  H21  sing N N 295 
SIN C2  H22  sing N N 296 
SIN C3  C4   sing N N 297 
SIN C3  H31  sing N N 298 
SIN C3  H32  sing N N 299 
SIN C4  O3   doub N N 300 
SIN C4  O4   sing N N 301 
SIN O4  HO4  sing N N 302 
THR N   CA   sing N N 303 
THR N   H    sing N N 304 
THR N   H2   sing N N 305 
THR CA  C    sing N N 306 
THR CA  CB   sing N N 307 
THR CA  HA   sing N N 308 
THR C   O    doub N N 309 
THR C   OXT  sing N N 310 
THR CB  OG1  sing N N 311 
THR CB  CG2  sing N N 312 
THR CB  HB   sing N N 313 
THR OG1 HG1  sing N N 314 
THR CG2 HG21 sing N N 315 
THR CG2 HG22 sing N N 316 
THR CG2 HG23 sing N N 317 
THR OXT HXT  sing N N 318 
TRP N   CA   sing N N 319 
TRP N   H    sing N N 320 
TRP N   H2   sing N N 321 
TRP CA  C    sing N N 322 
TRP CA  CB   sing N N 323 
TRP CA  HA   sing N N 324 
TRP C   O    doub N N 325 
TRP C   OXT  sing N N 326 
TRP CB  CG   sing N N 327 
TRP CB  HB2  sing N N 328 
TRP CB  HB3  sing N N 329 
TRP CG  CD1  doub Y N 330 
TRP CG  CD2  sing Y N 331 
TRP CD1 NE1  sing Y N 332 
TRP CD1 HD1  sing N N 333 
TRP CD2 CE2  doub Y N 334 
TRP CD2 CE3  sing Y N 335 
TRP NE1 CE2  sing Y N 336 
TRP NE1 HE1  sing N N 337 
TRP CE2 CZ2  sing Y N 338 
TRP CE3 CZ3  doub Y N 339 
TRP CE3 HE3  sing N N 340 
TRP CZ2 CH2  doub Y N 341 
TRP CZ2 HZ2  sing N N 342 
TRP CZ3 CH2  sing Y N 343 
TRP CZ3 HZ3  sing N N 344 
TRP CH2 HH2  sing N N 345 
TRP OXT HXT  sing N N 346 
TYR N   CA   sing N N 347 
TYR N   H    sing N N 348 
TYR N   H2   sing N N 349 
TYR CA  C    sing N N 350 
TYR CA  CB   sing N N 351 
TYR CA  HA   sing N N 352 
TYR C   O    doub N N 353 
TYR C   OXT  sing N N 354 
TYR CB  CG   sing N N 355 
TYR CB  HB2  sing N N 356 
TYR CB  HB3  sing N N 357 
TYR CG  CD1  doub Y N 358 
TYR CG  CD2  sing Y N 359 
TYR CD1 CE1  sing Y N 360 
TYR CD1 HD1  sing N N 361 
TYR CD2 CE2  doub Y N 362 
TYR CD2 HD2  sing N N 363 
TYR CE1 CZ   doub Y N 364 
TYR CE1 HE1  sing N N 365 
TYR CE2 CZ   sing Y N 366 
TYR CE2 HE2  sing N N 367 
TYR CZ  OH   sing N N 368 
TYR OH  HH   sing N N 369 
TYR OXT HXT  sing N N 370 
VAL N   CA   sing N N 371 
VAL N   H    sing N N 372 
VAL N   H2   sing N N 373 
VAL CA  C    sing N N 374 
VAL CA  CB   sing N N 375 
VAL CA  HA   sing N N 376 
VAL C   O    doub N N 377 
VAL C   OXT  sing N N 378 
VAL CB  CG1  sing N N 379 
VAL CB  CG2  sing N N 380 
VAL CB  HB   sing N N 381 
VAL CG1 HG11 sing N N 382 
VAL CG1 HG12 sing N N 383 
VAL CG1 HG13 sing N N 384 
VAL CG2 HG21 sing N N 385 
VAL CG2 HG22 sing N N 386 
VAL CG2 HG23 sing N N 387 
VAL OXT HXT  sing N N 388 
ZQ2 C19 C18  sing N N 389 
ZQ2 C10 C9   doub Y N 390 
ZQ2 C10 C11  sing Y N 391 
ZQ2 C18 O6   sing N N 392 
ZQ2 C18 O5   sing N N 393 
ZQ2 C9  C8   sing Y N 394 
ZQ2 O6  RU2  sing N N 395 
ZQ2 O5  RU1  sing N N 396 
ZQ2 RU2 RU1  sing N N 397 
ZQ2 RU2 N2   sing N N 398 
ZQ2 C5  C6   doub Y N 399 
ZQ2 C5  C4   sing Y N 400 
ZQ2 C6  C7   sing Y N 401 
ZQ2 C11 C12  doub Y N 402 
ZQ2 C4  C3   doub Y N 403 
ZQ2 RU1 N1   sing N N 404 
ZQ2 C7  C2   doub Y N 405 
ZQ2 C8  N2   sing N N 406 
ZQ2 C8  C13  doub Y N 407 
ZQ2 C3  C2   sing Y N 408 
ZQ2 N2  C1   sing N N 409 
ZQ2 C2  N1   sing N N 410 
ZQ2 C1  N1   sing N N 411 
ZQ2 C12 C13  sing Y N 412 
ZQ2 C11 H1   sing N N 413 
ZQ2 C12 H2   sing N N 414 
ZQ2 C13 H3   sing N N 415 
ZQ2 C3  H4   sing N N 416 
ZQ2 C4  H5   sing N N 417 
ZQ2 C7  H6   sing N N 418 
ZQ2 C18 H7   sing N N 419 
ZQ2 C1  H8   sing N N 420 
ZQ2 C6  H9   sing N N 421 
ZQ2 C5  H10  sing N N 422 
ZQ2 C10 H11  sing N N 423 
ZQ2 C9  H12  sing N N 424 
ZQ2 C19 H13  sing N N 425 
ZQ2 C19 H14  sing N N 426 
ZQ2 C19 H15  sing N N 427 
ZQ2 C1  H16  sing N N 428 
ZWH C11 C10  doub Y N 429 
ZWH C11 C12  sing Y N 430 
ZWH C10 C9   sing Y N 431 
ZWH C12 C13  doub Y N 432 
ZWH C9  C8   doub Y N 433 
ZWH C13 C8   sing Y N 434 
ZWH C8  N2   sing N N 435 
ZWH N2  C1   sing N N 436 
ZWH N2  RU2  sing N N 437 
ZWH C1  N1   sing N N 438 
ZWH RU2 O31  sing N N 439 
ZWH RU2 O2   sing N N 440 
ZWH RU2 O3   sing N N 441 
ZWH RU2 RU1  sing N N 442 
ZWH O31 C42  sing N N 443 
ZWH O2  C14  sing N N 444 
ZWH O3  C41  sing N N 445 
ZWH C15 C14  sing N N 446 
ZWH C42 C32  sing N N 447 
ZWH C42 O41  sing N N 448 
ZWH O12 C17  doub N N 449 
ZWH C14 O1   sing N N 450 
ZWH N1  C2   sing N N 451 
ZWH N1  RU1  sing N N 452 
ZWH C32 C22  sing N N 453 
ZWH O41 RU1  sing N N 454 
ZWH C7  C2   doub Y N 455 
ZWH C7  C6   sing Y N 456 
ZWH C2  C3   sing Y N 457 
ZWH RU1 O1   sing N N 458 
ZWH RU1 O4   sing N N 459 
ZWH C41 C31  sing N N 460 
ZWH C41 O4   sing N N 461 
ZWH C17 C22  sing N N 462 
ZWH C17 O22  sing N N 463 
ZWH C6  C5   doub Y N 464 
ZWH C31 C21  sing N N 465 
ZWH C3  C4   doub Y N 466 
ZWH C5  C4   sing Y N 467 
ZWH O11 C16  doub N N 468 
ZWH C21 C16  sing N N 469 
ZWH C16 O21  sing N N 470 
ZWH C11 H1   sing N N 471 
ZWH C21 H2   sing N N 472 
ZWH C21 H3   sing N N 473 
ZWH O21 H4   sing N N 474 
ZWH C31 H5   sing N N 475 
ZWH C31 H6   sing N N 476 
ZWH C41 H7   sing N N 477 
ZWH C12 H8   sing N N 478 
ZWH C22 H9   sing N N 479 
ZWH C22 H10  sing N N 480 
ZWH O22 H11  sing N N 481 
ZWH C32 H12  sing N N 482 
ZWH C32 H13  sing N N 483 
ZWH C42 H14  sing N N 484 
ZWH C13 H15  sing N N 485 
ZWH C14 H16  sing N N 486 
ZWH C15 H17  sing N N 487 
ZWH C15 H18  sing N N 488 
ZWH C15 H19  sing N N 489 
ZWH C3  H20  sing N N 490 
ZWH C4  H21  sing N N 491 
ZWH C7  H22  sing N N 492 
ZWH C1  H23  sing N N 493 
ZWH C1  H24  sing N N 494 
ZWH C6  H25  sing N N 495 
ZWH C5  H26  sing N N 496 
ZWH C10 H27  sing N N 497 
ZWH C9  H28  sing N N 498 
# 
_pdbx_audit_support.funding_organization   'Not funded' 
_pdbx_audit_support.country                ? 
_pdbx_audit_support.grant_number           ? 
_pdbx_audit_support.ordinal                1 
# 
_pdbx_initial_refinement_model.id               1 
_pdbx_initial_refinement_model.entity_id_list   ? 
_pdbx_initial_refinement_model.type             'experimental model' 
_pdbx_initial_refinement_model.source_name      PDB 
_pdbx_initial_refinement_model.accession_code   193L 
_pdbx_initial_refinement_model.details          ? 
# 
_atom_sites.entry_id                    8PH7 
_atom_sites.Cartn_transf_matrix[1][1]   ? 
_atom_sites.Cartn_transf_matrix[1][2]   ? 
_atom_sites.Cartn_transf_matrix[1][3]   ? 
_atom_sites.Cartn_transf_matrix[2][1]   ? 
_atom_sites.Cartn_transf_matrix[2][2]   ? 
_atom_sites.Cartn_transf_matrix[2][3]   ? 
_atom_sites.Cartn_transf_matrix[3][1]   ? 
_atom_sites.Cartn_transf_matrix[3][2]   ? 
_atom_sites.Cartn_transf_matrix[3][3]   ? 
_atom_sites.Cartn_transf_vector[1]      ? 
_atom_sites.Cartn_transf_vector[2]      ? 
_atom_sites.Cartn_transf_vector[3]      ? 
_atom_sites.fract_transf_matrix[1][1]   0.00350508 
_atom_sites.fract_transf_matrix[1][2]   -0.00975475 
_atom_sites.fract_transf_matrix[1][3]   -0.00763707 
_atom_sites.fract_transf_matrix[2][1]   -0.00085503 
_atom_sites.fract_transf_matrix[2][2]   -0.00810840 
_atom_sites.fract_transf_matrix[2][3]   0.00996435 
_atom_sites.fract_transf_matrix[3][1]   -0.02507638 
_atom_sites.fract_transf_matrix[3][2]   -0.00447492 
_atom_sites.fract_transf_matrix[3][3]   -0.00579320 
_atom_sites.fract_transf_vector[1]      -0.252106 
_atom_sites.fract_transf_vector[2]      -0.019408 
_atom_sites.fract_transf_vector[3]      -0.233448 
_atom_sites.solution_primary            ? 
_atom_sites.solution_secondary          ? 
_atom_sites.solution_hydrogens          ? 
_atom_sites.special_details             ? 
# 
loop_
_atom_type.symbol 
_atom_type.pdbx_scat_Z 
_atom_type.pdbx_N_electrons 
_atom_type.scat_Cromer_Mann_a1 
_atom_type.scat_Cromer_Mann_b1 
_atom_type.scat_Cromer_Mann_a2 
_atom_type.scat_Cromer_Mann_b2 
_atom_type.scat_Cromer_Mann_a3 
_atom_type.scat_Cromer_Mann_b3 
_atom_type.scat_Cromer_Mann_a4 
_atom_type.scat_Cromer_Mann_b4 
_atom_type.scat_Cromer_Mann_c 
C  6  6  2.3103  20.8439 1.0201  10.2075 1.5888 0.5687  0.8651 51.6512  0.2156   
F  9  9  3.5395  10.2825 2.6414  4.2944  1.5171 0.2615  1.0244 26.1476  0.3057   
H  1  1  0.4930  10.5109 0.3229  26.1257 0.1402 3.1424  0.0408 57.7997  0.0030   
N  7  7  12.2220 0.0057  3.1346  9.8933  2.0141 28.9975 1.1672 0.5826   -11.5379 
NA 11 11 4.7659  3.2850  3.1758  8.8422  1.2683 0.3136  1.1136 129.4240 0.7359   
O  8  8  3.0487  13.2771 2.2870  5.7011  1.5464 0.3239  0.8671 32.9089  0.2508   
RU 44 44 19.2695 0.8085  12.9196 8.4347  4.8639 24.7997 1.5677 94.2928  4.6904   
S  16 16 6.9054  1.4679  5.2035  22.2151 1.4379 0.2536  1.5863 56.1720  1.0555   
# 
loop_
_atom_site.group_PDB 
_atom_site.id 
_atom_site.type_symbol 
_atom_site.label_atom_id 
_atom_site.label_alt_id 
_atom_site.label_comp_id 
_atom_site.label_asym_id 
_atom_site.label_entity_id 
_atom_site.label_seq_id 
_atom_site.pdbx_PDB_ins_code 
_atom_site.Cartn_x 
_atom_site.Cartn_y 
_atom_site.Cartn_z 
_atom_site.occupancy 
_atom_site.B_iso_or_equiv 
_atom_site.pdbx_formal_charge 
_atom_site.auth_seq_id 
_atom_site.auth_comp_id 
_atom_site.auth_asym_id 
_atom_site.auth_atom_id 
_atom_site.pdbx_PDB_model_num 
_atom_site.calc_flag 
ATOM   1    N  N   . LYS A 1 1   ? 11.382  -8.479  -1.594  1.000 23.415  0 1   LYS A N   1 ? 
ATOM   2    C  CA  . LYS A 1 1   ? 12.397  -7.408  -1.782  1.000 23.737  0 1   LYS A CA  1 ? 
ATOM   3    C  C   . LYS A 1 1   ? 12.203  -6.328  -0.725  1.000 23.882  0 1   LYS A C   1 ? 
ATOM   4    O  O   . LYS A 1 1   ? 11.070  -5.925  -0.461  1.000 23.313  0 1   LYS A O   1 ? 
ATOM   5    C  CB  . LYS A 1 1   ? 12.272  -6.846  -3.194  1.000 27.083  0 1   LYS A CB  1 ? 
ATOM   6    C  CG  . LYS A 1 1   ? 13.153  -5.645  -3.526  1.000 26.265  0 1   LYS A CG  1 ? 
ATOM   7    C  CD  . LYS A 1 1   ? 12.759  -5.103  -4.867  1.000 28.355  0 1   LYS A CD  1 ? 
ATOM   8    C  CE  . LYS A 1 1   ? 13.485  -3.851  -5.286  1.000 29.463  0 1   LYS A CE  1 ? 
ATOM   9    N  NZ  . LYS A 1 1   ? 14.935  -3.991  -5.060  1.000 32.517  0 1   LYS A NZ  1 ? 
ATOM   10   N  N   . VAL A 1 2   ? 13.310  -5.897  -0.108  1.000 23.605  0 2   VAL A N   1 ? 
ATOM   11   C  CA  . VAL A 1 2   ? 13.324  -4.727  0.758   1.000 22.460  0 2   VAL A CA  1 ? 
ATOM   12   C  C   . VAL A 1 2   ? 13.840  -3.523  -0.040  1.000 25.315  0 2   VAL A C   1 ? 
ATOM   13   O  O   . VAL A 1 2   ? 15.027  -3.455  -0.392  1.000 26.408  0 2   VAL A O   1 ? 
ATOM   14   C  CB  . VAL A 1 2   ? 14.181  -4.957  2.017   1.000 23.728  0 2   VAL A CB  1 ? 
ATOM   15   C  CG1 . VAL A 1 2   ? 14.237  -3.718  2.901   1.000 24.622  0 2   VAL A CG1 1 ? 
ATOM   16   C  CG2 . VAL A 1 2   ? 13.698  -6.157  2.825   1.000 23.028  0 2   VAL A CG2 1 ? 
ATOM   17   N  N   . PHE A 1 3   ? 12.946  -2.568  -0.339  1.000 21.261  0 3   PHE A N   1 ? 
ATOM   18   C  CA  . PHE A 1 3   ? 13.309  -1.393  -1.125  1.000 22.695  0 3   PHE A CA  1 ? 
ATOM   19   C  C   . PHE A 1 3   ? 14.094  -0.385  -0.296  1.000 21.946  0 3   PHE A C   1 ? 
ATOM   20   O  O   . PHE A 1 3   ? 13.908  -0.251  0.907   1.000 23.591  0 3   PHE A O   1 ? 
ATOM   21   C  CB  . PHE A 1 3   ? 12.070  -0.646  -1.626  1.000 23.603  0 3   PHE A CB  1 ? 
ATOM   22   C  CG  . PHE A 1 3   ? 11.373  -1.209  -2.837  1.000 22.103  0 3   PHE A CG  1 ? 
ATOM   23   C  CD1 . PHE A 1 3   ? 10.608  -2.365  -2.769  1.000 23.805  0 3   PHE A CD1 1 ? 
ATOM   24   C  CD2 . PHE A 1 3   ? 11.460  -0.563  -4.066  1.000 21.251  0 3   PHE A CD2 1 ? 
ATOM   25   C  CE1 . PHE A 1 3   ? 9.952   -2.855  -3.892  1.000 21.830  0 3   PHE A CE1 1 ? 
ATOM   26   C  CE2 . PHE A 1 3   ? 10.814  -1.060  -5.187  1.000 22.034  0 3   PHE A CE2 1 ? 
ATOM   27   C  CZ  . PHE A 1 3   ? 10.060  -2.211  -5.105  1.000 24.980  0 3   PHE A CZ  1 ? 
ATOM   28   N  N   . GLY A 1 4   ? 14.959  0.388   -0.977  1.000 24.228  0 4   GLY A N   1 ? 
ATOM   29   C  CA  . GLY A 1 4   ? 15.416  1.643   -0.413  1.000 23.700  0 4   GLY A CA  1 ? 
ATOM   30   C  C   . GLY A 1 4   ? 14.314  2.693   -0.554  1.000 21.396  0 4   GLY A C   1 ? 
ATOM   31   O  O   . GLY A 1 4   ? 13.437  2.560   -1.411  1.000 22.413  0 4   GLY A O   1 ? 
ATOM   32   N  N   . ARG A 1 5   ? 14.398  3.740   0.260   1.000 22.504  0 5   ARG A N   1 ? 
ATOM   33   C  CA  . ARG A 1 5   ? 13.393  4.803   0.315   1.000 22.119  0 5   ARG A CA  1 ? 
ATOM   34   C  C   . ARG A 1 5   ? 13.254  5.506   -1.042  1.000 22.859  0 5   ARG A C   1 ? 
ATOM   35   O  O   . ARG A 1 5   ? 12.150  5.636   -1.578  1.000 20.736  0 5   ARG A O   1 ? 
ATOM   36   C  CB  . ARG A 1 5   ? 13.790  5.774   1.435   1.000 24.007  0 5   ARG A CB  1 ? 
ATOM   37   C  CG  . ARG A 1 5   ? 12.896  6.993   1.555   1.000 23.509  0 5   ARG A CG  1 ? 
ATOM   38   C  CD  . ARG A 1 5   ? 13.279  7.808   2.775   1.000 27.031  0 5   ARG A CD  1 ? 
ATOM   39   N  NE  . ARG A 1 5   ? 14.635  8.350   2.741   1.000 30.407  0 5   ARG A NE  1 ? 
ATOM   40   C  CZ  . ARG A 1 5   ? 14.996  9.481   2.141   1.000 30.578  0 5   ARG A CZ  1 ? 
ATOM   41   N  NH1 . ARG A 1 5   ? 14.132  10.180  1.430   1.000 29.246  0 5   ARG A NH1 1 ? 
ATOM   42   N  NH2 . ARG A 1 5   ? 16.247  9.896   2.238   1.000 34.150  0 5   ARG A NH2 1 ? 
ATOM   43   N  N   . CYS A 1 6   ? 14.382  5.934   -1.636  1.000 22.884  0 6   CYS A N   1 ? 
ATOM   44   C  CA  . CYS A 1 6   ? 14.332  6.696   -2.880  1.000 21.811  0 6   CYS A CA  1 ? 
ATOM   45   C  C   . CYS A 1 6   ? 14.013  5.785   -4.080  1.000 20.142  0 6   CYS A C   1 ? 
ATOM   46   O  O   . CYS A 1 6   ? 13.345  6.189   -5.029  1.000 20.219  0 6   CYS A O   1 ? 
ATOM   47   C  CB  . CYS A 1 6   ? 15.631  7.483   -3.111  1.000 22.572  0 6   CYS A CB  1 ? 
ATOM   48   S  SG  . CYS A 1 6   ? 15.949  8.821   -1.921  1.000 25.218  0 6   CYS A SG  1 ? 
ATOM   49   N  N   . GLU A 1 7   ? 14.476  4.524   -4.019  1.000 20.754  0 7   GLU A N   1 ? 
ATOM   50   C  CA  . GLU A 1 7   ? 14.093  3.491   -4.975  1.000 22.647  0 7   GLU A CA  1 ? 
ATOM   51   C  C   . GLU A 1 7   ? 12.563  3.318   -5.053  1.000 20.751  0 7   GLU A C   1 ? 
ATOM   52   O  O   . GLU A 1 7   ? 11.995  3.266   -6.156  1.000 19.839  0 7   GLU A O   1 ? 
ATOM   53   C  CB  . GLU A 1 7   ? 14.815  2.191   -4.577  1.000 25.346  0 7   GLU A CB  1 ? 
ATOM   54   C  CG  . GLU A 1 7   ? 14.558  1.006   -5.485  1.000 27.137  0 7   GLU A CG  1 ? 
ATOM   55   C  CD  . GLU A 1 7   ? 15.201  -0.293  -5.021  1.000 30.110  0 7   GLU A CD  1 ? 
ATOM   56   O  OE1 . GLU A 1 7   ? 15.541  -0.412  -3.825  1.000 35.705  0 7   GLU A OE1 1 ? 
ATOM   57   O  OE2 . GLU A 1 7   ? 15.399  -1.166  -5.871  1.000 33.284  0 7   GLU A OE2 1 ? 
ATOM   58   N  N   . LEU A 1 8   ? 11.889  3.179   -3.901  1.000 21.326  0 8   LEU A N   1 ? 
ATOM   59   C  CA  . LEU A 1 8   ? 10.435  3.012   -3.884  1.000 22.588  0 8   LEU A CA  1 ? 
ATOM   60   C  C   . LEU A 1 8   ? 9.690   4.277   -4.335  1.000 20.912  0 8   LEU A C   1 ? 
ATOM   61   O  O   . LEU A 1 8   ? 8.678   4.201   -5.039  1.000 18.200  0 8   LEU A O   1 ? 
ATOM   62   C  CB  . LEU A 1 8   ? 9.990   2.583   -2.484  1.000 22.437  0 8   LEU A CB  1 ? 
ATOM   63   C  CG  . LEU A 1 8   ? 8.489   2.314   -2.341  1.000 21.675  0 8   LEU A CG  1 ? 
ATOM   64   C  CD1 . LEU A 1 8   ? 8.069   1.141   -3.198  1.000 22.263  0 8   LEU A CD1 1 ? 
ATOM   65   C  CD2 . LEU A 1 8   ? 8.121   2.070   -0.876  1.000 21.371  0 8   LEU A CD2 1 ? 
ATOM   66   N  N   . ALA A 1 9   ? 10.198  5.468   -3.974  1.000 20.918  0 9   ALA A N   1 ? 
ATOM   67   C  CA  . ALA A 1 9   ? 9.572   6.702   -4.418  1.000 22.078  0 9   ALA A CA  1 ? 
ATOM   68   C  C   . ALA A 1 9   ? 9.552   6.770   -5.950  1.000 21.659  0 9   ALA A C   1 ? 
ATOM   69   O  O   . ALA A 1 9   ? 8.545   7.096   -6.578  1.000 20.169  0 9   ALA A O   1 ? 
ATOM   70   C  CB  . ALA A 1 9   ? 10.302  7.881   -3.816  1.000 22.418  0 9   ALA A CB  1 ? 
ATOM   71   N  N   . ALA A 1 10  ? 10.671  6.385   -6.581  1.000 22.187  0 10  ALA A N   1 ? 
ATOM   72   C  CA  . ALA A 1 10  ? 10.796  6.397   -8.029  1.000 22.878  0 10  ALA A CA  1 ? 
ATOM   73   C  C   . ALA A 1 10  ? 9.830   5.417   -8.697  1.000 19.277  0 10  ALA A C   1 ? 
ATOM   74   O  O   . ALA A 1 10  ? 9.248   5.743   -9.723  1.000 20.758  0 10  ALA A O   1 ? 
ATOM   75   C  CB  . ALA A 1 10  ? 12.237  6.086   -8.398  1.000 24.444  0 10  ALA A CB  1 ? 
ATOM   76   N  N   . ALA A 1 11  ? 9.630   4.236   -8.095  1.000 21.715  0 11  ALA A N   1 ? 
ATOM   77   C  CA  . ALA A 1 11  ? 8.755   3.207   -8.640  1.000 22.670  0 11  ALA A CA  1 ? 
ATOM   78   C  C   . ALA A 1 11  ? 7.294   3.608   -8.503  1.000 22.454  0 11  ALA A C   1 ? 
ATOM   79   O  O   . ALA A 1 11  ? 6.518   3.429   -9.447  1.000 19.780  0 11  ALA A O   1 ? 
ATOM   80   C  CB  . ALA A 1 11  ? 8.999   1.888   -7.949  1.000 22.952  0 11  ALA A CB  1 ? 
ATOM   81   N  N   . MET A 1 12  ? 6.938   4.210   -7.360  1.000 22.245  0 12  MET A N   1 ? 
ATOM   82   C  CA  . MET A 1 12  ? 5.560   4.663   -7.174  1.000 22.742  0 12  MET A CA  1 ? 
ATOM   83   C  C   . MET A 1 12  ? 5.213   5.813   -8.137  1.000 20.917  0 12  MET A C   1 ? 
ATOM   84   O  O   . MET A 1 12  ? 4.120   5.849   -8.704  1.000 20.843  0 12  MET A O   1 ? 
ATOM   85   C  CB  . MET A 1 12  ? 5.315   5.057   -5.713  1.000 21.941  0 12  MET A CB  1 ? 
ATOM   86   C  CG  . MET A 1 12  ? 5.318   3.867   -4.728  1.000 21.066  0 12  MET A CG  1 ? 
ATOM   87   S  SD  . MET A 1 12  ? 5.114   4.428   -3.000  1.000 20.475  0 12  MET A SD  1 ? 
ATOM   88   C  CE  . MET A 1 12  ? 4.087   3.123   -2.313  1.000 22.298  0 12  MET A CE  1 ? 
ATOM   89   N  N   . LYS A 1 13  ? 6.144   6.756   -8.358  1.000 22.617  0 13  LYS A N   1 ? 
ATOM   90   C  CA  . LYS A 1 13  ? 5.933   7.841   -9.312  1.000 22.529  0 13  LYS A CA  1 ? 
ATOM   91   C  C   . LYS A 1 13  ? 5.751   7.316   -10.746 1.000 23.344  0 13  LYS A C   1 ? 
ATOM   92   O  O   . LYS A 1 13  ? 4.831   7.749   -11.459 1.000 21.525  0 13  LYS A O   1 ? 
ATOM   93   C  CB  . LYS A 1 13  ? 7.114   8.808   -9.213  1.000 24.789  0 13  LYS A CB  1 ? 
ATOM   94   C  CG  . LYS A 1 13  ? 6.974   10.078  -10.046 1.000 27.333  0 13  LYS A CG  1 ? 
ATOM   95   C  CD  . LYS A 1 13  ? 8.021   11.099  -9.631  1.000 28.959  0 13  LYS A CD  1 ? 
ATOM   96   C  CE  . LYS A 1 13  ? 7.932   12.428  -10.338 1.000 36.220  0 13  LYS A CE  1 ? 
ATOM   97   N  NZ  . LYS A 1 13  ? 9.220   13.149  -10.204 1.000 36.421  0 13  LYS A NZ  1 ? 
ATOM   98   N  N   . ARG A 1 14  ? 6.607   6.362   -11.155 1.000 22.183  0 14  ARG A N   1 ? 
ATOM   99   C  CA  . ARG A 1 14  ? 6.519   5.751   -12.479 1.000 25.170  0 14  ARG A CA  1 ? 
ATOM   100  C  C   . ARG A 1 14  ? 5.127   5.145   -12.701 1.000 25.074  0 14  ARG A C   1 ? 
ATOM   101  O  O   . ARG A 1 14  ? 4.530   5.328   -13.767 1.000 24.800  0 14  ARG A O   1 ? 
ATOM   102  C  CB  . ARG A 1 14  ? 7.700   4.777   -12.622 1.000 27.038  0 14  ARG A CB  1 ? 
ATOM   103  C  CG  . ARG A 1 14  ? 7.981   4.275   -14.034 1.000 32.097  0 14  ARG A CG  1 ? 
ATOM   104  C  CD  . ARG A 1 14  ? 7.347   2.942   -14.390 1.000 31.978  0 14  ARG A CD  1 ? 
ATOM   105  N  NE  . ARG A 1 14  ? 7.932   1.869   -13.601 1.000 30.086  0 14  ARG A NE  1 ? 
ATOM   106  C  CZ  . ARG A 1 14  ? 7.510   0.614   -13.600 1.000 27.884  0 14  ARG A CZ  1 ? 
ATOM   107  N  NH1 . ARG A 1 14  ? 6.596   0.214   -14.464 1.000 27.518  0 14  ARG A NH1 1 ? 
ATOM   108  N  NH2 . ARG A 1 14  ? 8.009   -0.242  -12.730 1.000 30.316  0 14  ARG A NH2 1 ? 
ATOM   109  N  N   . HIS A 1 15  ? 4.557   4.519   -11.658 1.000 24.303  0 15  HIS A N   1 ? 
ATOM   110  C  CA  . HIS A 1 15  ? 3.255   3.865   -11.728 1.000 27.121  0 15  HIS A CA  1 ? 
ATOM   111  C  C   . HIS A 1 15  ? 2.076   4.836   -11.578 1.000 29.575  0 15  HIS A C   1 ? 
ATOM   112  O  O   . HIS A 1 15  ? 0.925   4.395   -11.612 1.000 31.956  0 15  HIS A O   1 ? 
ATOM   113  C  CB  . HIS A 1 15  ? 3.149   2.752   -10.672 1.000 25.761  0 15  HIS A CB  1 ? 
ATOM   114  C  CG  . HIS A 1 15  ? 3.900   1.500   -10.998 1.000 25.093  0 15  HIS A CG  1 ? 
ATOM   115  N  ND1 . HIS A 1 15  ? 3.403   0.536   -11.850 1.000 27.301  0 15  HIS A ND1 1 ? 
ATOM   116  C  CD2 . HIS A 1 15  ? 5.068   1.039   -10.564 1.000 27.167  0 15  HIS A CD2 1 ? 
ATOM   117  C  CE1 . HIS A 1 15  ? 4.274   -0.454  -11.939 1.000 25.957  0 15  HIS A CE1 1 ? 
ATOM   118  N  NE2 . HIS A 1 15  ? 5.300   -0.176  -11.168 1.000 27.980  0 15  HIS A NE2 1 ? 
ATOM   119  N  N   . GLY A 1 16  ? 2.342   6.133   -11.386 1.000 30.376  0 16  GLY A N   1 ? 
ATOM   120  C  CA  . GLY A 1 16  ? 1.304   7.158   -11.429 1.000 31.200  0 16  GLY A CA  1 ? 
ATOM   121  C  C   . GLY A 1 16  ? 0.650   7.502   -10.077 1.000 28.690  0 16  GLY A C   1 ? 
ATOM   122  O  O   . GLY A 1 16  ? -0.447  8.054   -10.077 1.000 28.161  0 16  GLY A O   1 ? 
ATOM   123  N  N   . LEU A 1 17  ? 1.327   7.274   -8.937  1.000 27.421  0 17  LEU A N   1 ? 
ATOM   124  C  CA  . LEU A 1 17  ? 0.740   7.569   -7.628  1.000 24.125  0 17  LEU A CA  1 ? 
ATOM   125  C  C   . LEU A 1 17  ? 0.970   9.024   -7.170  1.000 23.732  0 17  LEU A C   1 ? 
ATOM   126  O  O   . LEU A 1 17  ? 0.228   9.524   -6.318  1.000 23.931  0 17  LEU A O   1 ? 
ATOM   127  C  CB  . LEU A 1 17  ? 1.237   6.561   -6.580  1.000 23.719  0 17  LEU A CB  1 ? 
ATOM   128  C  CG  . LEU A 1 17  ? 0.616   5.153   -6.585  1.000 20.948  0 17  LEU A CG  1 ? 
ATOM   129  C  CD1 . LEU A 1 17  ? 1.189   4.318   -5.452  1.000 21.434  0 17  LEU A CD1 1 ? 
ATOM   130  C  CD2 . LEU A 1 17  ? -0.901  5.191   -6.468  1.000 21.003  0 17  LEU A CD2 1 ? 
ATOM   131  N  N   . ASP A 1 18  ? 1.902   9.782   -7.766  1.000 22.814  0 18  ASP A N   1 ? 
ATOM   132  C  CA  . ASP A 1 18  ? 2.130   11.159  -7.327  1.000 25.791  0 18  ASP A CA  1 ? 
ATOM   133  C  C   . ASP A 1 18  ? 0.929   12.046  -7.677  1.000 27.806  0 18  ASP A C   1 ? 
ATOM   134  O  O   . ASP A 1 18  ? 0.644   12.293  -8.848  1.000 26.847  0 18  ASP A O   1 ? 
ATOM   135  C  CB  . ASP A 1 18  ? 3.420   11.753  -7.910  1.000 26.743  0 18  ASP A CB  1 ? 
ATOM   136  C  CG  . ASP A 1 18  ? 3.901   13.048  -7.252  1.000 29.016  0 18  ASP A CG  1 ? 
ATOM   137  O  OD1 . ASP A 1 18  ? 3.349   13.450  -6.190  1.000 29.155  0 18  ASP A OD1 1 ? 
ATOM   138  O  OD2 . ASP A 1 18  ? 4.829   13.684  -7.820  1.000 33.738  0 18  ASP A OD2 1 ? 
ATOM   139  N  N   . ASN A 1 19  ? 0.228   12.514  -6.631  1.000 27.176  0 19  ASN A N   1 ? 
ATOM   140  C  CA  . ASN A 1 19  ? -1.009  13.275  -6.734  1.000 27.589  0 19  ASN A CA  1 ? 
ATOM   141  C  C   . ASN A 1 19  ? -2.186  12.449  -7.259  1.000 26.939  0 19  ASN A C   1 ? 
ATOM   142  O  O   . ASN A 1 19  ? -3.192  13.021  -7.713  1.000 25.361  0 19  ASN A O   1 ? 
ATOM   143  C  CB  . ASN A 1 19  ? -0.806  14.560  -7.543  1.000 34.505  0 19  ASN A CB  1 ? 
ATOM   144  C  CG  . ASN A 1 19  ? 0.116   15.504  -6.799  1.000 40.681  0 19  ASN A CG  1 ? 
ATOM   145  O  OD1 . ASN A 1 19  ? -0.125  15.800  -5.627  1.000 46.092  0 19  ASN A OD1 1 ? 
ATOM   146  N  ND2 . ASN A 1 19  ? 1.175   15.957  -7.453  1.000 49.441  0 19  ASN A ND2 1 ? 
ATOM   147  N  N   . TYR A 1 20  ? -2.144  11.124  -7.099  1.000 24.397  0 20  TYR A N   1 ? 
ATOM   148  C  CA  . TYR A 1 20  ? -3.323  10.345  -7.448  1.000 26.544  0 20  TYR A CA  1 ? 
ATOM   149  C  C   . TYR A 1 20  ? -4.438  10.606  -6.425  1.000 27.681  0 20  TYR A C   1 ? 
ATOM   150  O  O   . TYR A 1 20  ? -4.241  10.448  -5.218  1.000 24.234  0 20  TYR A O   1 ? 
ATOM   151  C  CB  . TYR A 1 20  ? -2.971  8.868   -7.626  1.000 24.307  0 20  TYR A CB  1 ? 
ATOM   152  C  CG  . TYR A 1 20  ? -4.114  8.035   -8.191  1.000 25.247  0 20  TYR A CG  1 ? 
ATOM   153  C  CD1 . TYR A 1 20  ? -4.328  7.943   -9.559  1.000 30.036  0 20  TYR A CD1 1 ? 
ATOM   154  C  CD2 . TYR A 1 20  ? -5.002  7.364   -7.367  1.000 24.561  0 20  TYR A CD2 1 ? 
ATOM   155  C  CE1 . TYR A 1 20  ? -5.377  7.199   -10.086 1.000 29.240  0 20  TYR A CE1 1 ? 
ATOM   156  C  CE2 . TYR A 1 20  ? -6.050  6.614   -7.877  1.000 25.869  0 20  TYR A CE2 1 ? 
ATOM   157  C  CZ  . TYR A 1 20  ? -6.259  6.545   -9.245  1.000 30.170  0 20  TYR A CZ  1 ? 
ATOM   158  O  OH  . TYR A 1 20  ? -7.292  5.805   -9.780  1.000 29.923  0 20  TYR A OH  1 ? 
ATOM   159  N  N   . ARG A 1 21  ? -5.616  11.013  -6.934  1.000 27.073  0 21  ARG A N   1 ? 
ATOM   160  C  CA  . ARG A 1 21  ? -6.755  11.428  -6.117  1.000 30.554  0 21  ARG A CA  1 ? 
ATOM   161  C  C   . ARG A 1 21  ? -6.347  12.461  -5.057  1.000 27.432  0 21  ARG A C   1 ? 
ATOM   162  O  O   . ARG A 1 21  ? -6.927  12.501  -3.965  1.000 29.326  0 21  ARG A O   1 ? 
ATOM   163  C  CB  . ARG A 1 21  ? -7.436  10.206  -5.489  1.000 30.997  0 21  ARG A CB  1 ? 
ATOM   164  C  CG  . ARG A 1 21  ? -7.939  9.183   -6.499  1.000 35.898  0 21  ARG A CG  1 ? 
ATOM   165  C  CD  . ARG A 1 21  ? -9.025  9.713   -7.416  1.000 39.739  0 21  ARG A CD  1 ? 
ATOM   166  N  NE  . ARG A 1 21  ? -9.020  8.986   -8.682  1.000 47.164  0 21  ARG A NE  1 ? 
ATOM   167  C  CZ  . ARG A 1 21  ? -10.060 8.343   -9.207  1.000 53.440  0 21  ARG A CZ  1 ? 
ATOM   168  N  NH1 . ARG A 1 21  ? -11.236 8.384   -8.604  1.000 58.329  0 21  ARG A NH1 1 ? 
ATOM   169  N  NH2 . ARG A 1 21  ? -9.921  7.659   -10.333 1.000 53.597  0 21  ARG A NH2 1 ? 
ATOM   170  N  N   . GLY A 1 22  ? -5.396  13.335  -5.421  1.000 22.729  0 22  GLY A N   1 ? 
ATOM   171  C  CA  . GLY A 1 22  ? -4.911  14.462  -4.633  1.000 22.101  0 22  GLY A CA  1 ? 
ATOM   172  C  C   . GLY A 1 22  ? -3.855  14.156  -3.550  1.000 22.189  0 22  GLY A C   1 ? 
ATOM   173  O  O   . GLY A 1 22  ? -3.484  15.070  -2.813  1.000 24.360  0 22  GLY A O   1 ? 
ATOM   174  N  N   . TYR A 1 23  ? -3.292  12.942  -3.521  1.000 21.926  0 23  TYR A N   1 ? 
ATOM   175  C  CA  . TYR A 1 23  ? -2.317  12.548  -2.498  1.000 19.727  0 23  TYR A CA  1 ? 
ATOM   176  C  C   . TYR A 1 23  ? -0.897  12.615  -3.070  1.000 18.647  0 23  TYR A C   1 ? 
ATOM   177  O  O   . TYR A 1 23  ? -0.551  11.810  -3.941  1.000 20.102  0 23  TYR A O   1 ? 
ATOM   178  C  CB  . TYR A 1 23  ? -2.688  11.144  -1.993  1.000 19.702  0 23  TYR A CB  1 ? 
ATOM   179  C  CG  . TYR A 1 23  ? -3.972  11.073  -1.174  1.000 18.010  0 23  TYR A CG  1 ? 
ATOM   180  C  CD1 . TYR A 1 23  ? -3.967  11.294  0.199   1.000 17.536  0 23  TYR A CD1 1 ? 
ATOM   181  C  CD2 . TYR A 1 23  ? -5.204  10.820  -1.784  1.000 17.774  0 23  TYR A CD2 1 ? 
ATOM   182  C  CE1 . TYR A 1 23  ? -5.142  11.257  0.950   1.000 17.179  0 23  TYR A CE1 1 ? 
ATOM   183  C  CE2 . TYR A 1 23  ? -6.381  10.800  -1.045  1.000 18.373  0 23  TYR A CE2 1 ? 
ATOM   184  C  CZ  . TYR A 1 23  ? -6.353  11.030  0.324   1.000 17.652  0 23  TYR A CZ  1 ? 
ATOM   185  O  OH  . TYR A 1 23  ? -7.508  10.947  1.088   1.000 18.247  0 23  TYR A OH  1 ? 
ATOM   186  N  N   . SER A 1 24  ? -0.064  13.525  -2.535  1.000 19.806  0 24  SER A N   1 ? 
ATOM   187  C  CA  . SER A 1 24  ? 1.335   13.666  -2.946  1.000 21.782  0 24  SER A CA  1 ? 
ATOM   188  C  C   . SER A 1 24  ? 2.175   12.422  -2.635  1.000 20.571  0 24  SER A C   1 ? 
ATOM   189  O  O   . SER A 1 24  ? 1.847   11.600  -1.749  1.000 19.338  0 24  SER A O   1 ? 
ATOM   190  C  CB  . SER A 1 24  ? 2.000   14.876  -2.292  1.000 21.444  0 24  SER A CB  1 ? 
ATOM   191  O  OG  . SER A 1 24  ? 2.231   14.672  -0.896  1.000 25.210  0 24  SER A OG  1 ? 
ATOM   192  N  N   . LEU A 1 25  ? 3.320   12.310  -3.332  1.000 19.803  0 25  LEU A N   1 ? 
ATOM   193  C  CA  . LEU A 1 25  ? 4.132   11.101  -3.296  1.000 18.516  0 25  LEU A CA  1 ? 
ATOM   194  C  C   . LEU A 1 25  ? 4.640   10.752  -1.884  1.000 17.612  0 25  LEU A C   1 ? 
ATOM   195  O  O   . LEU A 1 25  ? 4.681   9.573   -1.525  1.000 16.488  0 25  LEU A O   1 ? 
ATOM   196  C  CB  . LEU A 1 25  ? 5.290   11.278  -4.285  1.000 18.216  0 25  LEU A CB  1 ? 
ATOM   197  C  CG  . LEU A 1 25  ? 6.112   10.017  -4.576  1.000 19.558  0 25  LEU A CG  1 ? 
ATOM   198  C  CD1 . LEU A 1 25  ? 5.260   8.940   -5.273  1.000 19.393  0 25  LEU A CD1 1 ? 
ATOM   199  C  CD2 . LEU A 1 25  ? 7.329   10.355  -5.439  1.000 18.790  0 25  LEU A CD2 1 ? 
ATOM   200  N  N   . GLY A 1 26  ? 4.993   11.744  -1.052  1.000 16.880  0 26  GLY A N   1 ? 
ATOM   201  C  CA  . GLY A 1 26  ? 5.479   11.489  0.301   1.000 17.160  0 26  GLY A CA  1 ? 
ATOM   202  C  C   . GLY A 1 26  ? 4.476   10.718  1.175   1.000 16.242  0 26  GLY A C   1 ? 
ATOM   203  O  O   . GLY A 1 26  ? 4.876   9.960   2.070   1.000 16.510  0 26  GLY A O   1 ? 
ATOM   204  N  N   . ASN A 1 27  ? 3.171   10.928  0.908   1.000 14.909  0 27  ASN A N   1 ? 
ATOM   205  C  CA  . ASN A 1 27  ? 2.092   10.212  1.581   1.000 16.313  0 27  ASN A CA  1 ? 
ATOM   206  C  C   . ASN A 1 27  ? 2.177   8.702   1.335   1.000 16.519  0 27  ASN A C   1 ? 
ATOM   207  O  O   . ASN A 1 27  ? 1.968   7.896   2.266   1.000 16.047  0 27  ASN A O   1 ? 
ATOM   208  C  CB  . ASN A 1 27  ? 0.707   10.718  1.143   1.000 16.206  0 27  ASN A CB  1 ? 
ATOM   209  C  CG  . ASN A 1 27  ? 0.337   12.046  1.800   1.000 18.366  0 27  ASN A CG  1 ? 
ATOM   210  O  OD1 . ASN A 1 27  ? -0.102  12.074  2.947   1.000 18.108  0 27  ASN A OD1 1 ? 
ATOM   211  N  ND2 . ASN A 1 27  ? 0.486   13.141  1.060   1.000 20.672  0 27  ASN A ND2 1 ? 
ATOM   212  N  N   . TRP A 1 28  ? 2.384   8.323   0.066   1.000 17.580  0 28  TRP A N   1 ? 
ATOM   213  C  CA  . TRP A 1 28  ? 2.478   6.920   -0.333  1.000 16.403  0 28  TRP A CA  1 ? 
ATOM   214  C  C   . TRP A 1 28  ? 3.766   6.271   0.200   1.000 17.198  0 28  TRP A C   1 ? 
ATOM   215  O  O   . TRP A 1 28  ? 3.710   5.134   0.643   1.000 15.894  0 28  TRP A O   1 ? 
ATOM   216  C  CB  . TRP A 1 28  ? 2.366   6.819   -1.858  1.000 16.483  0 28  TRP A CB  1 ? 
ATOM   217  C  CG  . TRP A 1 28  ? 1.042   7.256   -2.433  1.000 16.682  0 28  TRP A CG  1 ? 
ATOM   218  C  CD1 . TRP A 1 28  ? 0.769   8.418   -3.096  1.000 17.745  0 28  TRP A CD1 1 ? 
ATOM   219  C  CD2 . TRP A 1 28  ? -0.189  6.499   -2.425  1.000 17.982  0 28  TRP A CD2 1 ? 
ATOM   220  N  NE1 . TRP A 1 28  ? -0.546  8.447   -3.492  1.000 17.524  0 28  TRP A NE1 1 ? 
ATOM   221  C  CE2 . TRP A 1 28  ? -1.154  7.279   -3.101  1.000 17.983  0 28  TRP A CE2 1 ? 
ATOM   222  C  CE3 . TRP A 1 28  ? -0.573  5.251   -1.909  1.000 18.939  0 28  TRP A CE3 1 ? 
ATOM   223  C  CZ2 . TRP A 1 28  ? -2.470  6.844   -3.265  1.000 19.212  0 28  TRP A CZ2 1 ? 
ATOM   224  C  CZ3 . TRP A 1 28  ? -1.867  4.819   -2.100  1.000 18.744  0 28  TRP A CZ3 1 ? 
ATOM   225  C  CH2 . TRP A 1 28  ? -2.809  5.622   -2.744  1.000 19.773  0 28  TRP A CH2 1 ? 
ATOM   226  N  N   . VAL A 1 29  ? 4.900   6.998   0.247   1.000 16.392  0 29  VAL A N   1 ? 
ATOM   227  C  CA  . VAL A 1 29  ? 6.145   6.449   0.795   1.000 18.325  0 29  VAL A CA  1 ? 
ATOM   228  C  C   . VAL A 1 29  ? 6.046   6.303   2.320   1.000 18.107  0 29  VAL A C   1 ? 
ATOM   229  O  O   . VAL A 1 29  ? 6.495   5.319   2.888   1.000 17.431  0 29  VAL A O   1 ? 
ATOM   230  C  CB  . VAL A 1 29  ? 7.366   7.307   0.380   1.000 18.172  0 29  VAL A CB  1 ? 
ATOM   231  C  CG1 . VAL A 1 29  ? 8.653   6.865   1.063   1.000 19.642  0 29  VAL A CG1 1 ? 
ATOM   232  C  CG2 . VAL A 1 29  ? 7.525   7.372   -1.133  1.000 18.564  0 29  VAL A CG2 1 ? 
ATOM   233  N  N   . CYS A 1 30  ? 5.466   7.298   3.010   1.000 17.311  0 30  CYS A N   1 ? 
ATOM   234  C  CA  . CYS A 1 30  ? 5.260   7.226   4.446   1.000 17.507  0 30  CYS A CA  1 ? 
ATOM   235  C  C   . CYS A 1 30  ? 4.326   6.058   4.794   1.000 16.172  0 30  CYS A C   1 ? 
ATOM   236  O  O   . CYS A 1 30  ? 4.620   5.339   5.726   1.000 15.480  0 30  CYS A O   1 ? 
ATOM   237  C  CB  . CYS A 1 30  ? 4.751   8.576   4.964   1.000 19.415  0 30  CYS A CB  1 ? 
ATOM   238  S  SG  . CYS A 1 30  ? 4.441   8.695   6.742   1.000 17.368  0 30  CYS A SG  1 ? 
ATOM   239  N  N   . ALA A 1 31  ? 3.226   5.854   4.041   1.000 16.193  0 31  ALA A N   1 ? 
ATOM   240  C  CA  . ALA A 1 31  ? 2.340   4.719   4.311   1.000 16.420  0 31  ALA A CA  1 ? 
ATOM   241  C  C   . ALA A 1 31  ? 3.121   3.399   4.195   1.000 15.459  0 31  ALA A C   1 ? 
ATOM   242  O  O   . ALA A 1 31  ? 2.980   2.513   5.052   1.000 15.740  0 31  ALA A O   1 ? 
ATOM   243  C  CB  . ALA A 1 31  ? 1.160   4.743   3.367   1.000 15.066  0 31  ALA A CB  1 ? 
ATOM   244  N  N   . ALA A 1 32  ? 3.943   3.251   3.142   1.000 16.468  0 32  ALA A N   1 ? 
ATOM   245  C  CA  . ALA A 1 32  ? 4.697   2.015   2.961   1.000 15.722  0 32  ALA A CA  1 ? 
ATOM   246  C  C   . ALA A 1 32  ? 5.695   1.791   4.108   1.000 15.498  0 32  ALA A C   1 ? 
ATOM   247  O  O   . ALA A 1 32  ? 5.907   0.655   4.546   1.000 15.354  0 32  ALA A O   1 ? 
ATOM   248  C  CB  . ALA A 1 32  ? 5.379   1.935   1.613   1.000 15.162  0 32  ALA A CB  1 ? 
ATOM   249  N  N   . LYS A 1 33  ? 6.373   2.839   4.576   1.000 15.823  0 33  LYS A N   1 ? 
ATOM   250  C  CA  . LYS A 1 33  ? 7.320   2.711   5.672   1.000 17.409  0 33  LYS A CA  1 ? 
ATOM   251  C  C   . LYS A 1 33  ? 6.644   2.095   6.899   1.000 17.334  0 33  LYS A C   1 ? 
ATOM   252  O  O   . LYS A 1 33  ? 7.190   1.192   7.526   1.000 15.971  0 33  LYS A O   1 ? 
ATOM   253  C  CB  . LYS A 1 33  ? 7.878   4.076   6.095   1.000 19.791  0 33  LYS A CB  1 ? 
ATOM   254  C  CG  . LYS A 1 33  ? 8.730   4.092   7.361   1.000 22.175  0 33  LYS A CG  1 ? 
ATOM   255  C  CD  . LYS A 1 33  ? 9.993   3.245   7.292   1.000 24.975  0 33  LYS A CD  1 ? 
ATOM   256  C  CE  . LYS A 1 33  ? 10.853  3.344   8.544   1.000 29.607  0 33  LYS A CE  1 ? 
ATOM   257  N  NZ  . LYS A 1 33  ? 12.145  2.603   8.442   1.000 31.311  0 33  LYS A NZ  1 ? 
ATOM   258  N  N   . PHE A 1 34  ? 5.482   2.644   7.298   1.000 17.087  0 34  PHE A N   1 ? 
ATOM   259  C  CA  . PHE A 1 34  ? 4.856   2.253   8.551   1.000 17.567  0 34  PHE A CA  1 ? 
ATOM   260  C  C   . PHE A 1 34  ? 3.951   1.028   8.373   1.000 19.704  0 34  PHE A C   1 ? 
ATOM   261  O  O   . PHE A 1 34  ? 3.657   0.377   9.375   1.000 22.731  0 34  PHE A O   1 ? 
ATOM   262  C  CB  . PHE A 1 34  ? 4.187   3.463   9.226   1.000 17.230  0 34  PHE A CB  1 ? 
ATOM   263  C  CG  . PHE A 1 34  ? 5.193   4.506   9.647   1.000 17.189  0 34  PHE A CG  1 ? 
ATOM   264  C  CD1 . PHE A 1 34  ? 6.185   4.190   10.558  1.000 17.060  0 34  PHE A CD1 1 ? 
ATOM   265  C  CD2 . PHE A 1 34  ? 5.135   5.804   9.165   1.000 21.001  0 34  PHE A CD2 1 ? 
ATOM   266  C  CE1 . PHE A 1 34  ? 7.120   5.135   10.944  1.000 18.717  0 34  PHE A CE1 1 ? 
ATOM   267  C  CE2 . PHE A 1 34  ? 6.070   6.749   9.561   1.000 21.842  0 34  PHE A CE2 1 ? 
ATOM   268  C  CZ  . PHE A 1 34  ? 7.065   6.408   10.442  1.000 21.261  0 34  PHE A CZ  1 ? 
ATOM   269  N  N   . GLU A 1 35  ? 3.561   0.662   7.140   1.000 19.327  0 35  GLU A N   1 ? 
ATOM   270  C  CA  . GLU A 1 35  ? 2.748   -0.535  6.928   1.000 19.989  0 35  GLU A CA  1 ? 
ATOM   271  C  C   . GLU A 1 35  ? 3.657   -1.773  6.883   1.000 20.572  0 35  GLU A C   1 ? 
ATOM   272  O  O   . GLU A 1 35  ? 3.329   -2.765  7.543   1.000 20.549  0 35  GLU A O   1 ? 
ATOM   273  C  CB  . GLU A 1 35  ? 1.878   -0.430  5.674   1.000 19.019  0 35  GLU A CB  1 ? 
ATOM   274  C  CG  . GLU A 1 35  ? 0.639   0.472   5.782   1.000 20.933  0 35  GLU A CG  1 ? 
ATOM   275  C  CD  . GLU A 1 35  ? -0.503  0.021   6.686   1.000 21.322  0 35  GLU A CD  1 ? 
ATOM   276  O  OE1 . GLU A 1 35  ? -0.363  -1.023  7.337   1.000 22.689  0 35  GLU A OE1 1 ? 
ATOM   277  O  OE2 . GLU A 1 35  ? -1.516  0.776   6.835   1.000 23.885  0 35  GLU A OE2 1 ? 
ATOM   278  N  N   . SER A 1 36  ? 4.803   -1.693  6.159   1.000 18.579  0 36  SER A N   1 ? 
ATOM   279  C  CA  . SER A 1 36  ? 5.624   -2.853  5.773   1.000 18.456  0 36  SER A CA  1 ? 
ATOM   280  C  C   . SER A 1 36  ? 7.135   -2.699  6.036   1.000 20.857  0 36  SER A C   1 ? 
ATOM   281  O  O   . SER A 1 36  ? 7.892   -3.622  5.731   1.000 20.323  0 36  SER A O   1 ? 
ATOM   282  C  CB  . SER A 1 36  ? 5.417   -3.191  4.335   1.000 18.264  0 36  SER A CB  1 ? 
ATOM   283  O  OG  . SER A 1 36  ? 5.894   -2.166  3.475   1.000 16.957  0 36  SER A OG  1 ? 
ATOM   284  N  N   . ASN A 1 37  ? 7.600   -1.522  6.494   1.000 21.316  0 37  ASN A N   1 ? 
ATOM   285  C  CA  . ASN A 1 37  ? 9.038   -1.229  6.558   1.000 24.772  0 37  ASN A CA  1 ? 
ATOM   286  C  C   . ASN A 1 37  ? 9.696   -1.475  5.188   1.000 19.930  0 37  ASN A C   1 ? 
ATOM   287  O  O   . ASN A 1 37  ? 10.842  -1.938  5.103   1.000 21.261  0 37  ASN A O   1 ? 
ATOM   288  C  CB  . ASN A 1 37  ? 9.703   -2.003  7.701   1.000 26.806  0 37  ASN A CB  1 ? 
ATOM   289  C  CG  . ASN A 1 37  ? 10.831  -1.261  8.395   1.000 32.413  0 37  ASN A CG  1 ? 
ATOM   290  O  OD1 . ASN A 1 37  ? 10.874  -0.033  8.422   1.000 30.835  0 37  ASN A OD1 1 ? 
ATOM   291  N  ND2 . ASN A 1 37  ? 11.728  -2.002  9.030   1.000 38.494  0 37  ASN A ND2 1 ? 
ATOM   292  N  N   . PHE A 1 38  ? 8.973   -1.161  4.087   1.000 19.566  0 38  PHE A N   1 ? 
ATOM   293  C  CA  . PHE A 1 38  ? 9.472   -1.177  2.713   1.000 19.598  0 38  PHE A CA  1 ? 
ATOM   294  C  C   . PHE A 1 38  ? 9.742   -2.602  2.188   1.000 17.679  0 38  PHE A C   1 ? 
ATOM   295  O  O   . PHE A 1 38  ? 10.389  -2.758  1.155   1.000 19.427  0 38  PHE A O   1 ? 
ATOM   296  C  CB  . PHE A 1 38  ? 10.719  -0.284  2.508   1.000 19.550  0 38  PHE A CB  1 ? 
ATOM   297  C  CG  . PHE A 1 38  ? 10.582  1.201   2.770   1.000 19.826  0 38  PHE A CG  1 ? 
ATOM   298  C  CD1 . PHE A 1 38  ? 9.452   1.923   2.393   1.000 20.483  0 38  PHE A CD1 1 ? 
ATOM   299  C  CD2 . PHE A 1 38  ? 11.625  1.893   3.373   1.000 21.189  0 38  PHE A CD2 1 ? 
ATOM   300  C  CE1 . PHE A 1 38  ? 9.346   3.284   2.675   1.000 21.331  0 38  PHE A CE1 1 ? 
ATOM   301  C  CE2 . PHE A 1 38  ? 11.531  3.256   3.635   1.000 20.687  0 38  PHE A CE2 1 ? 
ATOM   302  C  CZ  . PHE A 1 38  ? 10.393  3.952   3.280   1.000 19.133  0 38  PHE A CZ  1 ? 
ATOM   303  N  N   . ASN A 1 39  ? 9.160   -3.623  2.855   1.000 19.605  0 39  ASN A N   1 ? 
ATOM   304  C  CA  . ASN A 1 39  ? 9.369   -5.040  2.545   1.000 20.047  0 39  ASN A CA  1 ? 
ATOM   305  C  C   . ASN A 1 39  ? 8.171   -5.633  1.796   1.000 20.462  0 39  ASN A C   1 ? 
ATOM   306  O  O   . ASN A 1 39  ? 7.083   -5.759  2.383   1.000 20.443  0 39  ASN A O   1 ? 
ATOM   307  C  CB  . ASN A 1 39  ? 9.538   -5.823  3.843   1.000 20.375  0 39  ASN A CB  1 ? 
ATOM   308  C  CG  . ASN A 1 39  ? 9.859   -7.302  3.693   1.000 21.225  0 39  ASN A CG  1 ? 
ATOM   309  O  OD1 . ASN A 1 39  ? 9.984   -7.810  2.588   1.000 21.669  0 39  ASN A OD1 1 ? 
ATOM   310  N  ND2 . ASN A 1 39  ? 10.051  -7.974  4.812   1.000 24.605  0 39  ASN A ND2 1 ? 
ATOM   311  N  N   . THR A 1 40  ? 8.376   -6.030  0.529   1.000 20.141  0 40  THR A N   1 ? 
ATOM   312  C  CA  . THR A 1 40  ? 7.281   -6.578  -0.280  1.000 19.164  0 40  THR A CA  1 ? 
ATOM   313  C  C   . THR A 1 40  ? 6.747   -7.876  0.347   1.000 18.482  0 40  THR A C   1 ? 
ATOM   314  O  O   . THR A 1 40  ? 5.616   -8.264  0.059   1.000 17.433  0 40  THR A O   1 ? 
ATOM   315  C  CB  . THR A 1 40  ? 7.642   -6.813  -1.752  1.000 20.530  0 40  THR A CB  1 ? 
ATOM   316  O  OG1 . THR A 1 40  ? 8.618   -7.850  -1.866  1.000 19.144  0 40  THR A OG1 1 ? 
ATOM   317  C  CG2 . THR A 1 40  ? 8.157   -5.579  -2.472  1.000 19.826  0 40  THR A CG2 1 ? 
ATOM   318  N  N   . GLN A 1 41  ? 7.567   -8.605  1.131   1.000 19.141  0 41  GLN A N   1 ? 
ATOM   319  C  CA  . GLN A 1 41  ? 7.159   -9.922  1.628   1.000 20.348  0 41  GLN A CA  1 ? 
ATOM   320  C  C   . GLN A 1 41  ? 6.328   -9.861  2.918   1.000 19.052  0 41  GLN A C   1 ? 
ATOM   321  O  O   . GLN A 1 41  ? 5.909   -10.904 3.413   1.000 20.133  0 41  GLN A O   1 ? 
ATOM   322  C  CB  . GLN A 1 41  ? 8.390   -10.830 1.784   1.000 21.130  0 41  GLN A CB  1 ? 
ATOM   323  C  CG  . GLN A 1 41  ? 8.848   -11.411 0.447   1.000 22.819  0 41  GLN A CG  1 ? 
ATOM   324  C  CD  . GLN A 1 41  ? 9.894   -12.492 0.615   1.000 27.607  0 41  GLN A CD  1 ? 
ATOM   325  O  OE1 . GLN A 1 41  ? 9.565   -13.669 0.747   1.000 25.416  0 41  GLN A OE1 1 ? 
ATOM   326  N  NE2 . GLN A 1 41  ? 11.147  -12.085 0.732   1.000 22.537  0 41  GLN A NE2 1 ? 
ATOM   327  N  N   . ALA A 1 42  ? 6.064   -8.672  3.496   1.000 17.038  0 42  ALA A N   1 ? 
ATOM   328  C  CA  . ALA A 1 42  ? 5.388   -8.556  4.773   1.000 17.032  0 42  ALA A CA  1 ? 
ATOM   329  C  C   . ALA A 1 42  ? 3.942   -9.084  4.741   1.000 15.120  0 42  ALA A C   1 ? 
ATOM   330  O  O   . ALA A 1 42  ? 3.191   -8.798  3.802   1.000 16.231  0 42  ALA A O   1 ? 
ATOM   331  C  CB  . ALA A 1 42  ? 5.454   -7.101  5.227   1.000 16.283  0 42  ALA A CB  1 ? 
ATOM   332  N  N   . THR A 1 43  ? 3.610   -9.912  5.742   1.000 16.301  0 43  THR A N   1 ? 
ATOM   333  C  CA  . THR A 1 43  ? 2.282   -10.471 6.000   1.000 19.397  0 43  THR A CA  1 ? 
ATOM   334  C  C   . THR A 1 43  ? 1.939   -10.320 7.482   1.000 18.999  0 43  THR A C   1 ? 
ATOM   335  O  O   . THR A 1 43  ? 2.804   -10.583 8.340   1.000 19.084  0 43  THR A O   1 ? 
ATOM   336  C  CB  . THR A 1 43  ? 2.186   -11.959 5.591   1.000 19.450  0 43  THR A CB  1 ? 
ATOM   337  O  OG1 . THR A 1 43  ? 3.066   -12.760 6.391   1.000 19.406  0 43  THR A OG1 1 ? 
ATOM   338  C  CG2 . THR A 1 43  ? 2.456   -12.174 4.124   1.000 19.865  0 43  THR A CG2 1 ? 
ATOM   339  N  N   . ASN A 1 44  ? 0.677   -9.928  7.784   1.000 19.326  0 44  ASN A N   1 ? 
ATOM   340  C  CA  . ASN A 1 44  ? 0.224   -9.667  9.144   1.000 20.348  0 44  ASN A CA  1 ? 
ATOM   341  C  C   . ASN A 1 44  ? -1.253  -10.057 9.352   1.000 20.417  0 44  ASN A C   1 ? 
ATOM   342  O  O   . ASN A 1 44  ? -2.148  -9.590  8.659   1.000 18.144  0 44  ASN A O   1 ? 
ATOM   343  C  CB  . ASN A 1 44  ? 0.497   -8.207  9.555   1.000 22.310  0 44  ASN A CB  1 ? 
ATOM   344  C  CG  . ASN A 1 44  ? 1.979   -7.877  9.692   1.000 22.029  0 44  ASN A CG  1 ? 
ATOM   345  O  OD1 . ASN A 1 44  ? 2.578   -7.156  8.882   1.000 22.710  0 44  ASN A OD1 1 ? 
ATOM   346  N  ND2 . ASN A 1 44  ? 2.616   -8.442  10.698  1.000 23.233  0 44  ASN A ND2 1 ? 
ATOM   347  N  N   . ARG A 1 45  ? -1.527  -10.924 10.332  1.000 23.164  0 45  ARG A N   1 ? 
ATOM   348  C  CA  . ARG A 1 45  ? -2.886  -11.346 10.660  1.000 25.449  0 45  ARG A CA  1 ? 
ATOM   349  C  C   . ARG A 1 45  ? -3.675  -10.227 11.352  1.000 27.275  0 45  ARG A C   1 ? 
ATOM   350  O  O   . ARG A 1 45  ? -3.117  -9.490  12.165  1.000 29.119  0 45  ARG A O   1 ? 
ATOM   351  C  CB  . ARG A 1 45  ? -2.817  -12.553 11.609  1.000 27.823  0 45  ARG A CB  1 ? 
ATOM   352  C  CG  . ARG A 1 45  ? -4.090  -13.389 11.630  1.000 32.120  0 45  ARG A CG  1 ? 
ATOM   353  C  CD  . ARG A 1 45  ? -4.190  -14.215 10.378  1.000 34.035  0 45  ARG A CD  1 ? 
ATOM   354  N  NE  . ARG A 1 45  ? -5.457  -14.906 10.207  1.000 39.898  0 45  ARG A NE  1 ? 
ATOM   355  C  CZ  . ARG A 1 45  ? -5.584  -16.215 10.003  1.000 38.434  0 45  ARG A CZ  1 ? 
ATOM   356  N  NH1 . ARG A 1 45  ? -4.602  -17.042 10.325  1.000 39.770  0 45  ARG A NH1 1 ? 
ATOM   357  N  NH2 . ARG A 1 45  ? -6.709  -16.702 9.505   1.000 36.430  0 45  ARG A NH2 1 ? 
ATOM   358  N  N   . ASN A 1 46  ? -4.980  -10.103 11.025  1.000 26.384  0 46  ASN A N   1 ? 
ATOM   359  C  CA  . ASN A 1 46  ? -5.885  -9.171  11.696  1.000 30.192  0 46  ASN A CA  1 ? 
ATOM   360  C  C   . ASN A 1 46  ? -6.748  -9.926  12.715  1.000 30.821  0 46  ASN A C   1 ? 
ATOM   361  O  O   . ASN A 1 46  ? -6.989  -11.121 12.548  1.000 35.120  0 46  ASN A O   1 ? 
ATOM   362  C  CB  . ASN A 1 46  ? -6.809  -8.461  10.692  1.000 28.558  0 46  ASN A CB  1 ? 
ATOM   363  C  CG  . ASN A 1 46  ? -6.057  -7.723  9.608   1.000 31.282  0 46  ASN A CG  1 ? 
ATOM   364  O  OD1 . ASN A 1 46  ? -6.314  -7.915  8.421   1.000 34.884  0 46  ASN A OD1 1 ? 
ATOM   365  N  ND2 . ASN A 1 46  ? -5.120  -6.886  10.007  1.000 28.993  0 46  ASN A ND2 1 ? 
ATOM   366  N  N   . THR A 1 47  ? -7.299  -9.201  13.698  1.000 40.531  0 47  THR A N   1 ? 
ATOM   367  C  CA  . THR A 1 47  ? -8.129  -9.809  14.735  1.000 42.946  0 47  THR A CA  1 ? 
ATOM   368  C  C   . THR A 1 47  ? -9.396  -10.434 14.155  1.000 41.547  0 47  THR A C   1 ? 
ATOM   369  O  O   . THR A 1 47  ? -9.870  -11.421 14.713  1.000 43.616  0 47  THR A O   1 ? 
ATOM   370  C  CB  . THR A 1 47  ? -8.505  -8.845  15.875  1.000 51.680  0 47  THR A CB  1 ? 
ATOM   371  O  OG1 . THR A 1 47  ? -9.246  -7.726  15.386  1.000 54.529  0 47  THR A OG1 1 ? 
ATOM   372  C  CG2 . THR A 1 47  ? -7.298  -8.335  16.634  1.000 52.072  0 47  THR A CG2 1 ? 
ATOM   373  N  N   . ASP A 1 48  ? -9.913  -9.911  13.025  1.000 33.518  0 48  ASP A N   1 ? 
ATOM   374  C  CA  . ASP A 1 48  ? -11.122 -10.467 12.432  1.000 30.036  0 48  ASP A CA  1 ? 
ATOM   375  C  C   . ASP A 1 48  ? -10.864 -11.779 11.689  1.000 29.162  0 48  ASP A C   1 ? 
ATOM   376  O  O   . ASP A 1 48  ? -11.821 -12.356 11.183  1.000 29.896  0 48  ASP A O   1 ? 
ATOM   377  C  CB  . ASP A 1 48  ? -11.845 -9.445  11.540  1.000 28.456  0 48  ASP A CB  1 ? 
ATOM   378  C  CG  . ASP A 1 48  ? -11.141 -9.025  10.254  1.000 29.168  0 48  ASP A CG  1 ? 
ATOM   379  O  OD1 . ASP A 1 48  ? -10.015 -9.481  10.009  1.000 25.440  0 48  ASP A OD1 1 ? 
ATOM   380  O  OD2 . ASP A 1 48  ? -11.747 -8.243  9.483   1.000 28.272  0 48  ASP A OD2 1 ? 
ATOM   381  N  N   . GLY A 1 49  ? -9.599  -12.236 11.597  1.000 31.361  0 49  GLY A N   1 ? 
ATOM   382  C  CA  . GLY A 1 49  ? -9.234  -13.475 10.922  1.000 30.362  0 49  GLY A CA  1 ? 
ATOM   383  C  C   . GLY A 1 49  ? -8.796  -13.292 9.464   1.000 29.644  0 49  GLY A C   1 ? 
ATOM   384  O  O   . GLY A 1 49  ? -8.437  -14.246 8.748   1.000 26.647  0 49  GLY A O   1 ? 
ATOM   385  N  N   . SER A 1 50  ? -8.811  -12.041 8.993   1.000 25.018  0 50  SER A N   1 ? 
ATOM   386  C  CA  . SER A 1 50  ? -8.254  -11.759 7.680   1.000 23.479  0 50  SER A CA  1 ? 
ATOM   387  C  C   . SER A 1 50  ? -6.764  -11.533 7.861   1.000 21.009  0 50  SER A C   1 ? 
ATOM   388  O  O   . SER A 1 50  ? -6.300  -11.479 9.009   1.000 19.613  0 50  SER A O   1 ? 
ATOM   389  C  CB  . SER A 1 50  ? -8.938  -10.577 7.030   1.000 24.502  0 50  SER A CB  1 ? 
ATOM   390  O  OG  . SER A 1 50  ? -8.678  -9.399  7.758   1.000 21.732  0 50  SER A OG  1 ? 
ATOM   391  N  N   . THR A 1 51  ? -6.063  -11.324 6.736   1.000 19.555  0 51  THR A N   1 ? 
ATOM   392  C  CA  . THR A 1 51  ? -4.620  -11.082 6.702   1.000 18.483  0 51  THR A CA  1 ? 
ATOM   393  C  C   . THR A 1 51  ? -4.321  -9.898  5.765   1.000 18.357  0 51  THR A C   1 ? 
ATOM   394  O  O   . THR A 1 51  ? -5.012  -9.709  4.762   1.000 19.802  0 51  THR A O   1 ? 
ATOM   395  C  CB  . THR A 1 51  ? -3.894  -12.377 6.277   1.000 18.014  0 51  THR A CB  1 ? 
ATOM   396  O  OG1 . THR A 1 51  ? -4.223  -13.434 7.183   1.000 19.085  0 51  THR A OG1 1 ? 
ATOM   397  C  CG2 . THR A 1 51  ? -2.388  -12.243 6.251   1.000 18.381  0 51  THR A CG2 1 ? 
ATOM   398  N  N   . ASP A 1 52  ? -3.269  -9.108  6.077   1.000 17.253  0 52  ASP A N   1 ? 
ATOM   399  C  CA  . ASP A 1 52  ? -2.798  -7.997  5.250   1.000 18.337  0 52  ASP A CA  1 ? 
ATOM   400  C  C   . ASP A 1 52  ? -1.521  -8.441  4.518   1.000 16.294  0 52  ASP A C   1 ? 
ATOM   401  O  O   . ASP A 1 52  ? -0.698  -9.091  5.155   1.000 17.712  0 52  ASP A O   1 ? 
ATOM   402  C  CB  . ASP A 1 52  ? -2.488  -6.758  6.118   1.000 17.915  0 52  ASP A CB  1 ? 
ATOM   403  C  CG  . ASP A 1 52  ? -3.682  -6.050  6.749   1.000 23.941  0 52  ASP A CG  1 ? 
ATOM   404  O  OD1 . ASP A 1 52  ? -4.833  -6.197  6.250   1.000 24.726  0 52  ASP A OD1 1 ? 
ATOM   405  O  OD2 . ASP A 1 52  ? -3.445  -5.340  7.736   1.000 29.083  0 52  ASP A OD2 1 ? 
ATOM   406  N  N   . TYR A 1 53  ? -1.333  -8.045  3.249   1.000 15.167  0 53  TYR A N   1 ? 
ATOM   407  C  CA  . TYR A 1 53  ? -0.254  -8.523  2.374   1.000 14.623  0 53  TYR A CA  1 ? 
ATOM   408  C  C   . TYR A 1 53  ? 0.488   -7.385  1.654   1.000 16.801  0 53  TYR A C   1 ? 
ATOM   409  O  O   . TYR A 1 53  ? -0.140  -6.540  1.024   1.000 16.473  0 53  TYR A O   1 ? 
ATOM   410  C  CB  . TYR A 1 53  ? -0.825  -9.467  1.303   1.000 15.051  0 53  TYR A CB  1 ? 
ATOM   411  C  CG  . TYR A 1 53  ? -1.493  -10.742 1.833   1.000 15.581  0 53  TYR A CG  1 ? 
ATOM   412  C  CD1 . TYR A 1 53  ? -2.818  -10.750 2.272   1.000 17.627  0 53  TYR A CD1 1 ? 
ATOM   413  C  CD2 . TYR A 1 53  ? -0.772  -11.936 1.974   1.000 17.980  0 53  TYR A CD2 1 ? 
ATOM   414  C  CE1 . TYR A 1 53  ? -3.414  -11.898 2.793   1.000 18.050  0 53  TYR A CE1 1 ? 
ATOM   415  C  CE2 . TYR A 1 53  ? -1.344  -13.081 2.530   1.000 17.388  0 53  TYR A CE2 1 ? 
ATOM   416  C  CZ  . TYR A 1 53  ? -2.675  -13.074 2.910   1.000 18.475  0 53  TYR A CZ  1 ? 
ATOM   417  O  OH  . TYR A 1 53  ? -3.221  -14.240 3.436   1.000 19.513  0 53  TYR A OH  1 ? 
ATOM   418  N  N   . GLY A 1 54  ? 1.838   -7.458  1.670   1.000 16.887  0 54  GLY A N   1 ? 
ATOM   419  C  CA  . GLY A 1 54  ? 2.716   -6.699  0.777   1.000 18.424  0 54  GLY A CA  1 ? 
ATOM   420  C  C   . GLY A 1 54  ? 3.118   -5.306  1.270   1.000 17.969  0 54  GLY A C   1 ? 
ATOM   421  O  O   . GLY A 1 54  ? 2.922   -4.939  2.418   1.000 17.249  0 54  GLY A O   1 ? 
ATOM   422  N  N   . ILE A 1 55  ? 3.636   -4.511  0.323   1.000 20.030  0 55  ILE A N   1 ? 
ATOM   423  C  CA  . ILE A 1 55  ? 4.193   -3.180  0.579   1.000 20.560  0 55  ILE A CA  1 ? 
ATOM   424  C  C   . ILE A 1 55  ? 3.162   -2.211  1.199   1.000 20.726  0 55  ILE A C   1 ? 
ATOM   425  O  O   . ILE A 1 55  ? 3.563   -1.343  1.985   1.000 18.466  0 55  ILE A O   1 ? 
ATOM   426  C  CB  . ILE A 1 55  ? 4.835   -2.660  -0.732  1.000 27.474  0 55  ILE A CB  1 ? 
ATOM   427  C  CG1 . ILE A 1 55  ? 5.789   -1.486  -0.500  1.000 31.518  0 55  ILE A CG1 1 ? 
ATOM   428  C  CG2 . ILE A 1 55  ? 3.799   -2.345  -1.817  1.000 25.667  0 55  ILE A CG2 1 ? 
ATOM   429  C  CD1 . ILE A 1 55  ? 7.191   -1.916  -0.142  1.000 32.888  0 55  ILE A CD1 1 ? 
ATOM   430  N  N   . LEU A 1 56  ? 1.867   -2.358  0.857   1.000 19.071  0 56  LEU A N   1 ? 
ATOM   431  C  CA  . LEU A 1 56  ? 0.778   -1.499  1.351   1.000 17.819  0 56  LEU A CA  1 ? 
ATOM   432  C  C   . LEU A 1 56  ? -0.280  -2.284  2.144   1.000 20.167  0 56  LEU A C   1 ? 
ATOM   433  O  O   . LEU A 1 56  ? -1.325  -1.738  2.512   1.000 18.189  0 56  LEU A O   1 ? 
ATOM   434  C  CB  . LEU A 1 56  ? 0.164   -0.706  0.181   1.000 19.286  0 56  LEU A CB  1 ? 
ATOM   435  C  CG  . LEU A 1 56  ? 1.023   0.431   -0.403  1.000 19.139  0 56  LEU A CG  1 ? 
ATOM   436  C  CD1 . LEU A 1 56  ? 0.442   0.978   -1.710  1.000 21.046  0 56  LEU A CD1 1 ? 
ATOM   437  C  CD2 . LEU A 1 56  ? 1.218   1.556   0.608   1.000 20.122  0 56  LEU A CD2 1 ? 
ATOM   438  N  N   . GLN A 1 57  ? 0.038   -3.532  2.560   1.000 20.180  0 57  GLN A N   1 ? 
ATOM   439  C  CA  . GLN A 1 57  ? -0.735  -4.264  3.571   1.000 19.770  0 57  GLN A CA  1 ? 
ATOM   440  C  C   . GLN A 1 57  ? -2.236  -4.307  3.222   1.000 19.271  0 57  GLN A C   1 ? 
ATOM   441  O  O   . GLN A 1 57  ? -3.086  -3.930  4.038   1.000 21.126  0 57  GLN A O   1 ? 
ATOM   442  C  CB  . GLN A 1 57  ? -0.452  -3.689  4.961   1.000 18.992  0 57  GLN A CB  1 ? 
ATOM   443  C  CG  . GLN A 1 57  ? 0.912   -4.035  5.542   1.000 19.128  0 57  GLN A CG  1 ? 
ATOM   444  C  CD  . GLN A 1 57  ? 1.154   -5.507  5.770   1.000 18.058  0 57  GLN A CD  1 ? 
ATOM   445  O  OE1 . GLN A 1 57  ? 0.703   -6.057  6.776   1.000 20.550  0 57  GLN A OE1 1 ? 
ATOM   446  N  NE2 . GLN A 1 57  ? 1.846   -6.155  4.826   1.000 17.598  0 57  GLN A NE2 1 ? 
ATOM   447  N  N   . ILE A 1 58  ? -2.541  -4.875  2.051   1.000 19.270  0 58  ILE A N   1 ? 
ATOM   448  C  CA  . ILE A 1 58  ? -3.888  -4.924  1.459   1.000 20.403  0 58  ILE A CA  1 ? 
ATOM   449  C  C   . ILE A 1 58  ? -4.651  -6.178  1.929   1.000 21.466  0 58  ILE A C   1 ? 
ATOM   450  O  O   . ILE A 1 58  ? -4.102  -7.266  1.904   1.000 19.879  0 58  ILE A O   1 ? 
ATOM   451  C  CB  . ILE A 1 58  ? -3.777  -4.779  -0.073  1.000 23.238  0 58  ILE A CB  1 ? 
ATOM   452  C  CG1 . ILE A 1 58  ? -3.400  -3.330  -0.438  1.000 23.931  0 58  ILE A CG1 1 ? 
ATOM   453  C  CG2 . ILE A 1 58  ? -5.043  -5.226  -0.800  1.000 21.716  0 58  ILE A CG2 1 ? 
ATOM   454  C  CD1 . ILE A 1 58  ? -3.082  -3.067  -1.874  1.000 25.079  0 58  ILE A CD1 1 ? 
ATOM   455  N  N   . ASN A 1 59  ? -5.929  -6.020  2.328   1.000 20.577  0 59  ASN A N   1 ? 
ATOM   456  C  CA  . ASN A 1 59  ? -6.642  -6.961  3.196   1.000 19.882  0 59  ASN A CA  1 ? 
ATOM   457  C  C   . ASN A 1 59  ? -7.423  -8.022  2.404   1.000 21.064  0 59  ASN A C   1 ? 
ATOM   458  O  O   . ASN A 1 59  ? -8.043  -7.722  1.397   1.000 22.142  0 59  ASN A O   1 ? 
ATOM   459  C  CB  . ASN A 1 59  ? -7.590  -6.168  4.109   1.000 24.518  0 59  ASN A CB  1 ? 
ATOM   460  C  CG  . ASN A 1 59  ? -8.241  -7.028  5.161   1.000 27.420  0 59  ASN A CG  1 ? 
ATOM   461  O  OD1 . ASN A 1 59  ? -9.390  -7.433  4.999   1.000 31.240  0 59  ASN A OD1 1 ? 
ATOM   462  N  ND2 . ASN A 1 59  ? -7.487  -7.393  6.183   1.000 29.617  0 59  ASN A ND2 1 ? 
ATOM   463  N  N   . SER A 1 60  ? -7.472  -9.262  2.924   1.000 20.742  0 60  SER A N   1 ? 
ATOM   464  C  CA  . SER A 1 60  ? -8.126  -10.400 2.269   1.000 21.444  0 60  SER A CA  1 ? 
ATOM   465  C  C   . SER A 1 60  ? -9.647  -10.477 2.483   1.000 26.082  0 60  SER A C   1 ? 
ATOM   466  O  O   . SER A 1 60  ? -10.291 -11.329 1.852   1.000 27.008  0 60  SER A O   1 ? 
ATOM   467  C  CB  . SER A 1 60  ? -7.499  -11.700 2.728   1.000 19.286  0 60  SER A CB  1 ? 
ATOM   468  O  OG  . SER A 1 60  ? -7.702  -11.935 4.116   1.000 18.761  0 60  SER A OG  1 ? 
ATOM   469  N  N   . ARG A 1 61  ? -10.229 -9.630  3.348   1.000 28.617  0 61  ARG A N   1 ? 
ATOM   470  C  CA  . ARG A 1 61  ? -11.679 -9.625  3.546   1.000 34.028  0 61  ARG A CA  1 ? 
ATOM   471  C  C   . ARG A 1 61  ? -12.404 -9.016  2.342   1.000 31.067  0 61  ARG A C   1 ? 
ATOM   472  O  O   . ARG A 1 61  ? -13.475 -9.489  1.974   1.000 31.596  0 61  ARG A O   1 ? 
ATOM   473  C  CB  . ARG A 1 61  ? -12.090 -8.854  4.802   1.000 39.624  0 61  ARG A CB  1 ? 
ATOM   474  C  CG  . ARG A 1 61  ? -13.591 -8.593  4.918   1.000 47.908  0 61  ARG A CG  1 ? 
ATOM   475  C  CD  . ARG A 1 61  ? -14.473 -9.829  5.034   1.000 57.521  0 61  ARG A CD  1 ? 
ATOM   476  N  NE  . ARG A 1 61  ? -15.770 -9.654  4.375   1.000 66.885  0 61  ARG A NE  1 ? 
ATOM   477  C  CZ  . ARG A 1 61  ? -16.954 -9.615  4.985   1.000 73.805  0 61  ARG A CZ  1 ? 
ATOM   478  N  NH1 . ARG A 1 61  ? -17.034 -9.642  6.307   1.000 74.286  0 61  ARG A NH1 1 ? 
ATOM   479  N  NH2 . ARG A 1 61  ? -18.061 -9.535  4.262   1.000 73.305  0 61  ARG A NH2 1 ? 
ATOM   480  N  N   A TRP A 1 62  ? -11.808 -7.996  1.713   0.500 28.538  0 62  TRP A N   1 ? 
ATOM   481  N  N   B TRP A 1 62  ? -11.805 -7.969  1.753   0.500 29.418  0 62  TRP A N   1 ? 
ATOM   482  C  CA  A TRP A 1 62  ? -12.484 -7.276  0.646   0.500 28.699  0 62  TRP A CA  1 ? 
ATOM   483  C  CA  B TRP A 1 62  ? -12.431 -7.187  0.699   0.500 30.338  0 62  TRP A CA  1 ? 
ATOM   484  C  C   A TRP A 1 62  ? -11.739 -7.348  -0.686  0.500 26.716  0 62  TRP A C   1 ? 
ATOM   485  C  C   B TRP A 1 62  ? -11.740 -7.368  -0.653  0.500 27.487  0 62  TRP A C   1 ? 
ATOM   486  O  O   A TRP A 1 62  ? -12.394 -7.367  -1.724  0.500 28.097  0 62  TRP A O   1 ? 
ATOM   487  O  O   B TRP A 1 62  ? -12.426 -7.472  -1.665  0.500 29.142  0 62  TRP A O   1 ? 
ATOM   488  C  CB  A TRP A 1 62  ? -12.730 -5.824  1.082   0.500 29.525  0 62  TRP A CB  1 ? 
ATOM   489  C  CB  B TRP A 1 62  ? -12.449 -5.698  1.084   0.500 32.598  0 62  TRP A CB  1 ? 
ATOM   490  C  CG  A TRP A 1 62  ? -13.633 -5.719  2.285   0.500 32.691  0 62  TRP A CG  1 ? 
ATOM   491  C  CG  B TRP A 1 62  ? -13.171 -5.380  2.368   0.500 37.014  0 62  TRP A CG  1 ? 
ATOM   492  C  CD1 A TRP A 1 62  ? -13.277 -5.364  3.553   0.500 33.431  0 62  TRP A CD1 1 ? 
ATOM   493  C  CD1 B TRP A 1 62  ? -14.466 -5.680  2.676   0.500 39.535  0 62  TRP A CD1 1 ? 
ATOM   494  C  CD2 A TRP A 1 62  ? -15.050 -6.003  2.331   0.500 35.114  0 62  TRP A CD2 1 ? 
ATOM   495  C  CD2 B TRP A 1 62  ? -12.640 -4.676  3.514   0.500 41.728  0 62  TRP A CD2 1 ? 
ATOM   496  N  NE1 A TRP A 1 62  ? -14.369 -5.391  4.379   0.500 35.325  0 62  TRP A NE1 1 ? 
ATOM   497  N  NE1 B TRP A 1 62  ? -14.776 -5.223  3.929   0.500 42.574  0 62  TRP A NE1 1 ? 
ATOM   498  C  CE2 A TRP A 1 62  ? -15.471 -5.783  3.661   0.500 35.818  0 62  TRP A CE2 1 ? 
ATOM   499  C  CE2 B TRP A 1 62  ? -13.679 -4.603  4.468   0.500 42.695  0 62  TRP A CE2 1 ? 
ATOM   500  C  CE3 A TRP A 1 62  ? -15.997 -6.414  1.386   0.500 36.812  0 62  TRP A CE3 1 ? 
ATOM   501  C  CE3 B TRP A 1 62  ? -11.400 -4.107  3.831   0.500 43.066  0 62  TRP A CE3 1 ? 
ATOM   502  C  CZ2 A TRP A 1 62  ? -16.792 -5.962  4.062   0.500 38.061  0 62  TRP A CZ2 1 ? 
ATOM   503  C  CZ2 B TRP A 1 62  ? -13.512 -3.984  5.707   0.500 45.701  0 62  TRP A CZ2 1 ? 
ATOM   504  C  CZ3 A TRP A 1 62  ? -17.302 -6.597  1.787   0.500 38.878  0 62  TRP A CZ3 1 ? 
ATOM   505  C  CZ3 B TRP A 1 62  ? -11.238 -3.496  5.056   0.500 43.699  0 62  TRP A CZ3 1 ? 
ATOM   506  C  CH2 A TRP A 1 62  ? -17.692 -6.369  3.104   0.500 38.763  0 62  TRP A CH2 1 ? 
ATOM   507  C  CH2 B TRP A 1 62  ? -12.279 -3.436  5.980   0.500 44.256  0 62  TRP A CH2 1 ? 
ATOM   508  N  N   . TRP A 1 63  ? -10.395 -7.384  -0.678  1.000 24.937  0 63  TRP A N   1 ? 
ATOM   509  C  CA  . TRP A 1 63  ? -9.619  -6.993  -1.860  1.000 24.026  0 63  TRP A CA  1 ? 
ATOM   510  C  C   . TRP A 1 63  ? -8.913  -8.115  -2.631  1.000 24.028  0 63  TRP A C   1 ? 
ATOM   511  O  O   . TRP A 1 63  ? -8.750  -8.015  -3.850  1.000 25.164  0 63  TRP A O   1 ? 
ATOM   512  C  CB  . TRP A 1 63  ? -8.589  -5.942  -1.429  1.000 23.730  0 63  TRP A CB  1 ? 
ATOM   513  C  CG  . TRP A 1 63  ? -9.246  -4.763  -0.771  1.000 23.171  0 63  TRP A CG  1 ? 
ATOM   514  C  CD1 . TRP A 1 63  ? -9.097  -4.387  0.526   1.000 22.429  0 63  TRP A CD1 1 ? 
ATOM   515  C  CD2 . TRP A 1 63  ? -10.184 -3.838  -1.370  1.000 24.379  0 63  TRP A CD2 1 ? 
ATOM   516  N  NE1 . TRP A 1 63  ? -9.869  -3.286  0.780   1.000 25.417  0 63  TRP A NE1 1 ? 
ATOM   517  C  CE2 . TRP A 1 63  ? -10.532 -2.916  -0.360  1.000 23.637  0 63  TRP A CE2 1 ? 
ATOM   518  C  CE3 . TRP A 1 63  ? -10.736 -3.683  -2.649  1.000 25.041  0 63  TRP A CE3 1 ? 
ATOM   519  C  CZ2 . TRP A 1 63  ? -11.422 -1.862  -0.589  1.000 27.746  0 63  TRP A CZ2 1 ? 
ATOM   520  C  CZ3 . TRP A 1 63  ? -11.593 -2.625  -2.885  1.000 27.629  0 63  TRP A CZ3 1 ? 
ATOM   521  C  CH2 . TRP A 1 63  ? -11.921 -1.722  -1.864  1.000 25.143  0 63  TRP A CH2 1 ? 
ATOM   522  N  N   . CYS A 1 64  ? -8.409  -9.145  -1.937  1.000 23.803  0 64  CYS A N   1 ? 
ATOM   523  C  CA  . CYS A 1 64  ? -7.775  -10.263 -2.633  1.000 22.488  0 64  CYS A CA  1 ? 
ATOM   524  C  C   . CYS A 1 64  ? -8.248  -11.597 -2.052  1.000 22.083  0 64  CYS A C   1 ? 
ATOM   525  O  O   . CYS A 1 64  ? -8.816  -11.612 -0.969  1.000 23.259  0 64  CYS A O   1 ? 
ATOM   526  C  CB  . CYS A 1 64  ? -6.255  -10.178 -2.554  1.000 21.925  0 64  CYS A CB  1 ? 
ATOM   527  S  SG  . CYS A 1 64  ? -5.598  -10.081 -0.866  1.000 21.848  0 64  CYS A SG  1 ? 
ATOM   528  N  N   A ASN A 1 65  ? -8.006  -12.697 -2.786  0.400 21.518  0 65  ASN A N   1 ? 
ATOM   529  N  N   B ASN A 1 65  ? -8.004  -12.700 -2.783  0.600 22.484  0 65  ASN A N   1 ? 
ATOM   530  C  CA  A ASN A 1 65  ? -8.372  -14.029 -2.324  0.400 21.441  0 65  ASN A CA  1 ? 
ATOM   531  C  CA  B ASN A 1 65  ? -8.389  -14.027 -2.318  0.600 23.376  0 65  ASN A CA  1 ? 
ATOM   532  C  C   A ASN A 1 65  ? -7.152  -14.773 -1.781  0.400 20.166  0 65  ASN A C   1 ? 
ATOM   533  C  C   B ASN A 1 65  ? -7.168  -14.785 -1.787  0.600 20.622  0 65  ASN A C   1 ? 
ATOM   534  O  O   A ASN A 1 65  ? -6.199  -15.012 -2.519  0.400 19.781  0 65  ASN A O   1 ? 
ATOM   535  O  O   B ASN A 1 65  ? -6.234  -15.049 -2.541  0.600 19.649  0 65  ASN A O   1 ? 
ATOM   536  C  CB  A ASN A 1 65  ? -9.027  -14.866 -3.423  0.400 21.819  0 65  ASN A CB  1 ? 
ATOM   537  C  CB  B ASN A 1 65  ? -9.107  -14.813 -3.416  0.600 25.705  0 65  ASN A CB  1 ? 
ATOM   538  C  CG  A ASN A 1 65  ? -9.307  -16.279 -2.956  0.400 22.665  0 65  ASN A CG  1 ? 
ATOM   539  C  CG  B ASN A 1 65  ? -9.805  -16.050 -2.886  0.600 30.077  0 65  ASN A CG  1 ? 
ATOM   540  O  OD1 A ASN A 1 65  ? -9.847  -16.471 -1.868  0.400 22.691  0 65  ASN A OD1 1 ? 
ATOM   541  O  OD1 B ASN A 1 65  ? -9.155  -16.979 -2.405  0.600 29.769  0 65  ASN A OD1 1 ? 
ATOM   542  N  ND2 A ASN A 1 65  ? -8.930  -17.263 -3.753  0.400 22.999  0 65  ASN A ND2 1 ? 
ATOM   543  N  ND2 B ASN A 1 65  ? -11.127 -16.070 -2.972  0.600 32.044  0 65  ASN A ND2 1 ? 
ATOM   544  N  N   . ASP A 1 66  ? -7.212  -15.176 -0.501  1.000 20.373  0 66  ASP A N   1 ? 
ATOM   545  C  CA  . ASP A 1 66  ? -6.178  -16.032 0.097   1.000 21.214  0 66  ASP A CA  1 ? 
ATOM   546  C  C   . ASP A 1 66  ? -6.649  -17.438 0.504   1.000 25.510  0 66  ASP A C   1 ? 
ATOM   547  O  O   . ASP A 1 66  ? -5.864  -18.175 1.106   1.000 24.585  0 66  ASP A O   1 ? 
ATOM   548  C  CB  . ASP A 1 66  ? -5.518  -15.399 1.331   1.000 20.851  0 66  ASP A CB  1 ? 
ATOM   549  C  CG  . ASP A 1 66  ? -6.390  -15.229 2.570   1.000 20.943  0 66  ASP A CG  1 ? 
ATOM   550  O  OD1 . ASP A 1 66  ? -7.553  -15.719 2.539   1.000 21.649  0 66  ASP A OD1 1 ? 
ATOM   551  O  OD2 . ASP A 1 66  ? -5.887  -14.614 3.575   1.000 19.612  0 66  ASP A OD2 1 ? 
ATOM   552  N  N   . GLY A 1 67  ? -7.901  -17.807 0.205   1.000 26.914  0 67  GLY A N   1 ? 
ATOM   553  C  CA  . GLY A 1 67  ? -8.389  -19.165 0.419   1.000 28.646  0 67  GLY A CA  1 ? 
ATOM   554  C  C   . GLY A 1 67  ? -8.855  -19.473 1.848   1.000 29.347  0 67  GLY A C   1 ? 
ATOM   555  O  O   . GLY A 1 67  ? -9.464  -20.522 2.062   1.000 29.916  0 67  GLY A O   1 ? 
ATOM   556  N  N   . ARG A 1 68  ? -8.576  -18.598 2.824   1.000 25.469  0 68  ARG A N   1 ? 
ATOM   557  C  CA  . ARG A 1 68  ? -8.823  -18.902 4.227   1.000 25.892  0 68  ARG A CA  1 ? 
ATOM   558  C  C   . ARG A 1 68  ? -9.621  -17.811 4.959   1.000 25.390  0 68  ARG A C   1 ? 
ATOM   559  O  O   . ARG A 1 68  ? -9.652  -17.803 6.188   1.000 27.297  0 68  ARG A O   1 ? 
ATOM   560  C  CB  . ARG A 1 68  ? -7.498  -19.166 4.951   1.000 25.943  0 68  ARG A CB  1 ? 
ATOM   561  C  CG  . ARG A 1 68  ? -6.647  -17.939 5.266   1.000 24.396  0 68  ARG A CG  1 ? 
ATOM   562  C  CD  . ARG A 1 68  ? -5.299  -18.335 5.870   1.000 24.759  0 68  ARG A CD  1 ? 
ATOM   563  N  NE  . ARG A 1 68  ? -4.614  -17.196 6.488   1.000 23.541  0 68  ARG A NE  1 ? 
ATOM   564  C  CZ  . ARG A 1 68  ? -3.409  -17.237 7.063   1.000 24.888  0 68  ARG A CZ  1 ? 
ATOM   565  N  NH1 . ARG A 1 68  ? -2.779  -18.393 7.191   1.000 23.766  0 68  ARG A NH1 1 ? 
ATOM   566  N  NH2 . ARG A 1 68  ? -2.843  -16.129 7.548   1.000 23.915  0 68  ARG A NH2 1 ? 
ATOM   567  N  N   . THR A 1 69  ? -10.242 -16.872 4.227   1.000 27.479  0 69  THR A N   1 ? 
ATOM   568  C  CA  . THR A 1 69  ? -11.032 -15.806 4.836   1.000 27.233  0 69  THR A CA  1 ? 
ATOM   569  C  C   . THR A 1 69  ? -12.515 -16.002 4.519   1.000 33.500  0 69  THR A C   1 ? 
ATOM   570  O  O   . THR A 1 69  ? -12.986 -15.613 3.458   1.000 31.833  0 69  THR A O   1 ? 
ATOM   571  C  CB  . THR A 1 69  ? -10.559 -14.417 4.382   1.000 26.859  0 69  THR A CB  1 ? 
ATOM   572  O  OG1 . THR A 1 69  ? -9.131  -14.347 4.473   1.000 24.994  0 69  THR A OG1 1 ? 
ATOM   573  C  CG2 . THR A 1 69  ? -11.175 -13.298 5.200   1.000 26.892  0 69  THR A CG2 1 ? 
ATOM   574  N  N   . PRO A 1 70  ? -13.301 -16.661 5.403   1.000 44.157  0 70  PRO A N   1 ? 
ATOM   575  C  CA  . PRO A 1 70  ? -14.740 -16.824 5.184   1.000 45.220  0 70  PRO A CA  1 ? 
ATOM   576  C  C   . PRO A 1 70  ? -15.494 -15.531 4.882   1.000 45.747  0 70  PRO A C   1 ? 
ATOM   577  O  O   . PRO A 1 70  ? -15.239 -14.492 5.494   1.000 47.724  0 70  PRO A O   1 ? 
ATOM   578  C  CB  . PRO A 1 70  ? -15.239 -17.384 6.527   1.000 48.043  0 70  PRO A CB  1 ? 
ATOM   579  C  CG  . PRO A 1 70  ? -14.046 -18.138 7.076   1.000 46.742  0 70  PRO A CG  1 ? 
ATOM   580  C  CD  . PRO A 1 70  ? -12.839 -17.340 6.625   1.000 44.937  0 70  PRO A CD  1 ? 
ATOM   581  N  N   . GLY A 1 71  ? -16.419 -15.623 3.921   1.000 47.062  0 71  GLY A N   1 ? 
ATOM   582  C  CA  . GLY A 1 71  ? -17.407 -14.586 3.672   1.000 52.433  0 71  GLY A CA  1 ? 
ATOM   583  C  C   . GLY A 1 71  ? -16.769 -13.333 3.091   1.000 51.355  0 71  GLY A C   1 ? 
ATOM   584  O  O   . GLY A 1 71  ? -17.136 -12.215 3.450   1.000 61.546  0 71  GLY A O   1 ? 
ATOM   585  N  N   . SER A 1 72  ? -15.827 -13.544 2.174   1.000 49.513  0 72  SER A N   1 ? 
ATOM   586  C  CA  . SER A 1 72  ? -14.914 -12.497 1.768   1.000 50.528  0 72  SER A CA  1 ? 
ATOM   587  C  C   . SER A 1 72  ? -15.076 -12.196 0.283   1.000 46.935  0 72  SER A C   1 ? 
ATOM   588  O  O   . SER A 1 72  ? -15.484 -13.050 -0.502  1.000 47.912  0 72  SER A O   1 ? 
ATOM   589  C  CB  . SER A 1 72  ? -13.494 -12.887 2.109   1.000 51.247  0 72  SER A CB  1 ? 
ATOM   590  O  OG  . SER A 1 72  ? -12.966 -13.820 1.164   1.000 46.474  0 72  SER A OG  1 ? 
ATOM   591  N  N   . ARG A 1 73  ? -14.727 -10.960 -0.082  1.000 42.672  0 73  ARG A N   1 ? 
ATOM   592  C  CA  . ARG A 1 73  ? -14.705 -10.539 -1.468  1.000 44.660  0 73  ARG A CA  1 ? 
ATOM   593  C  C   . ARG A 1 73  ? -13.251 -10.491 -1.939  1.000 40.352  0 73  ARG A C   1 ? 
ATOM   594  O  O   . ARG A 1 73  ? -12.297 -10.603 -1.149  1.000 42.722  0 73  ARG A O   1 ? 
ATOM   595  C  CB  . ARG A 1 73  ? -15.389 -9.176  -1.618  1.000 50.931  0 73  ARG A CB  1 ? 
ATOM   596  C  CG  . ARG A 1 73  ? -16.709 -9.061  -0.866  1.000 60.059  0 73  ARG A CG  1 ? 
ATOM   597  C  CD  . ARG A 1 73  ? -17.884 -9.681  -1.598  1.000 72.439  0 73  ARG A CD  1 ? 
ATOM   598  N  NE  . ARG A 1 73  ? -18.748 -10.448 -0.703  1.000 87.567  0 73  ARG A NE  1 ? 
ATOM   599  C  CZ  . ARG A 1 73  ? -19.930 -10.058 -0.224  1.000 100.207 0 73  ARG A CZ  1 ? 
ATOM   600  N  NH1 . ARG A 1 73  ? -20.605 -10.859 0.584   1.000 104.941 0 73  ARG A NH1 1 ? 
ATOM   601  N  NH2 . ARG A 1 73  ? -20.444 -8.879  -0.537  1.000 102.560 0 73  ARG A NH2 1 ? 
ATOM   602  N  N   . ASN A 1 74  ? -13.129 -10.317 -3.253  1.000 34.480  0 74  ASN A N   1 ? 
ATOM   603  C  CA  . ASN A 1 74  ? -11.875 -10.261 -3.979  1.000 30.070  0 74  ASN A CA  1 ? 
ATOM   604  C  C   . ASN A 1 74  ? -12.037 -9.200  -5.071  1.000 27.842  0 74  ASN A C   1 ? 
ATOM   605  O  O   . ASN A 1 74  ? -12.065 -9.514  -6.258  1.000 26.606  0 74  ASN A O   1 ? 
ATOM   606  C  CB  . ASN A 1 74  ? -11.567 -11.657 -4.523  1.000 27.275  0 74  ASN A CB  1 ? 
ATOM   607  C  CG  . ASN A 1 74  ? -10.372 -11.728 -5.446  1.000 25.255  0 74  ASN A CG  1 ? 
ATOM   608  O  OD1 . ASN A 1 74  ? -9.545  -10.823 -5.487  1.000 25.225  0 74  ASN A OD1 1 ? 
ATOM   609  N  ND2 . ASN A 1 74  ? -10.280 -12.815 -6.191  1.000 29.097  0 74  ASN A ND2 1 ? 
ATOM   610  N  N   . LEU A 1 75  ? -12.133 -7.938  -4.647  1.000 31.524  0 75  LEU A N   1 ? 
ATOM   611  C  CA  . LEU A 1 75  ? -12.582 -6.858  -5.522  1.000 30.939  0 75  LEU A CA  1 ? 
ATOM   612  C  C   . LEU A 1 75  ? -11.479 -6.447  -6.505  1.000 31.627  0 75  LEU A C   1 ? 
ATOM   613  O  O   . LEU A 1 75  ? -11.786 -5.836  -7.529  1.000 31.191  0 75  LEU A O   1 ? 
ATOM   614  C  CB  . LEU A 1 75  ? -13.054 -5.684  -4.657  1.000 30.990  0 75  LEU A CB  1 ? 
ATOM   615  C  CG  . LEU A 1 75  ? -14.317 -5.951  -3.835  1.000 33.374  0 75  LEU A CG  1 ? 
ATOM   616  C  CD1 . LEU A 1 75  ? -14.560 -4.845  -2.822  1.000 35.298  0 75  LEU A CD1 1 ? 
ATOM   617  C  CD2 . LEU A 1 75  ? -15.543 -6.138  -4.723  1.000 35.188  0 75  LEU A CD2 1 ? 
ATOM   618  N  N   . CYS A 1 76  ? -10.204 -6.774  -6.201  1.000 27.263  0 76  CYS A N   1 ? 
ATOM   619  C  CA  . CYS A 1 76  ? -9.096  -6.520  -7.115  1.000 26.845  0 76  CYS A CA  1 ? 
ATOM   620  C  C   . CYS A 1 76  ? -8.868  -7.714  -8.049  1.000 26.290  0 76  CYS A C   1 ? 
ATOM   621  O  O   . CYS A 1 76  ? -8.023  -7.658  -8.930  1.000 25.620  0 76  CYS A O   1 ? 
ATOM   622  C  CB  . CYS A 1 76  ? -7.829  -6.113  -6.360  1.000 26.606  0 76  CYS A CB  1 ? 
ATOM   623  S  SG  . CYS A 1 76  ? -8.016  -4.530  -5.490  1.000 24.494  0 76  CYS A SG  1 ? 
ATOM   624  N  N   . ASN A 1 77  ? -9.612  -8.811  -7.838  1.000 30.554  0 77  ASN A N   1 ? 
ATOM   625  C  CA  . ASN A 1 77  ? -9.538  -10.003 -8.679  1.000 32.537  0 77  ASN A CA  1 ? 
ATOM   626  C  C   . ASN A 1 77  ? -8.116  -10.552 -8.786  1.000 30.110  0 77  ASN A C   1 ? 
ATOM   627  O  O   . ASN A 1 77  ? -7.603  -10.778 -9.888  1.000 34.086  0 77  ASN A O   1 ? 
ATOM   628  C  CB  . ASN A 1 77  ? -10.121 -9.760  -10.073 1.000 40.883  0 77  ASN A CB  1 ? 
ATOM   629  C  CG  . ASN A 1 77  ? -11.422 -10.499 -10.249 1.000 49.238  0 77  ASN A CG  1 ? 
ATOM   630  O  OD1 . ASN A 1 77  ? -11.425 -11.619 -10.759 1.000 60.547  0 77  ASN A OD1 1 ? 
ATOM   631  N  ND2 . ASN A 1 77  ? -12.506 -9.915  -9.759  1.000 55.876  0 77  ASN A ND2 1 ? 
ATOM   632  N  N   . ILE A 1 78  ? -7.494  -10.814 -7.629  1.000 26.192  0 78  ILE A N   1 ? 
ATOM   633  C  CA  . ILE A 1 78  ? -6.123  -11.290 -7.589  1.000 26.485  0 78  ILE A CA  1 ? 
ATOM   634  C  C   . ILE A 1 78  ? -5.957  -12.254 -6.409  1.000 23.054  0 78  ILE A C   1 ? 
ATOM   635  O  O   . ILE A 1 78  ? -6.579  -12.066 -5.370  1.000 22.507  0 78  ILE A O   1 ? 
ATOM   636  C  CB  . ILE A 1 78  ? -5.087  -10.151 -7.431  1.000 26.862  0 78  ILE A CB  1 ? 
ATOM   637  C  CG1 . ILE A 1 78  ? -5.495  -9.162  -6.335  1.000 25.406  0 78  ILE A CG1 1 ? 
ATOM   638  C  CG2 . ILE A 1 78  ? -4.768  -9.491  -8.761  1.000 32.641  0 78  ILE A CG2 1 ? 
ATOM   639  C  CD1 . ILE A 1 78  ? -4.497  -8.078  -6.075  1.000 26.375  0 78  ILE A CD1 1 ? 
ATOM   640  N  N   . PRO A 1 79  ? -5.043  -13.247 -6.518  1.000 23.299  0 79  PRO A N   1 ? 
ATOM   641  C  CA  . PRO A 1 79  ? -4.561  -13.993 -5.352  1.000 21.825  0 79  PRO A CA  1 ? 
ATOM   642  C  C   . PRO A 1 79  ? -3.740  -13.039 -4.482  1.000 19.101  0 79  PRO A C   1 ? 
ATOM   643  O  O   . PRO A 1 79  ? -2.983  -12.219 -5.007  1.000 20.224  0 79  PRO A O   1 ? 
ATOM   644  C  CB  . PRO A 1 79  ? -3.682  -15.091 -5.970  1.000 23.078  0 79  PRO A CB  1 ? 
ATOM   645  C  CG  . PRO A 1 79  ? -3.177  -14.481 -7.234  1.000 27.085  0 79  PRO A CG  1 ? 
ATOM   646  C  CD  . PRO A 1 79  ? -4.361  -13.682 -7.745  1.000 24.952  0 79  PRO A CD  1 ? 
ATOM   647  N  N   . CYS A 1 80  ? -3.896  -13.144 -3.167  1.000 17.124  0 80  CYS A N   1 ? 
ATOM   648  C  CA  . CYS A 1 80  ? -3.181  -12.269 -2.238  1.000 19.287  0 80  CYS A CA  1 ? 
ATOM   649  C  C   . CYS A 1 80  ? -1.657  -12.413 -2.416  1.000 19.356  0 80  CYS A C   1 ? 
ATOM   650  O  O   . CYS A 1 80  ? -0.908  -11.467 -2.197  1.000 20.551  0 80  CYS A O   1 ? 
ATOM   651  C  CB  . CYS A 1 80  ? -3.615  -12.525 -0.795  1.000 19.626  0 80  CYS A CB  1 ? 
ATOM   652  S  SG  . CYS A 1 80  ? -5.354  -12.136 -0.393  1.000 20.230  0 80  CYS A SG  1 ? 
ATOM   653  N  N   . SER A 1 81  ? -1.167  -13.598 -2.794  1.000 21.253  0 81  SER A N   1 ? 
ATOM   654  C  CA  . SER A 1 81  ? 0.254   -13.851 -3.034  1.000 20.747  0 81  SER A CA  1 ? 
ATOM   655  C  C   . SER A 1 81  ? 0.871   -12.946 -4.118  1.000 22.547  0 81  SER A C   1 ? 
ATOM   656  O  O   . SER A 1 81  ? 2.072   -12.638 -4.087  1.000 21.569  0 81  SER A O   1 ? 
ATOM   657  C  CB  . SER A 1 81  ? 0.444   -15.332 -3.348  1.000 23.555  0 81  SER A CB  1 ? 
ATOM   658  O  OG  . SER A 1 81  ? -0.302  -15.731 -4.498  1.000 25.344  0 81  SER A OG  1 ? 
ATOM   659  N  N   . ALA A 1 82  ? 0.059   -12.483 -5.082  1.000 22.099  0 82  ALA A N   1 ? 
ATOM   660  C  CA  . ALA A 1 82  ? 0.520   -11.539 -6.095  1.000 23.191  0 82  ALA A CA  1 ? 
ATOM   661  C  C   . ALA A 1 82  ? 1.056   -10.242 -5.474  1.000 26.159  0 82  ALA A C   1 ? 
ATOM   662  O  O   . ALA A 1 82  ? 1.874   -9.524  -6.095  1.000 25.873  0 82  ALA A O   1 ? 
ATOM   663  C  CB  . ALA A 1 82  ? -0.606  -11.267 -7.074  1.000 24.082  0 82  ALA A CB  1 ? 
ATOM   664  N  N   . LEU A 1 83  ? 0.576   -9.916  -4.264  1.000 22.371  0 83  LEU A N   1 ? 
ATOM   665  C  CA  . LEU A 1 83  ? 0.916   -8.653  -3.613  1.000 21.221  0 83  LEU A CA  1 ? 
ATOM   666  C  C   . LEU A 1 83  ? 2.286   -8.723  -2.933  1.000 21.727  0 83  LEU A C   1 ? 
ATOM   667  O  O   . LEU A 1 83  ? 2.715   -7.736  -2.335  1.000 21.026  0 83  LEU A O   1 ? 
ATOM   668  C  CB  . LEU A 1 83  ? -0.178  -8.297  -2.597  1.000 21.518  0 83  LEU A CB  1 ? 
ATOM   669  C  CG  . LEU A 1 83  ? -1.553  -7.932  -3.161  1.000 22.309  0 83  LEU A CG  1 ? 
ATOM   670  C  CD1 . LEU A 1 83  ? -2.638  -7.933  -2.102  1.000 23.548  0 83  LEU A CD1 1 ? 
ATOM   671  C  CD2 . LEU A 1 83  ? -1.501  -6.546  -3.793  1.000 27.529  0 83  LEU A CD2 1 ? 
ATOM   672  N  N   . LEU A 1 84  ? 2.965   -9.883  -2.979  1.000 20.657  0 84  LEU A N   1 ? 
ATOM   673  C  CA  . LEU A 1 84  ? 4.249   -10.081 -2.307  1.000 20.426  0 84  LEU A CA  1 ? 
ATOM   674  C  C   . LEU A 1 84  ? 5.415   -10.033 -3.292  1.000 22.734  0 84  LEU A C   1 ? 
ATOM   675  O  O   . LEU A 1 84  ? 6.565   -10.213 -2.899  1.000 26.190  0 84  LEU A O   1 ? 
ATOM   676  C  CB  . LEU A 1 84  ? 4.230   -11.436 -1.586  1.000 20.388  0 84  LEU A CB  1 ? 
ATOM   677  C  CG  . LEU A 1 84  ? 3.148   -11.636 -0.520  1.000 20.284  0 84  LEU A CG  1 ? 
ATOM   678  C  CD1 . LEU A 1 84  ? 3.368   -12.956 0.204   1.000 21.462  0 84  LEU A CD1 1 ? 
ATOM   679  C  CD2 . LEU A 1 84  ? 3.099   -10.508 0.507   1.000 20.215  0 84  LEU A CD2 1 ? 
ATOM   680  N  N   . SER A 1 85  ? 5.118   -9.759  -4.560  1.000 24.710  0 85  SER A N   1 ? 
ATOM   681  C  CA  . SER A 1 85  ? 6.124   -9.794  -5.605  1.000 25.412  0 85  SER A CA  1 ? 
ATOM   682  C  C   . SER A 1 85  ? 7.149   -8.666  -5.412  1.000 25.711  0 85  SER A C   1 ? 
ATOM   683  O  O   . SER A 1 85  ? 6.847   -7.634  -4.822  1.000 24.156  0 85  SER A O   1 ? 
ATOM   684  C  CB  . SER A 1 85  ? 5.453   -9.719  -6.944  1.000 26.383  0 85  SER A CB  1 ? 
ATOM   685  O  OG  . SER A 1 85  ? 6.396   -9.555  -7.991  1.000 26.330  0 85  SER A OG  1 ? 
ATOM   686  N  N   . SER A 1 86  ? 8.346   -8.824  -5.978  1.000 25.309  0 86  SER A N   1 ? 
ATOM   687  C  CA  . SER A 1 86  ? 9.290   -7.716  -6.059  1.000 28.026  0 86  SER A CA  1 ? 
ATOM   688  C  C   . SER A 1 86  ? 8.811   -6.660  -7.066  1.000 26.621  0 86  SER A C   1 ? 
ATOM   689  O  O   . SER A 1 86  ? 9.236   -5.503  -6.968  1.000 26.525  0 86  SER A O   1 ? 
ATOM   690  C  CB  . SER A 1 86  ? 10.688  -8.207  -6.359  1.000 32.312  0 86  SER A CB  1 ? 
ATOM   691  O  OG  . SER A 1 86  ? 10.710  -8.948  -7.568  1.000 36.417  0 86  SER A OG  1 ? 
ATOM   692  N  N   . ASP A 1 87  ? 7.904   -7.049  -7.985  1.000 23.915  0 87  ASP A N   1 ? 
ATOM   693  C  CA  . ASP A 1 87  ? 7.187   -6.157  -8.896  1.000 26.403  0 87  ASP A CA  1 ? 
ATOM   694  C  C   . ASP A 1 87  ? 5.897   -5.641  -8.237  1.000 27.302  0 87  ASP A C   1 ? 
ATOM   695  O  O   . ASP A 1 87  ? 4.968   -6.417  -7.980  1.000 25.640  0 87  ASP A O   1 ? 
ATOM   696  C  CB  . ASP A 1 87  ? 6.901   -6.901  -10.200 1.000 29.078  0 87  ASP A CB  1 ? 
ATOM   697  C  CG  . ASP A 1 87  ? 6.037   -6.172  -11.219 1.000 34.763  0 87  ASP A CG  1 ? 
ATOM   698  O  OD1 . ASP A 1 87  ? 5.814   -4.968  -11.045 1.000 33.953  0 87  ASP A OD1 1 ? 
ATOM   699  O  OD2 . ASP A 1 87  ? 5.571   -6.838  -12.186 1.000 38.757  0 87  ASP A OD2 1 ? 
ATOM   700  N  N   . ILE A 1 88  ? 5.814   -4.317  -8.015  1.000 25.279  0 88  ILE A N   1 ? 
ATOM   701  C  CA  . ILE A 1 88  ? 4.721   -3.736  -7.231  1.000 22.913  0 88  ILE A CA  1 ? 
ATOM   702  C  C   . ILE A 1 88  ? 3.477   -3.401  -8.065  1.000 22.436  0 88  ILE A C   1 ? 
ATOM   703  O  O   . ILE A 1 88  ? 2.535   -2.827  -7.505  1.000 22.685  0 88  ILE A O   1 ? 
ATOM   704  C  CB  . ILE A 1 88  ? 5.192   -2.501  -6.424  1.000 22.071  0 88  ILE A CB  1 ? 
ATOM   705  C  CG1 . ILE A 1 88  ? 5.520   -1.293  -7.315  1.000 24.598  0 88  ILE A CG1 1 ? 
ATOM   706  C  CG2 . ILE A 1 88  ? 6.370   -2.856  -5.524  1.000 21.752  0 88  ILE A CG2 1 ? 
ATOM   707  C  CD1 . ILE A 1 88  ? 5.715   0.007   -6.531  1.000 25.404  0 88  ILE A CD1 1 ? 
ATOM   708  N  N   . THR A 1 89  ? 3.417   -3.774  -9.350  1.000 25.272  0 89  THR A N   1 ? 
ATOM   709  C  CA  . THR A 1 89  ? 2.316   -3.385  -10.240 1.000 23.814  0 89  THR A CA  1 ? 
ATOM   710  C  C   . THR A 1 89  ? 0.960   -3.791  -9.622  1.000 24.937  0 89  THR A C   1 ? 
ATOM   711  O  O   . THR A 1 89  ? -0.011  -3.025  -9.627  1.000 22.345  0 89  THR A O   1 ? 
ATOM   712  C  CB  . THR A 1 89  ? 2.538   -3.954  -11.660 1.000 26.097  0 89  THR A CB  1 ? 
ATOM   713  O  OG1 . THR A 1 89  ? 3.791   -3.544  -12.219 1.000 25.913  0 89  THR A OG1 1 ? 
ATOM   714  C  CG2 . THR A 1 89  ? 1.461   -3.540  -12.636 1.000 27.166  0 89  THR A CG2 1 ? 
ATOM   715  N  N   . ALA A 1 90  ? 0.875   -5.003  -9.079  1.000 24.273  0 90  ALA A N   1 ? 
ATOM   716  C  CA  . ALA A 1 90  ? -0.387  -5.507  -8.532  1.000 23.122  0 90  ALA A CA  1 ? 
ATOM   717  C  C   . ALA A 1 90  ? -0.822  -4.695  -7.307  1.000 21.739  0 90  ALA A C   1 ? 
ATOM   718  O  O   . ALA A 1 90  ? -1.985  -4.347  -7.189  1.000 22.825  0 90  ALA A O   1 ? 
ATOM   719  C  CB  . ALA A 1 90  ? -0.285  -6.985  -8.218  1.000 24.641  0 90  ALA A CB  1 ? 
ATOM   720  N  N   . SER A 1 91  ? 0.110   -4.403  -6.388  1.000 21.607  0 91  SER A N   1 ? 
ATOM   721  C  CA  . SER A 1 91  ? -0.170  -3.600  -5.209  1.000 20.641  0 91  SER A CA  1 ? 
ATOM   722  C  C   . SER A 1 91  ? -0.670  -2.207  -5.603  1.000 20.883  0 91  SER A C   1 ? 
ATOM   723  O  O   . SER A 1 91  ? -1.649  -1.697  -5.047  1.000 20.867  0 91  SER A O   1 ? 
ATOM   724  C  CB  . SER A 1 91  ? 1.052   -3.515  -4.306  1.000 19.971  0 91  SER A CB  1 ? 
ATOM   725  O  OG  . SER A 1 91  ? 1.319   -4.747  -3.639  1.000 19.770  0 91  SER A OG  1 ? 
ATOM   726  N  N   . VAL A 1 92  ? -0.001  -1.594  -6.586  1.000 23.019  0 92  VAL A N   1 ? 
ATOM   727  C  CA  . VAL A 1 92  ? -0.383  -0.256  -7.029  1.000 21.673  0 92  VAL A CA  1 ? 
ATOM   728  C  C   . VAL A 1 92  ? -1.775  -0.235  -7.654  1.000 22.173  0 92  VAL A C   1 ? 
ATOM   729  O  O   . VAL A 1 92  ? -2.553  0.672   -7.354  1.000 23.910  0 92  VAL A O   1 ? 
ATOM   730  C  CB  . VAL A 1 92  ? 0.673   0.359   -7.965  1.000 21.199  0 92  VAL A CB  1 ? 
ATOM   731  C  CG1 . VAL A 1 92  ? 0.147   1.601   -8.668  1.000 21.775  0 92  VAL A CG1 1 ? 
ATOM   732  C  CG2 . VAL A 1 92  ? 1.961   0.642   -7.192  1.000 20.696  0 92  VAL A CG2 1 ? 
ATOM   733  N  N   . ASN A 1 93  ? -2.078  -1.144  -8.595  1.000 23.154  0 93  ASN A N   1 ? 
ATOM   734  C  CA  . ASN A 1 93  ? -3.391  -1.128  -9.227  1.000 24.243  0 93  ASN A CA  1 ? 
ATOM   735  C  C   . ASN A 1 93  ? -4.501  -1.350  -8.196  1.000 23.971  0 93  ASN A C   1 ? 
ATOM   736  O  O   . ASN A 1 93  ? -5.576  -0.742  -8.309  1.000 25.450  0 93  ASN A O   1 ? 
ATOM   737  C  CB  . ASN A 1 93  ? -3.518  -2.191  -10.323 1.000 28.514  0 93  ASN A CB  1 ? 
ATOM   738  C  CG  . ASN A 1 93  ? -2.682  -1.867  -11.536 1.000 36.931  0 93  ASN A CG  1 ? 
ATOM   739  O  OD1 . ASN A 1 93  ? -2.370  -0.700  -11.787 1.000 40.264  0 93  ASN A OD1 1 ? 
ATOM   740  N  ND2 . ASN A 1 93  ? -2.320  -2.901  -12.285 1.000 42.671  0 93  ASN A ND2 1 ? 
ATOM   741  N  N   . CYS A 1 94  ? -4.281  -2.256  -7.234  1.000 20.842  0 94  CYS A N   1 ? 
ATOM   742  C  CA  . CYS A 1 94  ? -5.306  -2.492  -6.209  1.000 21.948  0 94  CYS A CA  1 ? 
ATOM   743  C  C   . CYS A 1 94  ? -5.460  -1.233  -5.328  1.000 20.358  0 94  CYS A C   1 ? 
ATOM   744  O  O   . CYS A 1 94  ? -6.584  -0.847  -5.016  1.000 19.518  0 94  CYS A O   1 ? 
ATOM   745  C  CB  . CYS A 1 94  ? -5.053  -3.758  -5.377  1.000 23.047  0 94  CYS A CB  1 ? 
ATOM   746  S  SG  . CYS A 1 94  ? -6.416  -4.315  -4.306  1.000 24.853  0 94  CYS A SG  1 ? 
ATOM   747  N  N   . ALA A 1 95  ? -4.348  -0.583  -4.933  1.000 21.596  0 95  ALA A N   1 ? 
ATOM   748  C  CA  . ALA A 1 95  ? -4.386  0.628   -4.111  1.000 19.692  0 95  ALA A CA  1 ? 
ATOM   749  C  C   . ALA A 1 95  ? -5.182  1.753   -4.783  1.000 20.716  0 95  ALA A C   1 ? 
ATOM   750  O  O   . ALA A 1 95  ? -5.829  2.556   -4.086  1.000 19.206  0 95  ALA A O   1 ? 
ATOM   751  C  CB  . ALA A 1 95  ? -2.981  1.092   -3.818  1.000 20.019  0 95  ALA A CB  1 ? 
ATOM   752  N  N   . LYS A 1 96  ? -5.065  1.866   -6.116  1.000 22.578  0 96  LYS A N   1 ? 
ATOM   753  C  CA  . LYS A 1 96  ? -5.780  2.894   -6.870  1.000 23.798  0 96  LYS A CA  1 ? 
ATOM   754  C  C   . LYS A 1 96  ? -7.294  2.670   -6.753  1.000 23.521  0 96  LYS A C   1 ? 
ATOM   755  O  O   . LYS A 1 96  ? -8.056  3.632   -6.613  1.000 22.761  0 96  LYS A O   1 ? 
ATOM   756  C  CB  . LYS A 1 96  ? -5.272  2.937   -8.320  1.000 24.633  0 96  LYS A CB  1 ? 
ATOM   757  C  CG  . LYS A 1 96  ? -3.864  3.496   -8.516  1.000 25.765  0 96  LYS A CG  1 ? 
ATOM   758  C  CD  . LYS A 1 96  ? -3.375  3.462   -9.969  1.000 30.047  0 96  LYS A CD  1 ? 
ATOM   759  C  CE  . LYS A 1 96  ? -2.051  4.175   -10.192 1.000 31.050  0 96  LYS A CE  1 ? 
ATOM   760  N  NZ  . LYS A 1 96  ? -1.628  4.094   -11.612 1.000 34.251  0 96  LYS A NZ  1 ? 
ATOM   761  N  N   . LYS A 1 97  ? -7.743  1.401   -6.730  1.000 24.585  0 97  LYS A N   1 ? 
ATOM   762  C  CA  . LYS A 1 97  ? -9.155  1.080   -6.514  1.000 26.140  0 97  LYS A CA  1 ? 
ATOM   763  C  C   . LYS A 1 97  ? -9.610  1.466   -5.103  1.000 23.505  0 97  LYS A C   1 ? 
ATOM   764  O  O   . LYS A 1 97  ? -10.679 2.076   -4.940  1.000 23.252  0 97  LYS A O   1 ? 
ATOM   765  C  CB  . LYS A 1 97  ? -9.461  -0.410  -6.727  1.000 30.811  0 97  LYS A CB  1 ? 
ATOM   766  C  CG  . LYS A 1 97  ? -9.547  -0.895  -8.164  1.000 37.412  0 97  LYS A CG  1 ? 
ATOM   767  C  CD  . LYS A 1 97  ? -10.531 -2.066  -8.314  1.000 46.287  0 97  LYS A CD  1 ? 
ATOM   768  C  CE  . LYS A 1 97  ? -10.589 -2.694  -9.693  1.000 50.434  0 97  LYS A CE  1 ? 
ATOM   769  N  NZ  . LYS A 1 97  ? -9.624  -3.812  -9.853  1.000 54.079  0 97  LYS A NZ  1 ? 
ATOM   770  N  N   . ILE A 1 98  ? -8.784  1.159   -4.087  1.000 21.252  0 98  ILE A N   1 ? 
ATOM   771  C  CA  . ILE A 1 98  ? -9.137  1.374   -2.685  1.000 20.967  0 98  ILE A CA  1 ? 
ATOM   772  C  C   . ILE A 1 98  ? -9.283  2.873   -2.402  1.000 21.678  0 98  ILE A C   1 ? 
ATOM   773  O  O   . ILE A 1 98  ? -10.295 3.299   -1.828  1.000 19.875  0 98  ILE A O   1 ? 
ATOM   774  C  CB  . ILE A 1 98  ? -8.084  0.712   -1.764  1.000 20.167  0 98  ILE A CB  1 ? 
ATOM   775  C  CG1 . ILE A 1 98  ? -8.043  -0.811  -1.969  1.000 20.115  0 98  ILE A CG1 1 ? 
ATOM   776  C  CG2 . ILE A 1 98  ? -8.247  1.082   -0.293  1.000 21.478  0 98  ILE A CG2 1 ? 
ATOM   777  C  CD1 . ILE A 1 98  ? -6.900  -1.501  -1.253  1.000 19.387  0 98  ILE A CD1 1 ? 
ATOM   778  N  N   . VAL A 1 99  ? -8.273  3.655   -2.823  1.000 20.805  0 99  VAL A N   1 ? 
ATOM   779  C  CA  . VAL A 1 99  ? -8.199  5.089   -2.565  1.000 20.111  0 99  VAL A CA  1 ? 
ATOM   780  C  C   . VAL A 1 99  ? -9.289  5.855   -3.334  1.000 23.449  0 99  VAL A C   1 ? 
ATOM   781  O  O   . VAL A 1 99  ? -9.609  6.984   -2.968  1.000 26.960  0 99  VAL A O   1 ? 
ATOM   782  C  CB  . VAL A 1 99  ? -6.790  5.653   -2.869  1.000 19.347  0 99  VAL A CB  1 ? 
ATOM   783  C  CG1 . VAL A 1 99  ? -6.543  5.945   -4.320  1.000 20.610  0 99  VAL A CG1 1 ? 
ATOM   784  C  CG2 . VAL A 1 99  ? -6.476  6.923   -2.072  1.000 20.410  0 99  VAL A CG2 1 ? 
ATOM   785  N  N   . SER A 1 100 ? -9.896  5.242   -4.355  1.000 24.299  0 100 SER A N   1 ? 
ATOM   786  C  CA  . SER A 1 100 ? -10.970 5.881   -5.099  1.000 28.820  0 100 SER A CA  1 ? 
ATOM   787  C  C   . SER A 1 100 ? -12.320 5.691   -4.412  1.000 34.561  0 100 SER A C   1 ? 
ATOM   788  O  O   . SER A 1 100 ? -13.284 6.358   -4.789  1.000 44.278  0 100 SER A O   1 ? 
ATOM   789  C  CB  . SER A 1 100 ? -10.993 5.381   -6.516  1.000 31.019  0 100 SER A CB  1 ? 
ATOM   790  O  OG  . SER A 1 100 ? -9.846  5.855   -7.216  1.000 28.451  0 100 SER A OG  1 ? 
ATOM   791  N  N   . ASP A 1 101 ? -12.390 4.822   -3.394  1.000 39.401  0 101 ASP A N   1 ? 
ATOM   792  C  CA  . ASP A 1 101 ? -13.670 4.351   -2.874  1.000 47.696  0 101 ASP A CA  1 ? 
ATOM   793  C  C   . ASP A 1 101 ? -14.513 5.482   -2.280  1.000 53.048  0 101 ASP A C   1 ? 
ATOM   794  O  O   . ASP A 1 101 ? -15.710 5.561   -2.567  1.000 59.927  0 101 ASP A O   1 ? 
ATOM   795  C  CB  . ASP A 1 101 ? -13.509 3.293   -1.785  1.000 49.436  0 101 ASP A CB  1 ? 
ATOM   796  C  CG  . ASP A 1 101 ? -14.852 2.761   -1.314  1.000 53.174  0 101 ASP A CG  1 ? 
ATOM   797  O  OD1 . ASP A 1 101 ? -15.496 2.023   -2.100  1.000 51.317  0 101 ASP A OD1 1 ? 
ATOM   798  O  OD2 . ASP A 1 101 ? -15.268 3.131   -0.188  1.000 61.234  0 101 ASP A OD2 1 ? 
ATOM   799  N  N   . GLY A 1 102 ? -13.907 6.320   -1.423  1.000 52.357  0 102 GLY A N   1 ? 
ATOM   800  C  CA  . GLY A 1 102 ? -14.637 7.398   -0.765  1.000 50.020  0 102 GLY A CA  1 ? 
ATOM   801  C  C   . GLY A 1 102 ? -13.989 7.904   0.528   1.000 45.991  0 102 GLY A C   1 ? 
ATOM   802  O  O   . GLY A 1 102 ? -14.148 9.081   0.855   1.000 50.031  0 102 GLY A O   1 ? 
ATOM   803  N  N   . ASN A 1 103 ? -13.305 7.010   1.270   1.000 41.747  0 103 ASN A N   1 ? 
ATOM   804  C  CA  . ASN A 1 103 ? -12.603 7.347   2.510   1.000 38.110  0 103 ASN A CA  1 ? 
ATOM   805  C  C   . ASN A 1 103 ? -11.162 7.773   2.220   1.000 25.509  0 103 ASN A C   1 ? 
ATOM   806  O  O   . ASN A 1 103 ? -10.426 8.187   3.136   1.000 22.479  0 103 ASN A O   1 ? 
ATOM   807  C  CB  . ASN A 1 103 ? -12.576 6.180   3.501   1.000 46.569  0 103 ASN A CB  1 ? 
ATOM   808  C  CG  . ASN A 1 103 ? -13.956 5.642   3.823   1.000 60.433  0 103 ASN A CG  1 ? 
ATOM   809  O  OD1 . ASN A 1 103 ? -14.784 6.338   4.412   1.000 66.268  0 103 ASN A OD1 1 ? 
ATOM   810  N  ND2 . ASN A 1 103 ? -14.219 4.400   3.445   1.000 66.515  0 103 ASN A ND2 1 ? 
ATOM   811  N  N   . GLY A 1 104 ? -10.762 7.676   0.948   1.000 23.075  0 104 GLY A N   1 ? 
ATOM   812  C  CA  . GLY A 1 104 ? -9.425  8.067   0.541   1.000 21.585  0 104 GLY A CA  1 ? 
ATOM   813  C  C   . GLY A 1 104 ? -8.381  7.235   1.284   1.000 19.173  0 104 GLY A C   1 ? 
ATOM   814  O  O   . GLY A 1 104 ? -8.578  6.036   1.493   1.000 21.076  0 104 GLY A O   1 ? 
ATOM   815  N  N   . MET A 1 105 ? -7.276  7.865   1.692   1.000 17.325  0 105 MET A N   1 ? 
ATOM   816  C  CA  . MET A 1 105 ? -6.186  7.131   2.321   1.000 17.969  0 105 MET A CA  1 ? 
ATOM   817  C  C   . MET A 1 105 ? -6.498  6.731   3.770   1.000 17.388  0 105 MET A C   1 ? 
ATOM   818  O  O   . MET A 1 105 ? -5.709  6.005   4.370   1.000 18.260  0 105 MET A O   1 ? 
ATOM   819  C  CB  . MET A 1 105 ? -4.861  7.900   2.244   1.000 17.513  0 105 MET A CB  1 ? 
ATOM   820  C  CG  . MET A 1 105 ? -4.204  7.799   0.845   1.000 18.077  0 105 MET A CG  1 ? 
ATOM   821  S  SD  . MET A 1 105 ? -2.435  8.273   0.695   1.000 18.796  0 105 MET A SD  1 ? 
ATOM   822  C  CE  . MET A 1 105 ? -1.651  6.924   1.578   1.000 21.025  0 105 MET A CE  1 ? 
ATOM   823  N  N   . ASN A 1 106 ? -7.630  7.184   4.356   1.000 17.364  0 106 ASN A N   1 ? 
ATOM   824  C  CA  . ASN A 1 106 ? -8.028  6.784   5.703   1.000 18.850  0 106 ASN A CA  1 ? 
ATOM   825  C  C   . ASN A 1 106 ? -8.251  5.267   5.774   1.000 19.277  0 106 ASN A C   1 ? 
ATOM   826  O  O   . ASN A 1 106 ? -8.216  4.706   6.883   1.000 21.277  0 106 ASN A O   1 ? 
ATOM   827  C  CB  . ASN A 1 106 ? -9.280  7.522   6.192   1.000 21.145  0 106 ASN A CB  1 ? 
ATOM   828  C  CG  . ASN A 1 106 ? -9.035  9.013   6.359   1.000 18.833  0 106 ASN A CG  1 ? 
ATOM   829  O  OD1 . ASN A 1 106 ? -8.335  9.433   7.275   1.000 19.067  0 106 ASN A OD1 1 ? 
ATOM   830  N  ND2 . ASN A 1 106 ? -9.524  9.816   5.417   1.000 20.786  0 106 ASN A ND2 1 ? 
ATOM   831  N  N   . ALA A 1 107 ? -8.435  4.605   4.605   1.000 20.860  0 107 ALA A N   1 ? 
ATOM   832  C  CA  . ALA A 1 107 ? -8.488  3.144   4.520   1.000 21.330  0 107 ALA A CA  1 ? 
ATOM   833  C  C   . ALA A 1 107 ? -7.226  2.467   5.089   1.000 21.373  0 107 ALA A C   1 ? 
ATOM   834  O  O   . ALA A 1 107 ? -7.321  1.330   5.562   1.000 23.910  0 107 ALA A O   1 ? 
ATOM   835  C  CB  . ALA A 1 107 ? -8.785  2.717   3.093   1.000 23.529  0 107 ALA A CB  1 ? 
ATOM   836  N  N   . TRP A 1 108 ? -6.055  3.126   5.054   1.000 18.707  0 108 TRP A N   1 ? 
ATOM   837  C  CA  . TRP A 1 108 ? -4.824  2.615   5.668   1.000 18.595  0 108 TRP A CA  1 ? 
ATOM   838  C  C   . TRP A 1 108 ? -4.622  3.137   7.097   1.000 21.658  0 108 TRP A C   1 ? 
ATOM   839  O  O   . TRP A 1 108 ? -4.310  4.322   7.326   1.000 19.841  0 108 TRP A O   1 ? 
ATOM   840  C  CB  . TRP A 1 108 ? -3.603  2.969   4.790   1.000 17.810  0 108 TRP A CB  1 ? 
ATOM   841  C  CG  . TRP A 1 108 ? -3.482  2.177   3.509   1.000 17.413  0 108 TRP A CG  1 ? 
ATOM   842  C  CD1 . TRP A 1 108 ? -2.875  0.953   3.358   1.000 16.019  0 108 TRP A CD1 1 ? 
ATOM   843  C  CD2 . TRP A 1 108 ? -4.031  2.497   2.200   1.000 17.089  0 108 TRP A CD2 1 ? 
ATOM   844  N  NE1 . TRP A 1 108 ? -2.960  0.522   2.069   1.000 15.670  0 108 TRP A NE1 1 ? 
ATOM   845  C  CE2 . TRP A 1 108 ? -3.674  1.436   1.325   1.000 17.257  0 108 TRP A CE2 1 ? 
ATOM   846  C  CE3 . TRP A 1 108 ? -4.786  3.557   1.660   1.000 16.639  0 108 TRP A CE3 1 ? 
ATOM   847  C  CZ2 . TRP A 1 108 ? -4.039  1.423   -0.022  1.000 18.632  0 108 TRP A CZ2 1 ? 
ATOM   848  C  CZ3 . TRP A 1 108 ? -5.177  3.527   0.334   1.000 16.895  0 108 TRP A CZ3 1 ? 
ATOM   849  C  CH2 . TRP A 1 108 ? -4.776  2.487   -0.514  1.000 17.484  0 108 TRP A CH2 1 ? 
ATOM   850  N  N   . VAL A 1 109 ? -4.711  2.219   8.081   1.000 22.539  0 109 VAL A N   1 ? 
ATOM   851  C  CA  . VAL A 1 109 ? -4.648  2.583   9.489   1.000 20.657  0 109 VAL A CA  1 ? 
ATOM   852  C  C   . VAL A 1 109 ? -3.304  3.226   9.825   1.000 17.987  0 109 VAL A C   1 ? 
ATOM   853  O  O   . VAL A 1 109 ? -3.285  4.224   10.552  1.000 17.327  0 109 VAL A O   1 ? 
ATOM   854  C  CB  . VAL A 1 109 ? -4.957  1.377   10.407  1.000 25.751  0 109 VAL A CB  1 ? 
ATOM   855  C  CG1 . VAL A 1 109 ? -4.833  1.741   11.868  1.000 27.592  0 109 VAL A CG1 1 ? 
ATOM   856  C  CG2 . VAL A 1 109 ? -6.348  0.823   10.144  1.000 29.121  0 109 VAL A CG2 1 ? 
ATOM   857  N  N   . ALA A 1 110 ? -2.196  2.712   9.271   1.000 17.784  0 110 ALA A N   1 ? 
ATOM   858  C  CA  . ALA A 1 110 ? -0.891  3.322   9.540   1.000 18.021  0 110 ALA A CA  1 ? 
ATOM   859  C  C   . ALA A 1 110 ? -0.754  4.738   8.953   1.000 16.166  0 110 ALA A C   1 ? 
ATOM   860  O  O   . ALA A 1 110 ? -0.041  5.566   9.520   1.000 16.397  0 110 ALA A O   1 ? 
ATOM   861  C  CB  . ALA A 1 110 ? 0.220   2.423   9.043   1.000 19.185  0 110 ALA A CB  1 ? 
ATOM   862  N  N   . TRP A 1 111 ? -1.349  5.007   7.792   1.000 16.076  0 111 TRP A N   1 ? 
ATOM   863  C  CA  . TRP A 1 111 ? -1.347  6.361   7.254   1.000 15.572  0 111 TRP A CA  1 ? 
ATOM   864  C  C   . TRP A 1 111 ? -2.082  7.323   8.197   1.000 15.269  0 111 TRP A C   1 ? 
ATOM   865  O  O   . TRP A 1 111 ? -1.565  8.384   8.566   1.000 15.122  0 111 TRP A O   1 ? 
ATOM   866  C  CB  . TRP A 1 111 ? -1.912  6.426   5.824   1.000 16.765  0 111 TRP A CB  1 ? 
ATOM   867  C  CG  . TRP A 1 111 ? -1.894  7.823   5.257   1.000 16.581  0 111 TRP A CG  1 ? 
ATOM   868  C  CD1 . TRP A 1 111 ? -0.844  8.472   4.665   1.000 17.542  0 111 TRP A CD1 1 ? 
ATOM   869  C  CD2 . TRP A 1 111 ? -2.998  8.758   5.267   1.000 18.693  0 111 TRP A CD2 1 ? 
ATOM   870  N  NE1 . TRP A 1 111 ? -1.206  9.749   4.348   1.000 16.835  0 111 TRP A NE1 1 ? 
ATOM   871  C  CE2 . TRP A 1 111 ? -2.529  9.948   4.673   1.000 16.528  0 111 TRP A CE2 1 ? 
ATOM   872  C  CE3 . TRP A 1 111 ? -4.334  8.704   5.696   1.000 17.087  0 111 TRP A CE3 1 ? 
ATOM   873  C  CZ2 . TRP A 1 111 ? -3.348  11.063  4.532   1.000 18.953  0 111 TRP A CZ2 1 ? 
ATOM   874  C  CZ3 . TRP A 1 111 ? -5.127  9.813   5.592   1.000 17.792  0 111 TRP A CZ3 1 ? 
ATOM   875  C  CH2 . TRP A 1 111 ? -4.654  10.979  4.991   1.000 17.583  0 111 TRP A CH2 1 ? 
ATOM   876  N  N   . ARG A 1 112 ? -3.302  6.956   8.621   1.000 16.716  0 112 ARG A N   1 ? 
ATOM   877  C  CA  . ARG A 1 112 ? -4.077  7.835   9.479   1.000 18.634  0 112 ARG A CA  1 ? 
ATOM   878  C  C   . ARG A 1 112 ? -3.283  8.132   10.761  1.000 16.210  0 112 ARG A C   1 ? 
ATOM   879  O  O   . ARG A 1 112 ? -3.333  9.250   11.261  1.000 16.674  0 112 ARG A O   1 ? 
ATOM   880  C  CB  . ARG A 1 112 ? -5.465  7.232   9.740   1.000 23.008  0 112 ARG A CB  1 ? 
ATOM   881  C  CG  . ARG A 1 112 ? -6.476  8.219   10.304  1.000 30.475  0 112 ARG A CG  1 ? 
ATOM   882  C  CD  . ARG A 1 112 ? -7.654  7.532   10.977  1.000 38.740  0 112 ARG A CD  1 ? 
ATOM   883  N  NE  . ARG A 1 112 ? -7.999  6.281   10.310  1.000 41.575  0 112 ARG A NE  1 ? 
ATOM   884  C  CZ  . ARG A 1 112 ? -7.962  5.069   10.868  1.000 49.386  0 112 ARG A CZ  1 ? 
ATOM   885  N  NH1 . ARG A 1 112 ? -7.644  4.923   12.143  1.000 55.220  0 112 ARG A NH1 1 ? 
ATOM   886  N  NH2 . ARG A 1 112 ? -8.260  3.998   10.144  1.000 47.590  0 112 ARG A NH2 1 ? 
ATOM   887  N  N   . ASN A 1 113 ? -2.541  7.154   11.304  1.000 16.718  0 113 ASN A N   1 ? 
ATOM   888  C  CA  . ASN A 1 113 ? -2.043  7.280   12.670  1.000 17.052  0 113 ASN A CA  1 ? 
ATOM   889  C  C   . ASN A 1 113 ? -0.621  7.831   12.743  1.000 18.816  0 113 ASN A C   1 ? 
ATOM   890  O  O   . ASN A 1 113 ? -0.221  8.345   13.806  1.000 17.015  0 113 ASN A O   1 ? 
ATOM   891  C  CB  . ASN A 1 113 ? -2.136  5.950   13.420  1.000 18.537  0 113 ASN A CB  1 ? 
ATOM   892  C  CG  . ASN A 1 113 ? -3.562  5.607   13.809  1.000 20.678  0 113 ASN A CG  1 ? 
ATOM   893  O  OD1 . ASN A 1 113 ? -4.371  6.503   14.023  1.000 22.784  0 113 ASN A OD1 1 ? 
ATOM   894  N  ND2 . ASN A 1 113 ? -3.846  4.336   14.053  1.000 25.260  0 113 ASN A ND2 1 ? 
ATOM   895  N  N   . ARG A 1 114 ? 0.133   7.735   11.635  1.000 20.663  0 114 ARG A N   1 ? 
ATOM   896  C  CA  . ARG A 1 114 ? 1.547   8.081   11.658  1.000 21.616  0 114 ARG A CA  1 ? 
ATOM   897  C  C   . ARG A 1 114 ? 1.981   9.028   10.526  1.000 20.852  0 114 ARG A C   1 ? 
ATOM   898  O  O   . ARG A 1 114 ? 3.100   9.551   10.585  1.000 22.663  0 114 ARG A O   1 ? 
ATOM   899  C  CB  . ARG A 1 114 ? 2.314   6.759   11.663  1.000 24.724  0 114 ARG A CB  1 ? 
ATOM   900  C  CG  . ARG A 1 114 ? 1.867   5.848   12.809  1.000 25.587  0 114 ARG A CG  1 ? 
ATOM   901  C  CD  . ARG A 1 114 ? 2.715   4.614   13.000  1.000 25.750  0 114 ARG A CD  1 ? 
ATOM   902  N  NE  . ARG A 1 114 ? 4.048   4.908   13.488  1.000 21.927  0 114 ARG A NE  1 ? 
ATOM   903  C  CZ  . ARG A 1 114 ? 4.965   3.962   13.666  1.000 20.138  0 114 ARG A CZ  1 ? 
ATOM   904  N  NH1 . ARG A 1 114 ? 4.675   2.721   13.357  1.000 20.906  0 114 ARG A NH1 1 ? 
ATOM   905  N  NH2 . ARG A 1 114 ? 6.174   4.265   14.084  1.000 22.242  0 114 ARG A NH2 1 ? 
ATOM   906  N  N   . CYS A 1 115 ? 1.128   9.284   9.514   1.000 16.729  0 115 CYS A N   1 ? 
ATOM   907  C  CA  . CYS A 1 115 ? 1.490   10.117  8.368   1.000 17.629  0 115 CYS A CA  1 ? 
ATOM   908  C  C   . CYS A 1 115 ? 0.598   11.371  8.235   1.000 19.465  0 115 CYS A C   1 ? 
ATOM   909  O  O   . CYS A 1 115 ? 1.102   12.486  8.026   1.000 17.845  0 115 CYS A O   1 ? 
ATOM   910  C  CB  . CYS A 1 115 ? 1.383   9.293   7.096   1.000 17.552  0 115 CYS A CB  1 ? 
ATOM   911  S  SG  . CYS A 1 115 ? 2.529   7.880   7.021   1.000 16.868  0 115 CYS A SG  1 ? 
ATOM   912  N  N   . LYS A 1 116 ? -0.729  11.186  8.309   1.000 16.842  0 116 LYS A N   1 ? 
ATOM   913  C  CA  . LYS A 1 116 ? -1.720  12.264  8.206   1.000 19.348  0 116 LYS A CA  1 ? 
ATOM   914  C  C   . LYS A 1 116 ? -1.363  13.401  9.177   1.000 20.709  0 116 LYS A C   1 ? 
ATOM   915  O  O   . LYS A 1 116 ? -1.212  13.170  10.380  1.000 19.070  0 116 LYS A O   1 ? 
ATOM   916  C  CB  . LYS A 1 116 ? -3.121  11.727  8.524   1.000 18.571  0 116 LYS A CB  1 ? 
ATOM   917  C  CG  . LYS A 1 116 ? -4.305  12.646  8.237   1.000 19.614  0 116 LYS A CG  1 ? 
ATOM   918  C  CD  . LYS A 1 116 ? -5.672  12.030  8.516   1.000 17.409  0 116 LYS A CD  1 ? 
ATOM   919  C  CE  . LYS A 1 116 ? -6.854  12.891  8.126   1.000 19.892  0 116 LYS A CE  1 ? 
ATOM   920  N  NZ  . LYS A 1 116 ? -8.138  12.217  8.432   1.000 19.495  0 116 LYS A NZ  1 ? 
ATOM   921  N  N   . GLY A 1 117 ? -1.186  14.618  8.636   1.000 20.954  0 117 GLY A N   1 ? 
ATOM   922  C  CA  . GLY A 1 117 ? -0.988  15.790  9.469   1.000 21.995  0 117 GLY A CA  1 ? 
ATOM   923  C  C   . GLY A 1 117 ? 0.478   16.075  9.783   1.000 24.129  0 117 GLY A C   1 ? 
ATOM   924  O  O   . GLY A 1 117 ? 0.761   17.055  10.473  1.000 27.376  0 117 GLY A O   1 ? 
ATOM   925  N  N   . THR A 1 118 ? 1.387   15.211  9.312   1.000 21.079  0 118 THR A N   1 ? 
ATOM   926  C  CA  . THR A 1 118 ? 2.825   15.362  9.488   1.000 23.425  0 118 THR A CA  1 ? 
ATOM   927  C  C   . THR A 1 118 ? 3.445   15.908  8.198   1.000 23.837  0 118 THR A C   1 ? 
ATOM   928  O  O   . THR A 1 118 ? 2.791   15.992  7.151   1.000 21.198  0 118 THR A O   1 ? 
ATOM   929  C  CB  . THR A 1 118 ? 3.480   14.041  9.921   1.000 22.778  0 118 THR A CB  1 ? 
ATOM   930  O  OG1 . THR A 1 118 ? 3.598   13.173  8.787   1.000 21.641  0 118 THR A OG1 1 ? 
ATOM   931  C  CG2 . THR A 1 118 ? 2.740   13.324  11.029  1.000 24.286  0 118 THR A CG2 1 ? 
ATOM   932  N  N   . ASP A 1 119 ? 4.737   16.253  8.289   1.000 27.300  0 119 ASP A N   1 ? 
ATOM   933  C  CA  . ASP A 1 119 ? 5.534   16.688  7.150   1.000 31.337  0 119 ASP A CA  1 ? 
ATOM   934  C  C   . ASP A 1 119 ? 5.935   15.466  6.318   1.000 28.486  0 119 ASP A C   1 ? 
ATOM   935  O  O   . ASP A 1 119 ? 7.062   14.989  6.403   1.000 34.184  0 119 ASP A O   1 ? 
ATOM   936  C  CB  . ASP A 1 119 ? 6.768   17.490  7.601   1.000 33.701  0 119 ASP A CB  1 ? 
ATOM   937  C  CG  . ASP A 1 119 ? 7.616   18.081  6.475   1.000 38.482  0 119 ASP A CG  1 ? 
ATOM   938  O  OD1 . ASP A 1 119 ? 7.110   18.179  5.346   1.000 43.338  0 119 ASP A OD1 1 ? 
ATOM   939  O  OD2 . ASP A 1 119 ? 8.791   18.437  6.732   1.000 44.412  0 119 ASP A OD2 1 ? 
ATOM   940  N  N   . VAL A 1 120 ? 5.000   14.949  5.518   1.000 30.045  0 120 VAL A N   1 ? 
ATOM   941  C  CA  . VAL A 1 120 ? 5.243   13.736  4.745   1.000 26.155  0 120 VAL A CA  1 ? 
ATOM   942  C  C   . VAL A 1 120 ? 6.327   13.941  3.670   1.000 27.761  0 120 VAL A C   1 ? 
ATOM   943  O  O   . VAL A 1 120 ? 6.964   12.982  3.236   1.000 27.243  0 120 VAL A O   1 ? 
ATOM   944  C  CB  . VAL A 1 120 ? 3.922   13.194  4.149   1.000 24.658  0 120 VAL A CB  1 ? 
ATOM   945  C  CG1 . VAL A 1 120 ? 2.966   12.758  5.252   1.000 24.074  0 120 VAL A CG1 1 ? 
ATOM   946  C  CG2 . VAL A 1 120 ? 3.239   14.178  3.211   1.000 24.700  0 120 VAL A CG2 1 ? 
ATOM   947  N  N   A GLN A 1 121 ? 6.570   15.183  3.257   0.400 26.594  0 121 GLN A N   1 ? 
ATOM   948  N  N   B GLN A 1 121 ? 6.481   15.197  3.213   0.600 28.427  0 121 GLN A N   1 ? 
ATOM   949  C  CA  A GLN A 1 121 ? 7.455   15.414  2.131   0.400 25.846  0 121 GLN A CA  1 ? 
ATOM   950  C  CA  B GLN A 1 121 ? 7.480   15.613  2.234   0.600 28.433  0 121 GLN A CA  1 ? 
ATOM   951  C  C   A GLN A 1 121 ? 8.906   15.187  2.565   0.400 25.192  0 121 GLN A C   1 ? 
ATOM   952  C  C   B GLN A 1 121 ? 8.862   15.077  2.585   0.600 25.975  0 121 GLN A C   1 ? 
ATOM   953  O  O   A GLN A 1 121 ? 9.782   15.062  1.713   0.400 25.434  0 121 GLN A O   1 ? 
ATOM   954  O  O   B GLN A 1 121 ? 9.657   14.744  1.710   0.600 27.055  0 121 GLN A O   1 ? 
ATOM   955  C  CB  A GLN A 1 121 ? 7.086   16.763  1.512   0.400 24.726  0 121 GLN A CB  1 ? 
ATOM   956  C  CB  B GLN A 1 121 ? 7.589   17.140  2.194   0.600 30.413  0 121 GLN A CB  1 ? 
ATOM   957  C  CG  A GLN A 1 121 ? 5.780   16.678  0.721   0.400 24.381  0 121 GLN A CG  1 ? 
ATOM   958  C  CG  B GLN A 1 121 ? 7.111   17.773  0.902   0.600 31.471  0 121 GLN A CG  1 ? 
ATOM   959  C  CD  A GLN A 1 121 ? 5.979   15.898  -0.556  0.400 23.223  0 121 GLN A CD  1 ? 
ATOM   960  C  CD  B GLN A 1 121 ? 8.215   17.922  -0.116  0.600 32.756  0 121 GLN A CD  1 ? 
ATOM   961  O  OE1 A GLN A 1 121 ? 5.365   14.852  -0.803  0.400 19.735  0 121 GLN A OE1 1 ? 
ATOM   962  O  OE1 B GLN A 1 121 ? 8.019   18.480  -1.198  0.600 34.171  0 121 GLN A OE1 1 ? 
ATOM   963  N  NE2 A GLN A 1 121 ? 6.863   16.424  -1.386  0.400 23.405  0 121 GLN A NE2 1 ? 
ATOM   964  N  NE2 B GLN A 1 121 ? 9.395   17.436  0.235   0.600 32.123  0 121 GLN A NE2 1 ? 
ATOM   965  N  N   . ALA A 1 122 ? 9.151   15.086  3.883   1.000 26.688  0 122 ALA A N   1 ? 
ATOM   966  C  CA  . ALA A 1 122 ? 10.422  14.621  4.405   1.000 25.854  0 122 ALA A CA  1 ? 
ATOM   967  C  C   . ALA A 1 122 ? 10.749  13.205  3.913   1.000 26.418  0 122 ALA A C   1 ? 
ATOM   968  O  O   . ALA A 1 122 ? 11.925  12.856  3.844   1.000 24.567  0 122 ALA A O   1 ? 
ATOM   969  C  CB  . ALA A 1 122 ? 10.436  14.693  5.912   1.000 29.535  0 122 ALA A CB  1 ? 
ATOM   970  N  N   . TRP A 1 123 ? 9.732   12.382  3.585   1.000 26.119  0 123 TRP A N   1 ? 
ATOM   971  C  CA  . TRP A 1 123 ? 9.980   11.009  3.160   1.000 24.801  0 123 TRP A CA  1 ? 
ATOM   972  C  C   . TRP A 1 123 ? 10.598  10.921  1.765   1.000 25.709  0 123 TRP A C   1 ? 
ATOM   973  O  O   . TRP A 1 123 ? 11.096  9.859   1.411   1.000 25.176  0 123 TRP A O   1 ? 
ATOM   974  C  CB  . TRP A 1 123 ? 8.703   10.166  3.291   1.000 25.945  0 123 TRP A CB  1 ? 
ATOM   975  C  CG  . TRP A 1 123 ? 8.455   9.857   4.745   1.000 26.314  0 123 TRP A CG  1 ? 
ATOM   976  C  CD1 . TRP A 1 123 ? 7.589   10.493  5.584   1.000 29.405  0 123 TRP A CD1 1 ? 
ATOM   977  C  CD2 . TRP A 1 123 ? 9.167   8.886   5.546   1.000 24.551  0 123 TRP A CD2 1 ? 
ATOM   978  N  NE1 . TRP A 1 123 ? 7.682   9.963   6.842   1.000 29.310  0 123 TRP A NE1 1 ? 
ATOM   979  C  CE2 . TRP A 1 123 ? 8.649   8.993   6.863   1.000 27.923  0 123 TRP A CE2 1 ? 
ATOM   980  C  CE3 . TRP A 1 123 ? 10.181  7.963   5.253   1.000 24.462  0 123 TRP A CE3 1 ? 
ATOM   981  C  CZ2 . TRP A 1 123 ? 9.094   8.194   7.915   1.000 25.606  0 123 TRP A CZ2 1 ? 
ATOM   982  C  CZ3 . TRP A 1 123 ? 10.697  7.148   6.242   1.000 27.133  0 123 TRP A CZ3 1 ? 
ATOM   983  N  N   . ILE A 1 124 ? 10.635  12.016  0.994   1.000 23.409  0 124 ILE A N   1 ? 
ATOM   984  C  CA  . ILE A 1 124 ? 11.289  11.984  -0.310  1.000 24.261  0 124 ILE A CA  1 ? 
ATOM   985  C  C   . ILE A 1 124 ? 12.466  12.980  -0.368  1.000 27.304  0 124 ILE A C   1 ? 
ATOM   986  O  O   . ILE A 1 124 ? 13.006  13.244  -1.446  1.000 22.444  0 124 ILE A O   1 ? 
ATOM   987  C  CB  . ILE A 1 124 ? 10.253  12.162  -1.447  1.000 22.981  0 124 ILE A CB  1 ? 
ATOM   988  C  CG1 . ILE A 1 124 ? 9.569   13.530  -1.448  1.000 24.846  0 124 ILE A CG1 1 ? 
ATOM   989  C  CG2 . ILE A 1 124 ? 9.242   11.012  -1.423  1.000 23.257  0 124 ILE A CG2 1 ? 
ATOM   990  C  CD1 . ILE A 1 124 ? 8.800   13.843  -2.721  1.000 24.379  0 124 ILE A CD1 1 ? 
ATOM   991  N  N   . ARG A 1 125 ? 12.960  13.441  0.793   1.000 29.272  0 125 ARG A N   1 ? 
ATOM   992  C  CA  . ARG A 1 125 ? 14.077  14.381  0.818   1.000 31.479  0 125 ARG A CA  1 ? 
ATOM   993  C  C   . ARG A 1 125 ? 15.366  13.690  0.351   1.000 29.915  0 125 ARG A C   1 ? 
ATOM   994  O  O   . ARG A 1 125 ? 15.647  12.553  0.721   1.000 30.904  0 125 ARG A O   1 ? 
ATOM   995  C  CB  . ARG A 1 125 ? 14.214  15.020  2.209   1.000 40.399  0 125 ARG A CB  1 ? 
ATOM   996  C  CG  . ARG A 1 125 ? 15.210  14.333  3.138   1.000 52.110  0 125 ARG A CG  1 ? 
ATOM   997  C  CD  . ARG A 1 125 ? 15.027  14.637  4.617   1.000 62.926  0 125 ARG A CD  1 ? 
ATOM   998  N  NE  . ARG A 1 125 ? 14.301  13.581  5.325   1.000 76.715  0 125 ARG A NE  1 ? 
ATOM   999  C  CZ  . ARG A 1 125 ? 14.820  12.410  5.698   1.000 85.987  0 125 ARG A CZ  1 ? 
ATOM   1000 N  NH1 . ARG A 1 125 ? 14.057  11.502  6.288   1.000 87.553  0 125 ARG A NH1 1 ? 
ATOM   1001 N  NH2 . ARG A 1 125 ? 16.097  12.147  5.474   1.000 88.113  0 125 ARG A NH2 1 ? 
ATOM   1002 N  N   . GLY A 1 126 ? 16.141  14.376  -0.509  1.000 28.078  0 126 GLY A N   1 ? 
ATOM   1003 C  CA  . GLY A 1 126 ? 17.399  13.844  -1.005  1.000 28.515  0 126 GLY A CA  1 ? 
ATOM   1004 C  C   . GLY A 1 126 ? 17.238  13.001  -2.269  1.000 28.055  0 126 GLY A C   1 ? 
ATOM   1005 O  O   . GLY A 1 126 ? 18.219  12.715  -2.948  1.000 31.486  0 126 GLY A O   1 ? 
ATOM   1006 N  N   . CYS A 1 127 ? 16.007  12.632  -2.622  1.000 25.731  0 127 CYS A N   1 ? 
ATOM   1007 C  CA  . CYS A 1 127 ? 15.793  11.718  -3.735  1.000 27.210  0 127 CYS A CA  1 ? 
ATOM   1008 C  C   . CYS A 1 127 ? 15.781  12.526  -5.036  1.000 26.452  0 127 CYS A C   1 ? 
ATOM   1009 O  O   . CYS A 1 127 ? 15.171  13.610  -5.096  1.000 25.758  0 127 CYS A O   1 ? 
ATOM   1010 C  CB  . CYS A 1 127 ? 14.492  10.929  -3.591  1.000 25.405  0 127 CYS A CB  1 ? 
ATOM   1011 S  SG  . CYS A 1 127 ? 14.305  9.993   -2.041  1.000 25.037  0 127 CYS A SG  1 ? 
ATOM   1012 N  N   A ARG A 1 128 ? 16.494  12.001  -6.048  0.500 28.406  0 128 ARG A N   1 ? 
ATOM   1013 N  N   B ARG A 1 128 ? 16.497  12.019  -6.045  0.500 28.210  0 128 ARG A N   1 ? 
ATOM   1014 C  CA  A ARG A 1 128 ? 16.462  12.524  -7.408  0.500 30.204  0 128 ARG A CA  1 ? 
ATOM   1015 C  CA  B ARG A 1 128 ? 16.447  12.598  -7.377  0.500 29.784  0 128 ARG A CA  1 ? 
ATOM   1016 C  C   A ARG A 1 128 ? 15.247  11.931  -8.110  0.500 32.825  0 128 ARG A C   1 ? 
ATOM   1017 C  C   B ARG A 1 128 ? 15.272  11.961  -8.114  0.500 32.483  0 128 ARG A C   1 ? 
ATOM   1018 O  O   A ARG A 1 128 ? 15.277  10.753  -8.473  0.500 34.019  0 128 ARG A O   1 ? 
ATOM   1019 O  O   B ARG A 1 128 ? 15.346  10.788  -8.486  0.500 33.496  0 128 ARG A O   1 ? 
ATOM   1020 C  CB  A ARG A 1 128 ? 17.712  12.116  -8.201  0.500 30.732  0 128 ARG A CB  1 ? 
ATOM   1021 C  CB  B ARG A 1 128 ? 17.766  12.382  -8.127  0.500 30.327  0 128 ARG A CB  1 ? 
ATOM   1022 C  CG  A ARG A 1 128 ? 19.001  12.147  -7.400  0.500 31.503  0 128 ARG A CG  1 ? 
ATOM   1023 C  CG  B ARG A 1 128 ? 17.703  12.870  -9.566  0.500 30.864  0 128 ARG A CG  1 ? 
ATOM   1024 C  CD  A ARG A 1 128 ? 20.230  11.589  -8.097  0.500 33.260  0 128 ARG A CD  1 ? 
ATOM   1025 C  CD  B ARG A 1 128 ? 17.498  14.366  -9.653  0.500 33.098  0 128 ARG A CD  1 ? 
ATOM   1026 N  NE  A ARG A 1 128 ? 21.310  11.528  -7.124  0.500 35.931  0 128 ARG A NE  1 ? 
ATOM   1027 N  NE  B ARG A 1 128 ? 18.737  14.969  -10.112 0.500 34.887  0 128 ARG A NE  1 ? 
ATOM   1028 C  CZ  A ARG A 1 128 ? 21.770  10.413  -6.557  0.500 37.458  0 128 ARG A CZ  1 ? 
ATOM   1029 C  CZ  B ARG A 1 128 ? 19.090  15.064  -11.386 0.500 34.555  0 128 ARG A CZ  1 ? 
ATOM   1030 N  NH1 A ARG A 1 128 ? 22.379  10.478  -5.388  0.500 39.701  0 128 ARG A NH1 1 ? 
ATOM   1031 N  NH1 B ARG A 1 128 ? 20.322  15.409  -11.705 0.500 36.529  0 128 ARG A NH1 1 ? 
ATOM   1032 N  NH2 A ARG A 1 128 ? 21.513  9.229   -7.085  0.500 34.924  0 128 ARG A NH2 1 ? 
ATOM   1033 N  NH2 B ARG A 1 128 ? 18.219  14.774  -12.336 0.500 34.689  0 128 ARG A NH2 1 ? 
ATOM   1034 N  N   . LEU A 1 129 ? 14.185  12.735  -8.265  1.000 32.748  0 129 LEU A N   1 ? 
ATOM   1035 C  CA  . LEU A 1 129 ? 12.929  12.264  -8.840  1.000 37.958  0 129 LEU A CA  1 ? 
ATOM   1036 C  C   . LEU A 1 129 ? 12.537  13.154  -10.024 1.000 43.917  0 129 LEU A C   1 ? 
ATOM   1037 O  O   . LEU A 1 129 ? 11.750  12.649  -10.862 1.000 46.709  0 129 LEU A O   1 ? 
ATOM   1038 C  CB  . LEU A 1 129 ? 11.790  12.302  -7.809  1.000 41.893  0 129 LEU A CB  1 ? 
ATOM   1039 C  CG  . LEU A 1 129 ? 11.574  11.100  -6.880  1.000 44.353  0 129 LEU A CG  1 ? 
ATOM   1040 C  CD1 . LEU A 1 129 ? 12.539  9.942   -7.121  1.000 45.586  0 129 LEU A CD1 1 ? 
ATOM   1041 C  CD2 . LEU A 1 129 ? 11.610  11.539  -5.426  1.000 46.874  0 129 LEU A CD2 1 ? 
ATOM   1042 O  OXT . LEU A 1 129 ? 12.985  14.321  -10.044 1.000 45.219  0 129 LEU A OXT 1 ? 
HETATM 1043 C  C11 A ZQ2 B 2 .   ? -19.072 5.764   1.481   0.400 27.655  0 201 ZQ2 A C11 1 ? 
HETATM 1044 C  C12 A ZQ2 B 2 .   ? -20.117 5.174   0.844   0.400 26.553  0 201 ZQ2 A C12 1 ? 
HETATM 1045 C  C13 A ZQ2 B 2 .   ? -19.878 4.248   -0.127  0.400 25.070  0 201 ZQ2 A C13 1 ? 
HETATM 1046 RU RU1 A ZQ2 B 2 .   ? -17.322 1.105   -3.666  0.400 37.478  0 201 ZQ2 A RU1 1 ? 
HETATM 1047 RU RU2 A ZQ2 B 2 .   ? -17.276 1.219   -1.365  0.400 32.827  0 201 ZQ2 A RU2 1 ? 
HETATM 1048 O  O6  A ZQ2 B 2 .   ? -16.376 -0.605  -1.203  0.400 34.889  0 201 ZQ2 A O6  1 ? 
HETATM 1049 O  O5  A ZQ2 B 2 .   ? -16.341 -0.707  -3.426  0.400 33.529  0 201 ZQ2 A O5  1 ? 
HETATM 1050 N  N1  A ZQ2 B 2 .   ? -18.108 2.960   -3.816  0.400 33.210  0 201 ZQ2 A N1  1 ? 
HETATM 1051 N  N2  A ZQ2 B 2 .   ? -18.334 2.921   -1.496  0.400 28.759  0 201 ZQ2 A N2  1 ? 
HETATM 1052 C  C2  A ZQ2 B 2 .   ? -17.695 3.769   -4.919  0.400 36.114  0 201 ZQ2 A C2  1 ? 
HETATM 1053 C  C3  A ZQ2 B 2 .   ? -17.827 5.151   -4.978  0.400 36.609  0 201 ZQ2 A C3  1 ? 
HETATM 1054 C  C4  A ZQ2 B 2 .   ? -17.396 5.843   -6.106  0.400 38.407  0 201 ZQ2 A C4  1 ? 
HETATM 1055 C  C7  A ZQ2 B 2 .   ? -17.135 3.094   -5.999  0.400 36.991  0 201 ZQ2 A C7  1 ? 
HETATM 1056 C  C18 A ZQ2 B 2 .   ? -15.901 -1.050  -2.274  0.400 32.773  0 201 ZQ2 A C18 1 ? 
HETATM 1057 C  C1  A ZQ2 B 2 .   ? -18.403 3.541   -2.673  0.400 31.533  0 201 ZQ2 A C1  1 ? 
HETATM 1058 C  C6  A ZQ2 B 2 .   ? -16.709 3.759   -7.118  0.400 37.049  0 201 ZQ2 A C6  1 ? 
HETATM 1059 C  C5  A ZQ2 B 2 .   ? -16.849 5.116   -7.145  0.400 38.132  0 201 ZQ2 A C5  1 ? 
HETATM 1060 C  C8  A ZQ2 B 2 .   ? -18.591 3.865   -0.447  0.400 25.668  0 201 ZQ2 A C8  1 ? 
HETATM 1061 C  C10 A ZQ2 B 2 .   ? -17.798 5.437   1.166   0.400 26.850  0 201 ZQ2 A C10 1 ? 
HETATM 1062 C  C9  A ZQ2 B 2 .   ? -17.539 4.489   0.206   0.400 23.980  0 201 ZQ2 A C9  1 ? 
HETATM 1063 C  C19 A ZQ2 B 2 .   ? -14.760 -1.996  -2.123  0.400 32.376  0 201 ZQ2 A C19 1 ? 
HETATM 1064 C  C1  . SIN C 3 .   ? -19.924 -0.751  -3.431  0.400 29.852  0 202 SIN A C1  1 ? 
HETATM 1065 O  O1  . SIN C 3 .   ? -20.882 -1.150  -2.739  0.400 27.999  0 202 SIN A O1  1 ? 
HETATM 1066 O  O2  . SIN C 3 .   ? -19.898 0.349   -4.027  0.400 26.134  0 202 SIN A O2  1 ? 
HETATM 1067 C  C2  . SIN C 3 .   ? -18.714 -1.660  -3.565  0.400 30.442  0 202 SIN A C2  1 ? 
HETATM 1068 C  C3  . SIN C 3 .   ? -17.949 -1.480  -4.857  0.400 31.486  0 202 SIN A C3  1 ? 
HETATM 1069 C  C4  . SIN C 3 .   ? -18.512 -2.259  -6.032  0.400 32.201  0 202 SIN A C4  1 ? 
HETATM 1070 O  O3  . SIN C 3 .   ? -17.708 -2.827  -6.800  0.400 35.683  0 202 SIN A O3  1 ? 
HETATM 1071 O  O4  . SIN C 3 .   ? -19.753 -2.297  -6.176  0.400 31.962  0 202 SIN A O4  1 ? 
HETATM 1072 C  C11 B ZWH D 4 .   ? 21.325  4.192   9.950   0.450 31.572  0 203 ZWH A C11 1 ? 
HETATM 1073 C  C21 . ZWH D 4 .   ? 13.954  -0.296  11.738  0.450 41.212  0 203 ZWH A C21 1 ? 
HETATM 1074 O  O21 . ZWH D 4 .   ? 15.757  -1.633  10.948  0.450 41.915  0 203 ZWH A O21 1 ? 
HETATM 1075 C  C31 . ZWH D 4 .   ? 14.908  0.674   12.398  0.450 39.638  0 203 ZWH A C31 1 ? 
HETATM 1076 O  O31 . ZWH D 4 .   ? 14.622  5.196   11.803  0.450 29.210  0 203 ZWH A O31 1 ? 
HETATM 1077 C  C41 . ZWH D 4 .   ? 15.022  2.012   11.692  0.450 39.134  0 203 ZWH A C41 1 ? 
HETATM 1078 O  O41 . ZWH D 4 .   ? 12.817  4.335   10.852  0.450 26.073  0 203 ZWH A O41 1 ? 
HETATM 1079 C  C12 B ZWH D 4 .   ? 20.624  3.755   11.020  0.450 31.128  0 203 ZWH A C12 1 ? 
HETATM 1080 C  C22 . ZWH D 4 .   ? 10.998  5.498   12.559  0.450 25.594  0 203 ZWH A C22 1 ? 
HETATM 1081 O  O22 . ZWH D 4 .   ? 11.395  3.451   13.703  0.450 26.727  0 203 ZWH A O22 1 ? 
HETATM 1082 C  C32 . ZWH D 4 .   ? 12.470  5.879   12.625  0.450 26.984  0 203 ZWH A C32 1 ? 
HETATM 1083 C  C42 . ZWH D 4 .   ? 13.371  5.076   11.696  0.450 27.747  0 203 ZWH A C42 1 ? 
HETATM 1084 C  C13 B ZWH D 4 .   ? 19.273  3.515   10.913  0.450 31.482  0 203 ZWH A C13 1 ? 
HETATM 1085 C  C14 B ZWH D 4 .   ? 15.063  5.672   8.250   0.450 33.290  0 203 ZWH A C14 1 ? 
HETATM 1086 C  C15 B ZWH D 4 .   ? 15.417  6.364   6.989   0.450 35.275  0 203 ZWH A C15 1 ? 
HETATM 1087 C  C16 . ZWH D 4 .   ? 14.580  -1.628  11.367  0.450 40.960  0 203 ZWH A C16 1 ? 
HETATM 1088 O  O11 . ZWH D 4 .   ? 13.888  -2.654  11.499  0.450 41.829  0 203 ZWH A O11 1 ? 
HETATM 1089 O  O3  . ZWH D 4 .   ? 15.743  2.884   12.208  0.450 37.424  0 203 ZWH A O3  1 ? 
HETATM 1090 O  O4  . ZWH D 4 .   ? 14.382  2.181   10.631  0.450 35.120  0 203 ZWH A O4  1 ? 
HETATM 1091 C  C17 . ZWH D 4 .   ? 10.592  4.394   13.521  0.450 25.180  0 203 ZWH A C17 1 ? 
HETATM 1092 O  O12 . ZWH D 4 .   ? 9.478   4.471   14.088  0.450 21.452  0 203 ZWH A O12 1 ? 
HETATM 1093 RU RU1 B ZWH D 4 .   ? 14.242  3.315   9.537   0.450 28.234  0 203 ZWH A RU1 1 ? 
HETATM 1094 RU RU2 B ZWH D 4 .   ? 15.830  4.417   10.732  0.450 30.870  0 203 ZWH A RU2 1 ? 
HETATM 1095 O  O1  B ZWH D 4 .   ? 14.105  4.855   8.214   0.450 30.581  0 203 ZWH A O1  1 ? 
HETATM 1096 O  O2  B ZWH D 4 .   ? 15.728  5.885   9.316   0.450 31.778  0 203 ZWH A O2  1 ? 
HETATM 1097 N  N1  B ZWH D 4 .   ? 15.592  2.307   8.412   0.450 27.258  0 203 ZWH A N1  1 ? 
HETATM 1098 N  N2  B ZWH D 4 .   ? 17.210  3.491   9.598   0.450 28.963  0 203 ZWH A N2  1 ? 
HETATM 1099 C  C2  B ZWH D 4 .   ? 15.212  1.496   7.288   0.450 25.480  0 203 ZWH A C2  1 ? 
HETATM 1100 C  C3  B ZWH D 4 .   ? 14.484  0.322   7.440   0.450 24.248  0 203 ZWH A C3  1 ? 
HETATM 1101 C  C4  B ZWH D 4 .   ? 14.076  -0.473  6.371   0.450 24.937  0 203 ZWH A C4  1 ? 
HETATM 1102 C  C7  B ZWH D 4 .   ? 15.483  1.889   5.984   0.450 26.167  0 203 ZWH A C7  1 ? 
HETATM 1103 C  C1  B ZWH D 4 .   ? 16.849  2.627   8.646   0.450 28.467  0 203 ZWH A C1  1 ? 
HETATM 1104 C  C6  B ZWH D 4 .   ? 15.104  1.123   4.912   0.450 26.809  0 203 ZWH A C6  1 ? 
HETATM 1105 C  C5  B ZWH D 4 .   ? 14.411  -0.038  5.106   0.450 25.921  0 203 ZWH A C5  1 ? 
HETATM 1106 C  C8  B ZWH D 4 .   ? 18.617  3.743   9.706   0.450 30.498  0 203 ZWH A C8  1 ? 
HETATM 1107 C  C10 B ZWH D 4 .   ? 20.710  4.421   8.759   0.450 32.853  0 203 ZWH A C10 1 ? 
HETATM 1108 C  C9  B ZWH D 4 .   ? 19.361  4.200   8.641   0.450 33.403  0 203 ZWH A C9  1 ? 
HETATM 1109 NA NA  . NA  E 5 .   ? -11.086 -12.526 0.126   1.000 44.117  0 204 NA  A NA  1 ? 
HETATM 1110 O  O   . HOH F 6 .   ? 5.219   18.008  4.026   1.000 33.044  0 301 HOH A O   1 ? 
HETATM 1111 O  O   . HOH F 6 .   ? -0.647  -2.330  9.294   1.000 35.667  0 302 HOH A O   1 ? 
HETATM 1112 O  O   . HOH F 6 .   ? 16.962  5.313   12.204  0.450 19.141  0 303 HOH A O   1 ? 
HETATM 1113 O  O   A HOH F 6 .   ? -22.367 -9.732  -1.659  0.500 32.172  0 304 HOH A O   1 ? 
HETATM 1114 O  O   . HOH F 6 .   ? -16.452 1.437   1.107   0.400 15.410  0 305 HOH A O   1 ? 
HETATM 1115 O  O   . HOH F 6 .   ? -14.556 -13.889 -2.634  1.000 39.818  0 306 HOH A O   1 ? 
HETATM 1116 O  O   . HOH F 6 .   ? -16.648 -17.382 2.082   0.500 35.879  0 307 HOH A O   1 ? 
HETATM 1117 O  O   . HOH F 6 .   ? -12.572 8.895   -6.464  1.000 35.699  0 308 HOH A O   1 ? 
HETATM 1118 O  O   . HOH F 6 .   ? 4.849   -6.028  -4.523  1.000 27.661  0 309 HOH A O   1 ? 
HETATM 1119 O  O   . HOH F 6 .   ? 14.291  15.303  -7.810  1.000 43.893  0 310 HOH A O   1 ? 
HETATM 1120 O  O   . HOH F 6 .   ? 5.556   -12.127 5.900   1.000 20.971  0 311 HOH A O   1 ? 
HETATM 1121 O  O   . HOH F 6 .   ? -11.119 -21.935 0.600   1.000 37.994  0 312 HOH A O   1 ? 
HETATM 1122 O  O   . HOH F 6 .   ? -14.255 -10.345 -7.440  1.000 42.219  0 313 HOH A O   1 ? 
HETATM 1123 O  O   . HOH F 6 .   ? 13.177  14.742  -3.795  1.000 31.861  0 314 HOH A O   1 ? 
HETATM 1124 O  O   . HOH F 6 .   ? 9.876   1.860   -11.818 1.000 41.270  0 315 HOH A O   1 ? 
HETATM 1125 O  O   . HOH F 6 .   ? 3.213   9.645   -10.553 1.000 27.313  0 316 HOH A O   1 ? 
HETATM 1126 O  O   . HOH F 6 .   ? 21.382  14.415  -9.459  1.000 51.129  0 317 HOH A O   1 ? 
HETATM 1127 O  O   . HOH F 6 .   ? 7.540   -3.766  -12.736 1.000 43.033  0 318 HOH A O   1 ? 
HETATM 1128 O  O   B HOH F 6 .   ? 15.308  0.163   3.182   0.550 22.813  0 319 HOH A O   1 ? 
HETATM 1129 O  O   . HOH F 6 .   ? 2.891   -7.200  -9.542  1.000 36.091  0 320 HOH A O   1 ? 
HETATM 1130 O  O   . HOH F 6 .   ? -10.848 4.675   0.447   1.000 48.239  0 321 HOH A O   1 ? 
HETATM 1131 O  O   . HOH F 6 .   ? 0.859   0.551   -12.821 1.000 52.308  0 322 HOH A O   1 ? 
HETATM 1132 O  O   . HOH F 6 .   ? 8.859   -11.670 -3.174  1.000 35.271  0 323 HOH A O   1 ? 
HETATM 1133 O  O   . HOH F 6 .   ? 2.364   -10.773 12.111  1.000 34.377  0 324 HOH A O   1 ? 
HETATM 1134 O  O   . HOH F 6 .   ? -16.851 4.591   4.832   1.000 44.974  0 325 HOH A O   1 ? 
HETATM 1135 O  O   . HOH F 6 .   ? -12.169 -13.935 -1.460  1.000 37.921  0 326 HOH A O   1 ? 
HETATM 1136 O  O   . HOH F 6 .   ? -14.234 -7.267  10.159  1.000 43.563  0 327 HOH A O   1 ? 
HETATM 1137 O  O   . HOH F 6 .   ? -6.453  -14.843 6.369   1.000 21.690  0 328 HOH A O   1 ? 
HETATM 1138 O  O   . HOH F 6 .   ? 5.156   9.860   12.408  1.000 26.460  0 329 HOH A O   1 ? 
HETATM 1139 O  O   . HOH F 6 .   ? -0.762  -4.848  8.804   1.000 26.662  0 330 HOH A O   1 ? 
HETATM 1140 O  O   . HOH F 6 .   ? -3.954  17.748  -3.418  1.000 42.455  0 331 HOH A O   1 ? 
HETATM 1141 O  O   . HOH F 6 .   ? -17.412 6.620   3.480   1.000 36.558  0 332 HOH A O   1 ? 
HETATM 1142 O  O   . HOH F 6 .   ? 11.999  -9.253  1.268   1.000 21.251  0 333 HOH A O   1 ? 
HETATM 1143 O  O   . HOH F 6 .   ? 2.348   -9.735  -8.856  1.000 34.565  0 334 HOH A O   1 ? 
HETATM 1144 O  O   . HOH F 6 .   ? -0.821  10.987  12.122  1.000 24.674  0 335 HOH A O   1 ? 
HETATM 1145 O  O   . HOH F 6 .   ? 1.813   -2.803  9.922   1.000 39.013  0 336 HOH A O   1 ? 
HETATM 1146 O  O   . HOH F 6 .   ? -9.820  11.474  -0.440  1.000 24.883  0 337 HOH A O   1 ? 
HETATM 1147 O  O   . HOH F 6 .   ? -1.134  14.320  4.324   1.000 32.901  0 338 HOH A O   1 ? 
HETATM 1148 O  O   . HOH F 6 .   ? 11.554  -4.815  -8.458  1.000 43.744  0 339 HOH A O   1 ? 
HETATM 1149 O  O   . HOH F 6 .   ? 10.437  18.757  4.437   1.000 46.732  0 340 HOH A O   1 ? 
HETATM 1150 O  O   . HOH F 6 .   ? 12.385  -4.074  6.204   1.000 40.903  0 341 HOH A O   1 ? 
HETATM 1151 O  O   . HOH F 6 .   ? 0.513   -12.443 11.633  1.000 37.230  0 342 HOH A O   1 ? 
HETATM 1152 O  O   . HOH F 6 .   ? 5.656   6.206   -16.242 1.000 38.776  0 343 HOH A O   1 ? 
HETATM 1153 O  O   . HOH F 6 .   ? 1.242   -13.941 8.251   0.500 28.081  0 344 HOH A O   1 ? 
HETATM 1154 O  O   . HOH F 6 .   ? 4.599   -13.683 -4.952  1.000 39.217  0 345 HOH A O   1 ? 
HETATM 1155 O  O   . HOH F 6 .   ? -4.056  -5.782  -8.585  1.000 32.103  0 346 HOH A O   1 ? 
HETATM 1156 O  O   . HOH F 6 .   ? 7.319   -2.557  -10.522 1.000 34.849  0 347 HOH A O   1 ? 
HETATM 1157 O  O   . HOH F 6 .   ? 6.212   11.904  8.753   1.000 30.032  0 348 HOH A O   1 ? 
HETATM 1158 O  O   . HOH F 6 .   ? -6.473  -3.795  6.411   1.000 38.269  0 349 HOH A O   1 ? 
HETATM 1159 O  O   . HOH F 6 .   ? -3.984  -0.700  7.306   1.000 28.957  0 350 HOH A O   1 ? 
HETATM 1160 O  O   . HOH F 6 .   ? 0.470   -4.328  -0.814  1.000 18.865  0 351 HOH A O   1 ? 
HETATM 1161 O  O   . HOH F 6 .   ? -19.699 -0.725  -8.659  1.000 31.140  0 352 HOH A O   1 ? 
HETATM 1162 O  O   . HOH F 6 .   ? -14.633 -5.568  -8.227  1.000 43.777  0 353 HOH A O   1 ? 
HETATM 1163 O  O   . HOH F 6 .   ? 8.874   -6.028  7.113   1.000 24.506  0 354 HOH A O   1 ? 
HETATM 1164 O  O   . HOH F 6 .   ? -3.917  -21.089 7.649   1.000 23.601  0 355 HOH A O   1 ? 
HETATM 1165 O  O   . HOH F 6 .   ? 5.611   -2.655  -14.385 1.000 41.354  0 356 HOH A O   1 ? 
HETATM 1166 O  O   . HOH F 6 .   ? -9.086  -2.061  3.372   1.000 41.887  0 357 HOH A O   1 ? 
HETATM 1167 O  O   . HOH F 6 .   ? 19.540  10.235  -3.930  1.000 45.594  0 358 HOH A O   1 ? 
HETATM 1168 O  O   . HOH F 6 .   ? 2.648   -6.342  -6.113  1.000 26.490  0 359 HOH A O   1 ? 
HETATM 1169 O  O   . HOH F 6 .   ? 9.104   -11.616 -6.721  1.000 45.315  0 360 HOH A O   1 ? 
HETATM 1170 O  O   . HOH F 6 .   ? 16.991  4.048   -2.474  1.000 29.953  0 361 HOH A O   1 ? 
HETATM 1171 O  O   . HOH F 6 .   ? -11.180 -16.882 1.375   1.000 29.164  0 362 HOH A O   1 ? 
HETATM 1172 O  O   . HOH F 6 .   ? -1.184  15.665  -0.745  1.000 22.663  0 363 HOH A O   1 ? 
HETATM 1173 O  O   . HOH F 6 .   ? -10.329 -6.155  7.825   1.000 42.352  0 364 HOH A O   1 ? 
HETATM 1174 O  O   . HOH F 6 .   ? -11.101 9.557   -2.380  1.000 34.281  0 365 HOH A O   1 ? 
HETATM 1175 O  O   . HOH F 6 .   ? 11.514  9.631   -11.269 0.500 36.465  0 366 HOH A O   1 ? 
HETATM 1176 O  O   . HOH F 6 .   ? -8.261  -14.162 -8.057  1.000 37.332  0 367 HOH A O   1 ? 
HETATM 1177 O  O   . HOH F 6 .   ? -9.874  -14.413 0.807   1.000 26.416  0 368 HOH A O   1 ? 
HETATM 1178 O  O   . HOH F 6 .   ? 16.044  -7.097  -0.807  1.000 38.208  0 369 HOH A O   1 ? 
HETATM 1179 O  O   . HOH F 6 .   ? 5.332   7.653   13.961  1.000 25.417  0 370 HOH A O   1 ? 
HETATM 1180 O  O   . HOH F 6 .   ? -7.561  -13.466 -11.440 1.000 32.960  0 371 HOH A O   1 ? 
HETATM 1181 O  O   . HOH F 6 .   ? 0.960   -14.961 -7.242  1.000 41.546  0 372 HOH A O   1 ? 
HETATM 1182 O  O   . HOH F 6 .   ? -6.531  -4.975  -9.473  1.000 34.679  0 373 HOH A O   1 ? 
HETATM 1183 O  O   . HOH F 6 .   ? -7.058  14.562  -1.605  1.000 30.959  0 374 HOH A O   1 ? 
HETATM 1184 O  O   . HOH F 6 .   ? -7.692  -20.076 -2.988  1.000 27.664  0 375 HOH A O   1 ? 
HETATM 1185 O  O   . HOH F 6 .   ? -6.593  -3.020  3.109   1.000 31.799  0 376 HOH A O   1 ? 
HETATM 1186 O  O   . HOH F 6 .   ? 8.584   -2.793  -8.532  1.000 38.517  0 377 HOH A O   1 ? 
HETATM 1187 O  O   . HOH F 6 .   ? -0.090  16.095  5.704   1.000 50.374  0 378 HOH A O   1 ? 
HETATM 1188 O  O   . HOH F 6 .   ? -10.532 -6.886  18.296  1.000 49.789  0 379 HOH A O   1 ? 
HETATM 1189 O  O   . HOH F 6 .   ? -13.225 -19.412 3.591   1.000 45.709  0 380 HOH A O   1 ? 
HETATM 1190 O  O   . HOH F 6 .   ? 8.037   0.594   10.720  1.000 41.345  0 381 HOH A O   1 ? 
HETATM 1191 O  O   . HOH F 6 .   ? -6.545  -20.084 9.328   1.000 42.870  0 382 HOH A O   1 ? 
HETATM 1192 O  O   . HOH F 6 .   ? 11.805  18.430  2.413   1.000 45.611  0 383 HOH A O   1 ? 
HETATM 1193 O  O   A HOH F 6 .   ? 3.536   1.203   -15.591 0.500 27.848  0 384 HOH A O   1 ? 
HETATM 1194 O  O   B HOH F 6 .   ? 2.023   1.923   -15.010 0.500 27.106  0 384 HOH A O   1 ? 
HETATM 1195 O  O   . HOH F 6 .   ? 10.538  -5.220  8.961   1.000 39.643  0 385 HOH A O   1 ? 
HETATM 1196 O  O   . HOH F 6 .   ? 5.520   2.045   -17.204 1.000 53.561  0 386 HOH A O   1 ? 
HETATM 1197 O  O   . HOH F 6 .   ? 13.171  2.311   -9.323  1.000 37.731  0 387 HOH A O   1 ? 
HETATM 1198 O  O   . HOH F 6 .   ? -9.378  -6.475  -12.160 1.000 42.408  0 388 HOH A O   1 ? 
HETATM 1199 O  O   . HOH F 6 .   ? -4.198  15.925  10.010  1.000 35.475  0 389 HOH A O   1 ? 
HETATM 1200 O  O   . HOH F 6 .   ? 7.800   10.399  10.413  1.000 36.823  0 390 HOH A O   1 ? 
HETATM 1201 O  O   . HOH F 6 .   ? 0.237   20.536  11.238  1.000 36.254  0 391 HOH A O   1 ? 
HETATM 1202 O  O   . HOH F 6 .   ? -13.440 -11.465 8.018   1.000 46.452  0 392 HOH A O   1 ? 
HETATM 1203 O  O   . HOH F 6 .   ? 8.334   14.234  -6.662  1.000 45.792  0 393 HOH A O   1 ? 
HETATM 1204 O  O   . HOH F 6 .   ? -0.602  1.496   12.442  1.000 33.903  0 394 HOH A O   1 ? 
HETATM 1205 O  O   . HOH F 6 .   ? -19.052 -8.484  -4.081  1.000 42.945  0 395 HOH A O   1 ? 
HETATM 1206 O  O   . HOH F 6 .   ? 13.883  13.266  9.760   1.000 32.689  0 396 HOH A O   1 ? 
HETATM 1207 O  O   . HOH F 6 .   ? -0.526  18.450  6.933   1.000 53.812  0 397 HOH A O   1 ? 
HETATM 1208 O  O   . HOH F 6 .   ? 18.647  1.513   -2.156  1.000 41.172  0 398 HOH A O   1 ? 
HETATM 1209 O  O   . HOH F 6 .   ? -11.530 2.673   -9.534  1.000 49.682  0 399 HOH A O   1 ? 
HETATM 1210 O  O   . HOH F 6 .   ? -5.330  13.955  11.872  1.000 34.118  0 400 HOH A O   1 ? 
HETATM 1211 O  O   . HOH F 6 .   ? -19.908 -13.325 6.811   1.000 49.861  0 401 HOH A O   1 ? 
HETATM 1212 O  O   . HOH F 6 .   ? -12.033 2.237   6.730   1.000 49.594  0 402 HOH A O   1 ? 
HETATM 1213 O  O   A HOH F 6 .   ? 12.870  -11.738 -4.461  0.500 27.646  0 403 HOH A O   1 ? 
HETATM 1214 O  O   B HOH F 6 .   ? 11.200  -10.727 -3.798  0.500 22.344  0 403 HOH A O   1 ? 
HETATM 1215 O  O   . HOH F 6 .   ? -10.739 -20.362 -7.137  1.000 45.309  0 404 HOH A O   1 ? 
HETATM 1216 O  O   . HOH F 6 .   ? 0.414   -14.276 -9.737  1.000 47.089  0 405 HOH A O   1 ? 
HETATM 1217 O  O   . HOH F 6 .   ? -0.366  -13.333 14.742  0.500 41.107  0 406 HOH A O   1 ? 
# 
